data_7JIE
#
_entry.id   7JIE
#
_cell.length_a   119.254
_cell.length_b   186.273
_cell.length_c   73.440
_cell.angle_alpha   90.00
_cell.angle_beta   90.00
_cell.angle_gamma   90.00
#
_symmetry.space_group_name_H-M   'P 21 21 2'
#
loop_
_entity.id
_entity.type
_entity.pdbx_description
1 polymer VP1
2 polymer 'IgA Fab Heavy Chain'
3 polymer 'IgA Fab Light Chain'
4 water water
#
loop_
_entity_poly.entity_id
_entity_poly.type
_entity_poly.pdbx_seq_one_letter_code
_entity_poly.pdbx_strand_id
1 'polypeptide(L)'
;KPFSVPVLTVEEMTNSRFPIPLEKLFTGPSSAFVVQPQNGRCTTDGVLLGTTQLSPVNICTFRGDVTHITGSRNYTMNLA
SQNWNDYDPTEEIPAPLGTPDFVGKIQGVLTQTTRTDGSTRGHKATVYTGSADFAPKLGRVQFETDTDRDFEANQNTKFT
PVGVIQDGGTTHRNEPQQWVLPSYSGRNTHNVHLAPAVAPTFPGEQLLFFRSTMPGCSGYPNMDLDCLLPQEWVQYFYQE
AAPAQSDVALLRFVNPDTGRVLFECKLHKSGYVTVAHTGQHDLVIPPNGYFRFDSWVNQFYTLAPMG
;
A,B
2 'polypeptide(L)'
;QVQLVQSGPEVKKPGSSVKVSCKASGGTVSSYAISWVRQAPGQGLEWMGGIIPIFDTTNYAQKFQGRVTITADESTGTSD
MELSSLRSEDTAVYYCARDRVPSYSPSRRFSTKGAMWGKYGMDVWGQGTLVTVSSASFKGPSVFPLAPSSKSTSGGTAAL
GCLVKDYFPEPVTVSWNSGALTSGVHTFPAVLQSSGLYSLSSVVTVPSSSLGTQTYICNVNHKPSNTKVDKKVEPKSC
;
C,E
3 'polypeptide(L)'
;DIVMTQSPLSLPVTPGEPASISCRSSQSLLHSNGYNYLDWYLQKPGQSPQLLIYLGSNRASGVPDRFSGSGSGTDFTLKI
SKVEAEDVGVYYCMQALQTPRTFGQGTKVEIKRTAAAPSVFIFPPSDEQLKSGTASVVCLLNNFYPREAKVQWKVDNALQ
SGNSQESVTEQDSKDSTYSLSSTLTLSKADYEKHKVYACEVTHEGLSSPVTKSFNRGEC
;
D,F
#
# COMPACT_ATOMS: atom_id res chain seq x y z
N LYS A 1 -28.06 -4.70 -17.36
CA LYS A 1 -26.63 -4.45 -17.25
C LYS A 1 -25.82 -5.70 -17.57
N PRO A 2 -25.06 -5.66 -18.66
CA PRO A 2 -24.28 -6.84 -19.06
C PRO A 2 -23.03 -7.00 -18.21
N PHE A 3 -22.74 -8.25 -17.86
CA PHE A 3 -21.55 -8.55 -17.09
C PHE A 3 -20.29 -8.28 -17.91
N SER A 4 -19.20 -8.01 -17.22
CA SER A 4 -17.91 -7.79 -17.86
C SER A 4 -16.82 -7.88 -16.81
N VAL A 5 -15.58 -7.96 -17.29
CA VAL A 5 -14.39 -7.89 -16.43
C VAL A 5 -13.58 -6.69 -16.88
N PRO A 6 -12.75 -6.13 -16.00
CA PRO A 6 -11.98 -4.94 -16.37
C PRO A 6 -11.05 -5.22 -17.54
N VAL A 7 -10.80 -4.17 -18.33
CA VAL A 7 -9.77 -4.23 -19.39
C VAL A 7 -8.50 -3.74 -18.75
N LEU A 8 -7.84 -4.65 -18.02
CA LEU A 8 -6.58 -4.38 -17.35
C LEU A 8 -5.68 -5.58 -17.52
N THR A 9 -4.45 -5.36 -17.94
CA THR A 9 -3.48 -6.44 -18.02
C THR A 9 -3.13 -6.93 -16.62
N VAL A 10 -2.48 -8.09 -16.56
CA VAL A 10 -2.06 -8.66 -15.28
C VAL A 10 -1.16 -7.67 -14.55
N GLU A 11 -0.15 -7.13 -15.25
CA GLU A 11 0.82 -6.24 -14.62
C GLU A 11 0.21 -4.93 -14.17
N GLU A 12 -0.95 -4.54 -14.71
CA GLU A 12 -1.62 -3.34 -14.26
C GLU A 12 -2.47 -3.56 -13.02
N MET A 13 -2.57 -4.80 -12.54
CA MET A 13 -3.48 -5.15 -11.45
C MET A 13 -2.71 -5.52 -10.20
N THR A 14 -3.45 -5.62 -9.10
CA THR A 14 -2.90 -5.73 -7.76
C THR A 14 -3.33 -7.04 -7.12
N ASN A 15 -2.41 -7.66 -6.38
CA ASN A 15 -2.77 -8.81 -5.56
C ASN A 15 -3.79 -8.39 -4.51
N SER A 16 -4.74 -9.27 -4.25
CA SER A 16 -5.82 -8.98 -3.31
C SER A 16 -5.59 -9.59 -1.93
N ARG A 17 -4.42 -10.20 -1.70
CA ARG A 17 -4.08 -10.77 -0.41
C ARG A 17 -2.87 -10.10 0.23
N PHE A 18 -2.21 -9.17 -0.47
CA PHE A 18 -1.07 -8.43 0.05
C PHE A 18 -0.92 -7.17 -0.80
N PRO A 19 -0.51 -6.04 -0.22
CA PRO A 19 -0.42 -4.80 -1.01
C PRO A 19 0.75 -4.78 -1.98
N ILE A 20 0.70 -5.63 -3.00
CA ILE A 20 1.74 -5.67 -4.04
C ILE A 20 1.09 -5.94 -5.37
N PRO A 21 1.72 -5.50 -6.46
CA PRO A 21 1.17 -5.74 -7.80
C PRO A 21 1.17 -7.21 -8.16
N LEU A 22 0.28 -7.56 -9.09
CA LEU A 22 0.31 -8.88 -9.69
C LEU A 22 1.53 -9.01 -10.61
N GLU A 23 2.02 -10.23 -10.74
CA GLU A 23 3.18 -10.50 -11.59
C GLU A 23 2.85 -11.40 -12.76
N LYS A 24 2.16 -12.51 -12.52
CA LYS A 24 1.99 -13.52 -13.54
C LYS A 24 0.78 -14.38 -13.21
N LEU A 25 0.43 -15.25 -14.15
CA LEU A 25 -0.62 -16.25 -13.96
C LEU A 25 0.03 -17.62 -13.76
N PHE A 26 -0.48 -18.37 -12.78
CA PHE A 26 0.04 -19.68 -12.46
C PHE A 26 -1.13 -20.62 -12.22
N THR A 27 -1.00 -21.84 -12.73
CA THR A 27 -1.95 -22.90 -12.45
C THR A 27 -1.20 -24.11 -11.91
N GLY A 28 -1.91 -24.92 -11.13
CA GLY A 28 -1.34 -26.11 -10.55
C GLY A 28 -2.40 -26.87 -9.77
N PRO A 29 -2.09 -28.11 -9.39
CA PRO A 29 -3.05 -28.88 -8.58
C PRO A 29 -3.14 -28.32 -7.17
N SER A 30 -4.37 -28.30 -6.64
CA SER A 30 -4.64 -27.79 -5.31
C SER A 30 -5.34 -28.82 -4.44
N SER A 31 -5.13 -30.10 -4.74
CA SER A 31 -5.76 -31.17 -3.96
C SER A 31 -5.04 -31.43 -2.63
N ALA A 32 -3.78 -31.03 -2.52
CA ALA A 32 -3.00 -31.29 -1.32
C ALA A 32 -3.12 -30.20 -0.27
N PHE A 33 -3.89 -29.15 -0.52
CA PHE A 33 -4.11 -28.12 0.49
C PHE A 33 -5.51 -27.57 0.37
N VAL A 34 -5.93 -26.84 1.40
CA VAL A 34 -7.24 -26.21 1.43
C VAL A 34 -7.10 -24.80 0.86
N VAL A 35 -7.83 -24.52 -0.21
CA VAL A 35 -7.78 -23.22 -0.87
C VAL A 35 -8.96 -22.43 -0.33
N GLN A 36 -8.71 -21.65 0.72
CA GLN A 36 -9.75 -20.86 1.37
C GLN A 36 -9.19 -19.50 1.80
N PRO A 37 -8.70 -18.70 0.87
CA PRO A 37 -8.30 -17.34 1.24
C PRO A 37 -9.52 -16.53 1.59
N GLN A 38 -9.34 -15.57 2.50
CA GLN A 38 -10.43 -14.71 2.91
C GLN A 38 -10.36 -13.32 2.31
N ASN A 39 -9.18 -12.90 1.86
CA ASN A 39 -9.04 -11.68 1.09
C ASN A 39 -9.14 -12.01 -0.40
N GLY A 40 -9.60 -11.03 -1.17
CA GLY A 40 -9.83 -11.27 -2.58
C GLY A 40 -10.96 -12.25 -2.87
N ARG A 41 -12.05 -12.15 -2.11
CA ARG A 41 -13.21 -13.02 -2.28
C ARG A 41 -14.42 -12.14 -2.59
N CYS A 42 -15.04 -12.39 -3.74
CA CYS A 42 -16.11 -11.53 -4.23
C CYS A 42 -16.86 -12.27 -5.32
N THR A 43 -18.18 -12.28 -5.24
CA THR A 43 -18.98 -12.86 -6.29
C THR A 43 -18.97 -11.96 -7.52
N THR A 44 -19.22 -12.56 -8.69
CA THR A 44 -19.21 -11.79 -9.93
C THR A 44 -20.26 -10.69 -9.95
N ASP A 45 -21.29 -10.77 -9.10
CA ASP A 45 -22.28 -9.71 -9.01
C ASP A 45 -21.99 -8.75 -7.85
N GLY A 46 -20.82 -8.84 -7.24
CA GLY A 46 -20.35 -7.78 -6.36
C GLY A 46 -20.63 -7.93 -4.90
N VAL A 47 -20.73 -9.16 -4.39
CA VAL A 47 -20.89 -9.41 -2.96
C VAL A 47 -19.53 -9.77 -2.39
N LEU A 48 -19.02 -8.92 -1.50
CA LEU A 48 -17.72 -9.18 -0.86
C LEU A 48 -17.86 -10.28 0.19
N LEU A 49 -16.88 -11.17 0.23
CA LEU A 49 -16.91 -12.33 1.11
C LEU A 49 -15.69 -12.32 2.03
N GLY A 50 -15.75 -13.16 3.06
CA GLY A 50 -14.64 -13.31 3.98
C GLY A 50 -14.25 -11.99 4.62
N THR A 51 -12.96 -11.68 4.60
CA THR A 51 -12.44 -10.42 5.10
C THR A 51 -12.16 -9.42 3.98
N THR A 52 -12.75 -9.62 2.81
CA THR A 52 -12.41 -8.81 1.65
C THR A 52 -13.00 -7.41 1.77
N GLN A 53 -12.16 -6.40 1.55
CA GLN A 53 -12.59 -5.01 1.44
C GLN A 53 -12.02 -4.43 0.15
N LEU A 54 -12.29 -3.15 -0.09
CA LEU A 54 -12.12 -2.60 -1.43
C LEU A 54 -10.73 -2.06 -1.73
N SER A 55 -10.02 -1.52 -0.73
CA SER A 55 -8.75 -0.98 -1.23
C SER A 55 -7.58 -1.89 -0.88
N PRO A 56 -6.60 -2.03 -1.77
CA PRO A 56 -5.45 -2.91 -1.48
C PRO A 56 -4.46 -2.33 -0.48
N VAL A 57 -4.43 -1.01 -0.26
CA VAL A 57 -3.52 -0.45 0.73
C VAL A 57 -3.93 -0.78 2.15
N ASN A 58 -5.12 -1.34 2.35
CA ASN A 58 -5.59 -1.71 3.68
C ASN A 58 -5.32 -3.17 4.02
N ILE A 59 -4.79 -3.96 3.10
CA ILE A 59 -4.58 -5.38 3.32
C ILE A 59 -3.36 -5.55 4.22
N CYS A 60 -3.55 -6.25 5.35
CA CYS A 60 -2.49 -6.57 6.31
C CYS A 60 -2.00 -5.35 7.09
N THR A 61 -2.79 -4.27 7.15
CA THR A 61 -2.46 -3.14 8.00
C THR A 61 -3.23 -3.24 9.32
N PHE A 62 -2.65 -2.67 10.37
CA PHE A 62 -3.25 -2.69 11.70
C PHE A 62 -3.20 -1.30 12.32
N ARG A 63 -4.21 -0.98 13.12
CA ARG A 63 -4.31 0.30 13.79
C ARG A 63 -4.80 0.10 15.21
N GLY A 64 -4.34 0.96 16.11
CA GLY A 64 -4.80 0.93 17.48
C GLY A 64 -3.75 1.53 18.41
N ASP A 65 -3.92 1.23 19.69
CA ASP A 65 -2.94 1.58 20.72
C ASP A 65 -2.21 0.31 21.15
N VAL A 66 -1.00 0.47 21.66
CA VAL A 66 -0.16 -0.67 22.01
C VAL A 66 0.16 -0.64 23.49
N THR A 67 0.28 -1.85 24.05
CA THR A 67 0.65 -2.05 25.43
C THR A 67 1.91 -2.91 25.45
N HIS A 68 2.95 -2.44 26.15
CA HIS A 68 4.18 -3.20 26.21
C HIS A 68 4.00 -4.43 27.09
N ILE A 69 4.43 -5.58 26.57
CA ILE A 69 4.54 -6.79 27.37
C ILE A 69 5.86 -6.72 28.13
N THR A 70 5.78 -6.59 29.45
CA THR A 70 6.97 -6.32 30.24
C THR A 70 7.92 -7.50 30.25
N GLY A 71 9.21 -7.22 30.11
CA GLY A 71 10.21 -8.27 30.00
C GLY A 71 10.43 -8.78 28.60
N SER A 72 10.04 -8.01 27.58
CA SER A 72 10.19 -8.43 26.20
C SER A 72 10.24 -7.18 25.31
N ARG A 73 10.52 -7.41 24.03
CA ARG A 73 10.37 -6.39 23.01
C ARG A 73 9.04 -6.49 22.30
N ASN A 74 8.07 -7.16 22.90
CA ASN A 74 6.77 -7.40 22.31
C ASN A 74 5.75 -6.38 22.82
N TYR A 75 4.81 -6.03 21.95
CA TYR A 75 3.71 -5.15 22.29
C TYR A 75 2.41 -5.83 21.90
N THR A 76 1.38 -5.62 22.72
CA THR A 76 0.03 -6.02 22.38
C THR A 76 -0.69 -4.80 21.79
N MET A 77 -1.13 -4.91 20.55
CA MET A 77 -1.92 -3.85 19.94
C MET A 77 -3.39 -4.12 20.20
N ASN A 78 -4.04 -3.21 20.91
CA ASN A 78 -5.48 -3.25 21.08
C ASN A 78 -6.10 -2.60 19.85
N LEU A 79 -6.71 -3.42 18.99
CA LEU A 79 -7.09 -2.97 17.66
C LEU A 79 -8.15 -1.89 17.74
N ALA A 80 -7.97 -0.83 16.97
CA ALA A 80 -9.04 0.09 16.63
C ALA A 80 -9.51 -0.23 15.21
N SER A 81 -10.63 0.36 14.83
CA SER A 81 -11.06 0.24 13.45
C SER A 81 -10.17 1.09 12.55
N GLN A 82 -10.30 0.86 11.24
CA GLN A 82 -9.61 1.70 10.27
C GLN A 82 -9.90 3.18 10.50
N ASN A 83 -11.05 3.48 11.12
CA ASN A 83 -11.50 4.82 11.45
C ASN A 83 -10.88 5.39 12.72
N TRP A 84 -10.16 4.57 13.49
CA TRP A 84 -9.73 4.86 14.86
C TRP A 84 -10.90 4.85 15.84
N ASN A 85 -12.05 4.32 15.45
CA ASN A 85 -13.11 3.99 16.39
C ASN A 85 -12.75 2.70 17.12
N ASP A 86 -13.50 2.41 18.17
CA ASP A 86 -13.24 1.20 18.96
C ASP A 86 -13.63 -0.04 18.17
N TYR A 87 -12.95 -1.15 18.48
CA TYR A 87 -13.17 -2.38 17.76
C TYR A 87 -14.46 -3.06 18.21
N ASP A 88 -15.20 -3.58 17.24
CA ASP A 88 -16.47 -4.27 17.49
C ASP A 88 -16.37 -5.71 17.03
N PRO A 89 -16.32 -6.69 17.94
CA PRO A 89 -16.20 -8.09 17.54
C PRO A 89 -17.49 -8.75 17.07
N THR A 90 -18.61 -8.05 17.08
CA THR A 90 -19.91 -8.66 16.78
C THR A 90 -20.31 -8.55 15.32
N GLU A 91 -19.45 -8.02 14.45
CA GLU A 91 -19.75 -7.99 13.03
C GLU A 91 -19.67 -9.39 12.44
N GLU A 92 -20.51 -9.65 11.44
CA GLU A 92 -20.60 -10.97 10.81
C GLU A 92 -19.46 -11.20 9.82
N ILE A 93 -18.23 -11.11 10.35
CA ILE A 93 -17.03 -11.30 9.54
C ILE A 93 -16.04 -12.16 10.31
N PRO A 94 -15.12 -12.82 9.61
CA PRO A 94 -14.13 -13.65 10.32
C PRO A 94 -13.16 -12.85 11.17
N ALA A 95 -12.88 -11.61 10.77
CA ALA A 95 -11.88 -10.75 11.39
C ALA A 95 -12.06 -9.37 10.77
N PRO A 96 -11.39 -8.33 11.27
CA PRO A 96 -11.44 -7.04 10.57
C PRO A 96 -11.10 -7.21 9.10
N LEU A 97 -11.84 -6.49 8.25
CA LEU A 97 -11.61 -6.59 6.82
C LEU A 97 -10.16 -6.24 6.49
N GLY A 98 -9.52 -7.08 5.67
CA GLY A 98 -8.13 -6.90 5.32
C GLY A 98 -7.13 -7.59 6.22
N THR A 99 -7.60 -8.27 7.27
CA THR A 99 -6.70 -9.06 8.11
C THR A 99 -5.96 -10.09 7.26
N PRO A 100 -4.68 -10.33 7.51
CA PRO A 100 -3.96 -11.36 6.75
C PRO A 100 -4.68 -12.71 6.83
N ASP A 101 -4.66 -13.44 5.72
CA ASP A 101 -5.34 -14.72 5.62
C ASP A 101 -4.38 -15.87 5.36
N PHE A 102 -3.13 -15.73 5.82
CA PHE A 102 -2.17 -16.82 5.78
C PHE A 102 -1.35 -16.82 7.07
N VAL A 103 -0.82 -17.99 7.40
CA VAL A 103 0.04 -18.14 8.57
C VAL A 103 1.48 -17.87 8.14
N GLY A 104 2.11 -16.91 8.79
CA GLY A 104 3.48 -16.55 8.45
C GLY A 104 3.92 -15.40 9.32
N LYS A 105 5.19 -15.04 9.17
CA LYS A 105 5.79 -13.94 9.92
C LYS A 105 5.85 -12.75 8.98
N ILE A 106 4.93 -11.80 9.18
CA ILE A 106 4.83 -10.62 8.34
C ILE A 106 5.62 -9.50 9.00
N GLN A 107 6.66 -9.04 8.32
CA GLN A 107 7.50 -7.97 8.82
C GLN A 107 7.07 -6.64 8.22
N GLY A 108 7.15 -5.58 9.03
CA GLY A 108 6.83 -4.26 8.56
C GLY A 108 7.33 -3.19 9.50
N VAL A 109 6.64 -2.06 9.56
CA VAL A 109 7.05 -0.93 10.40
C VAL A 109 5.88 -0.52 11.25
N LEU A 110 6.11 -0.40 12.55
CA LEU A 110 5.15 0.13 13.51
C LEU A 110 5.44 1.61 13.70
N THR A 111 4.50 2.46 13.30
CA THR A 111 4.64 3.91 13.45
C THR A 111 3.62 4.42 14.46
N GLN A 112 3.97 5.53 15.11
CA GLN A 112 3.14 6.09 16.16
C GLN A 112 3.28 7.60 16.17
N THR A 113 2.18 8.28 16.52
CA THR A 113 2.15 9.73 16.66
C THR A 113 1.66 10.07 18.06
N THR A 114 2.40 10.94 18.76
CA THR A 114 1.96 11.44 20.05
C THR A 114 0.98 12.59 19.84
N ARG A 115 -0.22 12.45 20.39
CA ARG A 115 -1.34 13.31 20.04
C ARG A 115 -1.07 14.77 20.35
N THR A 116 -0.37 15.05 21.46
CA THR A 116 -0.33 16.40 22.00
C THR A 116 0.68 17.29 21.26
N ASP A 117 1.83 16.73 20.88
CA ASP A 117 2.86 17.53 20.23
C ASP A 117 3.15 17.10 18.79
N GLY A 118 2.50 16.05 18.29
CA GLY A 118 2.77 15.59 16.95
C GLY A 118 4.09 14.90 16.75
N SER A 119 4.80 14.56 17.84
CA SER A 119 6.03 13.80 17.71
C SER A 119 5.73 12.39 17.21
N THR A 120 6.64 11.85 16.43
CA THR A 120 6.43 10.58 15.74
C THR A 120 7.64 9.67 15.94
N ARG A 121 7.42 8.39 15.62
CA ARG A 121 8.45 7.37 15.81
C ARG A 121 8.06 6.13 15.00
N GLY A 122 9.07 5.37 14.60
CA GLY A 122 8.83 4.16 13.83
C GLY A 122 9.88 3.09 14.08
N HIS A 123 9.46 1.83 14.19
CA HIS A 123 10.38 0.74 14.47
C HIS A 123 9.98 -0.49 13.67
N LYS A 124 10.99 -1.30 13.33
CA LYS A 124 10.74 -2.59 12.72
C LYS A 124 9.88 -3.44 13.66
N ALA A 125 8.91 -4.15 13.07
CA ALA A 125 8.02 -5.00 13.85
C ALA A 125 7.59 -6.17 12.99
N THR A 126 7.31 -7.29 13.66
CA THR A 126 6.87 -8.52 13.00
C THR A 126 5.66 -9.06 13.73
N VAL A 127 4.67 -9.53 12.96
CA VAL A 127 3.50 -10.20 13.51
C VAL A 127 3.52 -11.64 13.04
N TYR A 128 3.38 -12.57 13.99
CA TYR A 128 3.39 -14.01 13.72
C TYR A 128 1.92 -14.45 13.68
N THR A 129 1.35 -14.53 12.49
CA THR A 129 -0.09 -14.75 12.37
C THR A 129 -0.51 -16.17 12.76
N GLY A 130 0.44 -17.09 12.95
CA GLY A 130 0.12 -18.43 13.38
C GLY A 130 0.14 -18.64 14.87
N SER A 131 0.53 -17.65 15.64
CA SER A 131 0.60 -17.76 17.09
C SER A 131 -0.77 -17.54 17.71
N ALA A 132 -0.93 -18.05 18.93
CA ALA A 132 -2.16 -17.83 19.68
C ALA A 132 -2.30 -16.38 20.12
N ASP A 133 -1.22 -15.60 20.08
CA ASP A 133 -1.28 -14.16 20.36
C ASP A 133 -1.93 -13.38 19.21
N PHE A 134 -2.10 -14.00 18.04
CA PHE A 134 -2.77 -13.38 16.91
C PHE A 134 -4.26 -13.65 17.04
N ALA A 135 -5.00 -12.70 17.61
CA ALA A 135 -6.44 -12.84 17.80
C ALA A 135 -7.17 -11.57 17.34
N PRO A 136 -7.03 -11.21 16.06
CA PRO A 136 -7.65 -9.95 15.60
C PRO A 136 -9.17 -9.96 15.68
N LYS A 137 -9.81 -11.13 15.57
CA LYS A 137 -11.25 -11.19 15.78
C LYS A 137 -11.63 -10.80 17.20
N LEU A 138 -10.74 -11.05 18.17
CA LEU A 138 -10.94 -10.60 19.54
C LEU A 138 -10.38 -9.20 19.78
N GLY A 139 -9.81 -8.57 18.76
CA GLY A 139 -9.35 -7.20 18.88
C GLY A 139 -7.94 -7.02 19.42
N ARG A 140 -7.07 -8.01 19.29
CA ARG A 140 -5.71 -7.86 19.78
C ARG A 140 -4.74 -8.60 18.87
N VAL A 141 -3.62 -7.95 18.60
CA VAL A 141 -2.55 -8.49 17.77
C VAL A 141 -1.22 -8.17 18.45
N GLN A 142 -0.34 -9.15 18.54
CA GLN A 142 0.97 -8.97 19.16
C GLN A 142 2.02 -8.69 18.09
N PHE A 143 2.87 -7.71 18.36
CA PHE A 143 3.99 -7.37 17.49
C PHE A 143 5.29 -7.55 18.26
N GLU A 144 6.29 -8.15 17.60
CA GLU A 144 7.65 -8.17 18.12
C GLU A 144 8.42 -7.03 17.47
N THR A 145 9.07 -6.22 18.29
CA THR A 145 9.72 -5.00 17.83
C THR A 145 11.22 -5.04 18.15
N ASP A 146 11.89 -3.93 17.83
CA ASP A 146 13.29 -3.71 18.15
C ASP A 146 13.47 -2.96 19.48
N THR A 147 12.38 -2.60 20.14
CA THR A 147 12.44 -1.73 21.31
C THR A 147 11.62 -2.32 22.46
N ASP A 148 12.01 -1.94 23.68
CA ASP A 148 11.22 -2.23 24.86
C ASP A 148 10.82 -0.95 25.61
N ARG A 149 10.95 0.20 24.96
CA ARG A 149 10.83 1.48 25.67
C ARG A 149 10.16 2.61 24.89
N ASP A 150 10.22 2.62 23.56
CA ASP A 150 9.92 3.86 22.84
C ASP A 150 8.43 4.08 22.57
N PHE A 151 7.64 3.03 22.38
CA PHE A 151 6.23 3.21 22.07
C PHE A 151 5.44 3.58 23.32
N GLU A 152 4.70 4.68 23.24
CA GLU A 152 3.91 5.17 24.36
C GLU A 152 2.52 4.54 24.34
N ALA A 153 1.89 4.53 25.52
CA ALA A 153 0.54 3.98 25.64
C ALA A 153 -0.50 5.01 25.24
N ASN A 154 -1.66 4.51 24.80
CA ASN A 154 -2.82 5.35 24.48
C ASN A 154 -2.52 6.36 23.38
N GLN A 155 -1.69 5.98 22.41
CA GLN A 155 -1.38 6.82 21.27
C GLN A 155 -1.60 6.03 19.99
N ASN A 156 -2.11 6.70 18.96
CA ASN A 156 -2.42 6.05 17.70
C ASN A 156 -1.17 5.38 17.12
N THR A 157 -1.26 4.08 16.90
CA THR A 157 -0.15 3.28 16.38
C THR A 157 -0.62 2.52 15.16
N LYS A 158 0.22 2.47 14.13
CA LYS A 158 -0.14 1.83 12.87
C LYS A 158 0.98 0.89 12.43
N PHE A 159 0.58 -0.26 11.90
CA PHE A 159 1.51 -1.21 11.30
C PHE A 159 1.36 -1.17 9.79
N THR A 160 2.47 -0.93 9.09
CA THR A 160 2.52 -0.99 7.64
C THR A 160 3.26 -2.25 7.23
N PRO A 161 2.65 -3.15 6.47
CA PRO A 161 3.36 -4.38 6.08
C PRO A 161 4.33 -4.12 4.94
N VAL A 162 5.43 -4.87 4.97
CA VAL A 162 6.44 -4.82 3.93
C VAL A 162 6.64 -6.18 3.28
N GLY A 163 6.91 -7.20 4.08
CA GLY A 163 7.13 -8.52 3.52
C GLY A 163 7.10 -9.61 4.58
N VAL A 164 7.71 -10.74 4.23
CA VAL A 164 7.73 -11.92 5.09
C VAL A 164 9.15 -12.36 5.33
N ILE A 165 9.35 -13.10 6.43
CA ILE A 165 10.66 -13.60 6.84
C ILE A 165 10.58 -15.09 7.07
N GLN A 166 11.75 -15.70 7.24
CA GLN A 166 11.87 -17.13 7.51
C GLN A 166 13.13 -17.38 8.32
N ASP A 167 13.05 -18.33 9.24
CA ASP A 167 14.22 -18.77 10.00
C ASP A 167 15.10 -19.61 9.08
N GLY A 168 16.19 -19.02 8.60
CA GLY A 168 17.10 -19.69 7.68
C GLY A 168 17.77 -20.93 8.24
N GLY A 169 17.67 -21.16 9.55
CA GLY A 169 18.21 -22.36 10.14
C GLY A 169 17.38 -23.61 9.94
N THR A 170 16.17 -23.46 9.40
CA THR A 170 15.30 -24.58 9.09
C THR A 170 15.15 -24.68 7.57
N THR A 171 14.39 -25.69 7.13
CA THR A 171 14.22 -25.97 5.72
C THR A 171 13.77 -24.73 4.96
N HIS A 172 14.54 -24.36 3.94
CA HIS A 172 14.23 -23.15 3.17
C HIS A 172 12.87 -23.28 2.51
N ARG A 173 12.11 -22.19 2.53
CA ARG A 173 10.77 -22.07 1.96
C ARG A 173 9.71 -22.82 2.76
N ASN A 174 10.00 -23.22 4.00
CA ASN A 174 8.99 -23.90 4.80
C ASN A 174 7.95 -22.94 5.38
N GLU A 175 8.13 -21.63 5.18
CA GLU A 175 7.18 -20.63 5.65
C GLU A 175 7.37 -19.37 4.83
N PRO A 176 6.34 -18.52 4.72
CA PRO A 176 4.96 -18.71 5.23
C PRO A 176 4.19 -19.81 4.50
N GLN A 177 3.01 -20.14 5.01
CA GLN A 177 2.12 -21.13 4.41
C GLN A 177 0.87 -20.39 3.93
N GLN A 178 0.86 -20.03 2.64
CA GLN A 178 -0.18 -19.14 2.13
C GLN A 178 -1.56 -19.80 2.13
N TRP A 179 -1.64 -21.12 2.25
CA TRP A 179 -2.93 -21.80 2.22
C TRP A 179 -3.38 -22.28 3.60
N VAL A 180 -2.68 -21.89 4.66
CA VAL A 180 -3.07 -22.22 6.03
C VAL A 180 -3.66 -20.95 6.66
N LEU A 181 -4.96 -20.97 6.91
CA LEU A 181 -5.63 -19.81 7.46
C LEU A 181 -5.19 -19.57 8.90
N PRO A 182 -5.03 -18.31 9.32
CA PRO A 182 -4.79 -18.04 10.74
C PRO A 182 -6.00 -18.41 11.57
N SER A 183 -5.78 -18.54 12.87
CA SER A 183 -6.90 -18.65 13.81
C SER A 183 -7.20 -17.23 14.28
N TYR A 184 -8.29 -16.66 13.76
CA TYR A 184 -8.57 -15.25 14.01
C TYR A 184 -8.88 -14.96 15.46
N SER A 185 -9.28 -15.96 16.26
CA SER A 185 -9.58 -15.76 17.67
C SER A 185 -8.49 -16.34 18.58
N GLY A 186 -7.24 -16.35 18.11
CA GLY A 186 -6.14 -16.81 18.93
C GLY A 186 -6.23 -18.25 19.37
N ARG A 187 -6.80 -19.12 18.53
CA ARG A 187 -6.98 -20.54 18.80
C ARG A 187 -7.99 -20.83 19.91
N ASN A 188 -8.88 -19.88 20.19
CA ASN A 188 -9.91 -20.11 21.21
C ASN A 188 -11.12 -20.83 20.64
N THR A 189 -11.42 -20.63 19.36
CA THR A 189 -12.65 -21.18 18.77
C THR A 189 -12.50 -21.25 17.26
N HIS A 190 -13.52 -21.78 16.60
CA HIS A 190 -13.55 -21.85 15.15
C HIS A 190 -13.51 -20.46 14.53
N ASN A 191 -12.91 -20.37 13.35
CA ASN A 191 -13.14 -19.21 12.51
C ASN A 191 -14.60 -19.20 12.05
N VAL A 192 -15.16 -18.00 11.89
CA VAL A 192 -16.58 -17.85 11.61
C VAL A 192 -16.78 -17.00 10.35
N HIS A 193 -17.90 -17.23 9.68
CA HIS A 193 -18.34 -16.42 8.53
C HIS A 193 -17.32 -16.43 7.39
N LEU A 194 -16.62 -17.55 7.23
CA LEU A 194 -15.58 -17.65 6.22
C LEU A 194 -16.18 -17.69 4.82
N ALA A 195 -15.45 -17.11 3.87
CA ALA A 195 -15.66 -17.47 2.48
C ALA A 195 -15.32 -18.96 2.32
N PRO A 196 -16.04 -19.70 1.48
CA PRO A 196 -15.83 -21.14 1.42
C PRO A 196 -14.50 -21.50 0.76
N ALA A 197 -14.05 -22.72 1.04
CA ALA A 197 -12.95 -23.28 0.28
C ALA A 197 -13.38 -23.51 -1.17
N VAL A 198 -12.44 -23.34 -2.09
CA VAL A 198 -12.73 -23.54 -3.50
C VAL A 198 -11.86 -24.66 -4.04
N ALA A 199 -12.37 -25.34 -5.07
CA ALA A 199 -11.69 -26.48 -5.67
C ALA A 199 -12.30 -26.73 -7.04
N PRO A 200 -11.50 -27.09 -8.04
CA PRO A 200 -12.04 -27.34 -9.38
C PRO A 200 -12.83 -28.64 -9.41
N THR A 201 -14.11 -28.55 -9.79
CA THR A 201 -15.00 -29.70 -9.84
C THR A 201 -15.41 -30.04 -11.27
N PHE A 202 -14.47 -29.94 -12.21
CA PHE A 202 -14.70 -30.37 -13.57
C PHE A 202 -13.45 -31.16 -13.96
N PRO A 203 -13.60 -32.35 -14.54
CA PRO A 203 -12.43 -33.19 -14.83
C PRO A 203 -11.42 -32.46 -15.71
N GLY A 204 -10.14 -32.62 -15.36
CA GLY A 204 -9.06 -31.99 -16.07
C GLY A 204 -8.84 -30.53 -15.77
N GLU A 205 -9.70 -29.91 -14.96
CA GLU A 205 -9.58 -28.49 -14.67
C GLU A 205 -8.78 -28.25 -13.40
N GLN A 206 -8.09 -27.11 -13.37
CA GLN A 206 -7.34 -26.67 -12.21
C GLN A 206 -7.66 -25.20 -11.93
N LEU A 207 -7.38 -24.77 -10.71
CA LEU A 207 -7.51 -23.36 -10.39
C LEU A 207 -6.49 -22.53 -11.14
N LEU A 208 -6.89 -21.35 -11.58
CA LEU A 208 -5.97 -20.37 -12.15
C LEU A 208 -5.68 -19.33 -11.07
N PHE A 209 -4.40 -19.18 -10.73
CA PHE A 209 -3.97 -18.29 -9.66
C PHE A 209 -3.37 -17.02 -10.22
N PHE A 210 -3.75 -15.89 -9.63
CA PHE A 210 -3.12 -14.60 -9.91
C PHE A 210 -2.01 -14.41 -8.90
N ARG A 211 -0.77 -14.54 -9.35
CA ARG A 211 0.37 -14.75 -8.48
C ARG A 211 1.24 -13.50 -8.38
N SER A 212 1.74 -13.24 -7.16
CA SER A 212 2.74 -12.22 -6.91
C SER A 212 3.87 -12.82 -6.08
N THR A 213 4.93 -12.02 -5.91
CA THR A 213 6.09 -12.42 -5.11
C THR A 213 6.20 -11.45 -3.94
N MET A 214 5.93 -11.95 -2.73
CA MET A 214 6.03 -11.10 -1.56
C MET A 214 7.48 -10.73 -1.31
N PRO A 215 7.76 -9.48 -0.92
CA PRO A 215 9.13 -9.14 -0.53
C PRO A 215 9.59 -9.98 0.66
N GLY A 216 10.82 -10.45 0.59
CA GLY A 216 11.45 -11.17 1.68
C GLY A 216 12.39 -10.24 2.44
N CYS A 217 12.28 -10.27 3.76
CA CYS A 217 13.06 -9.38 4.61
C CYS A 217 14.18 -10.09 5.36
N SER A 218 14.15 -11.42 5.42
CA SER A 218 15.18 -12.20 6.12
C SER A 218 14.96 -13.68 5.85
N GLY A 219 16.05 -14.42 5.77
CA GLY A 219 15.98 -15.86 5.61
C GLY A 219 15.65 -16.28 4.20
N TYR A 220 15.01 -17.45 4.08
CA TYR A 220 14.66 -18.04 2.80
C TYR A 220 13.16 -18.34 2.77
N PRO A 221 12.32 -17.31 2.71
CA PRO A 221 10.88 -17.53 2.78
C PRO A 221 10.28 -17.93 1.45
N ASN A 222 9.19 -18.71 1.53
CA ASN A 222 8.35 -18.96 0.37
C ASN A 222 7.57 -17.68 0.09
N MET A 223 7.96 -16.97 -0.96
CA MET A 223 7.40 -15.66 -1.27
C MET A 223 6.28 -15.69 -2.29
N ASP A 224 5.87 -16.88 -2.74
CA ASP A 224 4.74 -16.98 -3.64
C ASP A 224 3.45 -16.61 -2.92
N LEU A 225 2.62 -15.80 -3.57
CA LEU A 225 1.31 -15.45 -3.04
C LEU A 225 0.30 -15.47 -4.17
N ASP A 226 -0.66 -16.38 -4.09
CA ASP A 226 -1.68 -16.56 -5.10
C ASP A 226 -3.02 -16.02 -4.58
N CYS A 227 -3.64 -15.15 -5.35
CA CYS A 227 -5.02 -14.76 -5.07
C CYS A 227 -5.94 -15.30 -6.15
N LEU A 228 -7.21 -15.44 -5.79
CA LEU A 228 -8.21 -16.00 -6.69
C LEU A 228 -8.80 -14.98 -7.64
N LEU A 229 -8.75 -13.70 -7.28
CA LEU A 229 -9.23 -12.61 -8.09
C LEU A 229 -8.30 -11.43 -7.87
N PRO A 230 -7.93 -10.72 -8.92
CA PRO A 230 -7.22 -9.44 -8.72
C PRO A 230 -8.10 -8.51 -7.89
N GLN A 231 -7.45 -7.58 -7.18
CA GLN A 231 -8.21 -6.63 -6.39
C GLN A 231 -9.08 -5.75 -7.28
N GLU A 232 -8.59 -5.43 -8.48
CA GLU A 232 -9.37 -4.62 -9.40
C GLU A 232 -10.64 -5.33 -9.86
N TRP A 233 -10.60 -6.66 -9.95
CA TRP A 233 -11.81 -7.40 -10.26
C TRP A 233 -12.81 -7.33 -9.11
N VAL A 234 -12.32 -7.45 -7.87
CA VAL A 234 -13.19 -7.25 -6.70
C VAL A 234 -13.79 -5.86 -6.73
N GLN A 235 -12.96 -4.84 -6.94
CA GLN A 235 -13.46 -3.47 -7.02
C GLN A 235 -14.46 -3.30 -8.16
N TYR A 236 -14.21 -3.97 -9.28
CA TYR A 236 -15.07 -3.82 -10.45
C TYR A 236 -16.41 -4.50 -10.25
N PHE A 237 -16.39 -5.76 -9.78
CA PHE A 237 -17.63 -6.48 -9.53
C PHE A 237 -18.50 -5.75 -8.50
N TYR A 238 -17.86 -5.22 -7.45
CA TYR A 238 -18.61 -4.45 -6.46
C TYR A 238 -19.27 -3.23 -7.09
N GLN A 239 -18.54 -2.52 -7.95
CA GLN A 239 -19.10 -1.32 -8.55
C GLN A 239 -20.17 -1.64 -9.58
N GLU A 240 -19.94 -2.68 -10.39
CA GLU A 240 -20.87 -2.99 -11.47
C GLU A 240 -22.12 -3.69 -10.95
N ALA A 241 -21.94 -4.68 -10.07
CA ALA A 241 -23.04 -5.47 -9.53
C ALA A 241 -23.90 -6.05 -10.65
N ALA A 242 -23.23 -6.59 -11.66
CA ALA A 242 -23.95 -7.16 -12.81
C ALA A 242 -24.48 -8.53 -12.45
N PRO A 243 -25.76 -8.80 -12.70
CA PRO A 243 -26.32 -10.12 -12.35
C PRO A 243 -25.65 -11.23 -13.14
N ALA A 244 -25.44 -12.37 -12.48
CA ALA A 244 -24.91 -13.54 -13.13
C ALA A 244 -26.04 -14.27 -13.86
N GLN A 245 -25.90 -14.42 -15.17
CA GLN A 245 -26.91 -15.14 -15.95
C GLN A 245 -26.72 -16.64 -15.91
N SER A 246 -25.65 -17.13 -15.28
CA SER A 246 -25.44 -18.54 -15.03
C SER A 246 -24.43 -18.65 -13.89
N ASP A 247 -24.00 -19.86 -13.59
CA ASP A 247 -22.97 -20.05 -12.56
C ASP A 247 -21.57 -19.83 -13.11
N VAL A 248 -21.38 -19.87 -14.42
CA VAL A 248 -20.07 -19.94 -15.04
C VAL A 248 -19.99 -18.92 -16.16
N ALA A 249 -19.04 -17.99 -16.05
CA ALA A 249 -18.74 -17.04 -17.11
C ALA A 249 -17.51 -17.51 -17.88
N LEU A 250 -17.60 -17.49 -19.21
CA LEU A 250 -16.52 -17.93 -20.07
C LEU A 250 -15.65 -16.73 -20.43
N LEU A 251 -14.39 -16.76 -20.02
CA LEU A 251 -13.44 -15.68 -20.29
C LEU A 251 -12.43 -16.13 -21.33
N ARG A 252 -12.01 -15.19 -22.17
CA ARG A 252 -10.96 -15.43 -23.16
C ARG A 252 -9.83 -14.44 -22.91
N PHE A 253 -8.61 -14.96 -22.78
CA PHE A 253 -7.43 -14.11 -22.64
C PHE A 253 -6.95 -13.71 -24.02
N VAL A 254 -6.93 -12.40 -24.28
CA VAL A 254 -6.86 -11.88 -25.64
C VAL A 254 -5.73 -10.85 -25.72
N ASN A 255 -4.90 -10.97 -26.75
CA ASN A 255 -3.99 -9.90 -27.17
C ASN A 255 -4.82 -8.85 -27.91
N PRO A 256 -5.00 -7.66 -27.35
CA PRO A 256 -5.85 -6.65 -28.00
C PRO A 256 -5.27 -6.12 -29.29
N ASP A 257 -3.98 -6.33 -29.56
CA ASP A 257 -3.33 -5.79 -30.73
C ASP A 257 -3.21 -6.78 -31.89
N THR A 258 -3.22 -8.08 -31.60
CA THR A 258 -3.29 -9.10 -32.64
C THR A 258 -4.64 -9.81 -32.68
N GLY A 259 -5.53 -9.53 -31.72
CA GLY A 259 -6.80 -10.20 -31.62
C GLY A 259 -6.74 -11.67 -31.29
N ARG A 260 -5.55 -12.21 -31.05
CA ARG A 260 -5.39 -13.64 -30.86
C ARG A 260 -5.81 -14.06 -29.45
N VAL A 261 -6.54 -15.16 -29.37
CA VAL A 261 -6.92 -15.76 -28.10
C VAL A 261 -5.86 -16.77 -27.70
N LEU A 262 -5.26 -16.57 -26.53
CA LEU A 262 -4.21 -17.48 -26.08
C LEU A 262 -4.75 -18.63 -25.24
N PHE A 263 -5.81 -18.37 -24.46
CA PHE A 263 -6.50 -19.44 -23.74
C PHE A 263 -7.85 -18.92 -23.30
N GLU A 264 -8.70 -19.85 -22.86
CA GLU A 264 -9.98 -19.52 -22.28
C GLU A 264 -10.05 -20.10 -20.86
N CYS A 265 -10.89 -19.49 -20.04
CA CYS A 265 -11.01 -19.93 -18.65
C CYS A 265 -12.46 -19.73 -18.20
N LYS A 266 -12.77 -20.32 -17.05
CA LYS A 266 -14.07 -20.20 -16.41
C LYS A 266 -13.95 -19.29 -15.20
N LEU A 267 -14.64 -18.16 -15.22
CA LEU A 267 -14.81 -17.33 -14.04
C LEU A 267 -16.08 -17.78 -13.34
N HIS A 268 -15.92 -18.45 -12.20
CA HIS A 268 -17.07 -18.99 -11.49
C HIS A 268 -17.81 -17.89 -10.75
N LYS A 269 -19.14 -18.06 -10.66
CA LYS A 269 -20.00 -17.04 -10.07
C LYS A 269 -19.57 -16.69 -8.66
N SER A 270 -19.16 -17.68 -7.88
CA SER A 270 -18.75 -17.44 -6.50
C SER A 270 -17.38 -16.78 -6.39
N GLY A 271 -16.66 -16.59 -7.50
CA GLY A 271 -15.48 -15.76 -7.51
C GLY A 271 -14.15 -16.46 -7.55
N TYR A 272 -13.95 -17.35 -8.52
CA TYR A 272 -12.65 -17.98 -8.73
C TYR A 272 -12.60 -18.51 -10.16
N VAL A 273 -11.37 -18.75 -10.63
CA VAL A 273 -11.12 -19.06 -12.04
C VAL A 273 -10.50 -20.45 -12.15
N THR A 274 -10.96 -21.22 -13.13
CA THR A 274 -10.39 -22.52 -13.45
C THR A 274 -10.03 -22.60 -14.92
N VAL A 275 -9.00 -23.41 -15.20
CA VAL A 275 -8.51 -23.65 -16.56
C VAL A 275 -8.38 -25.14 -16.75
N ALA A 276 -8.38 -25.57 -18.02
CA ALA A 276 -8.17 -26.97 -18.37
C ALA A 276 -6.68 -27.21 -18.50
N HIS A 277 -6.10 -27.85 -17.49
CA HIS A 277 -4.66 -28.14 -17.46
C HIS A 277 -4.41 -29.14 -16.33
N THR A 278 -3.31 -29.87 -16.46
CA THR A 278 -2.88 -30.84 -15.46
C THR A 278 -1.40 -30.64 -15.18
N GLY A 279 -1.09 -30.19 -13.98
CA GLY A 279 0.29 -29.93 -13.58
C GLY A 279 0.52 -28.47 -13.27
N GLN A 280 1.72 -28.21 -12.75
CA GLN A 280 2.14 -26.85 -12.45
C GLN A 280 2.69 -26.19 -13.70
N HIS A 281 2.28 -24.94 -13.93
CA HIS A 281 2.63 -24.26 -15.17
C HIS A 281 2.55 -22.76 -14.96
N ASP A 282 3.65 -22.06 -15.21
CA ASP A 282 3.64 -20.61 -15.27
C ASP A 282 3.17 -20.17 -16.65
N LEU A 283 2.07 -19.44 -16.71
CA LEU A 283 1.50 -19.05 -17.99
C LEU A 283 2.38 -18.00 -18.67
N VAL A 284 2.77 -18.28 -19.90
CA VAL A 284 3.58 -17.37 -20.71
C VAL A 284 2.62 -16.61 -21.61
N ILE A 285 2.43 -15.33 -21.33
CA ILE A 285 1.41 -14.53 -21.98
C ILE A 285 2.00 -13.21 -22.48
N PRO A 286 1.46 -12.61 -23.53
CA PRO A 286 1.88 -11.27 -23.91
C PRO A 286 1.47 -10.26 -22.85
N PRO A 287 2.40 -9.45 -22.36
CA PRO A 287 2.08 -8.55 -21.24
C PRO A 287 0.97 -7.55 -21.52
N ASN A 288 0.55 -7.39 -22.77
CA ASN A 288 -0.54 -6.48 -23.11
C ASN A 288 -1.90 -7.16 -23.15
N GLY A 289 -1.95 -8.47 -22.92
CA GLY A 289 -3.21 -9.18 -22.97
C GLY A 289 -4.08 -8.93 -21.74
N TYR A 290 -5.38 -9.16 -21.92
CA TYR A 290 -6.35 -8.94 -20.86
C TYR A 290 -7.47 -9.98 -20.99
N PHE A 291 -8.25 -10.11 -19.92
CA PHE A 291 -9.38 -11.03 -19.89
C PHE A 291 -10.61 -10.37 -20.49
N ARG A 292 -11.36 -11.15 -21.27
CA ARG A 292 -12.54 -10.65 -21.97
C ARG A 292 -13.69 -11.60 -21.72
N PHE A 293 -14.79 -11.08 -21.17
CA PHE A 293 -15.99 -11.89 -20.97
C PHE A 293 -16.68 -12.11 -22.31
N ASP A 294 -16.90 -13.37 -22.68
CA ASP A 294 -17.52 -13.70 -23.95
C ASP A 294 -18.95 -14.19 -23.82
N SER A 295 -19.25 -15.07 -22.86
CA SER A 295 -20.61 -15.57 -22.71
C SER A 295 -20.75 -16.27 -21.36
N TRP A 296 -22.01 -16.45 -20.94
CA TRP A 296 -22.34 -17.32 -19.84
C TRP A 296 -22.55 -18.73 -20.39
N VAL A 297 -21.96 -19.72 -19.73
CA VAL A 297 -22.05 -21.11 -20.16
C VAL A 297 -22.61 -21.95 -19.02
N ASN A 298 -23.03 -23.17 -19.36
CA ASN A 298 -23.59 -24.08 -18.38
C ASN A 298 -22.48 -24.81 -17.63
N GLN A 299 -22.88 -25.68 -16.70
CA GLN A 299 -21.91 -26.37 -15.85
C GLN A 299 -21.07 -27.39 -16.61
N PHE A 300 -21.56 -27.88 -17.75
CA PHE A 300 -20.90 -28.96 -18.48
C PHE A 300 -20.07 -28.45 -19.65
N TYR A 301 -19.67 -27.17 -19.62
CA TYR A 301 -18.84 -26.64 -20.68
C TYR A 301 -17.41 -27.16 -20.54
N THR A 302 -16.91 -27.76 -21.61
CA THR A 302 -15.53 -28.22 -21.64
C THR A 302 -14.64 -27.10 -22.18
N LEU A 303 -13.62 -26.76 -21.41
CA LEU A 303 -12.66 -25.75 -21.84
C LEU A 303 -11.69 -26.33 -22.84
N ALA A 304 -11.31 -25.53 -23.83
CA ALA A 304 -10.18 -25.89 -24.67
C ALA A 304 -8.94 -26.02 -23.80
N PRO A 305 -8.13 -27.07 -23.98
CA PRO A 305 -6.93 -27.23 -23.16
C PRO A 305 -6.03 -26.00 -23.23
N MET A 306 -5.32 -25.74 -22.15
CA MET A 306 -4.46 -24.57 -22.01
C MET A 306 -3.01 -25.03 -22.18
N GLY A 307 -2.54 -24.99 -23.42
CA GLY A 307 -1.18 -25.41 -23.73
C GLY A 307 -0.12 -24.48 -23.18
N LYS B 1 -21.59 6.88 -24.00
CA LYS B 1 -21.08 6.58 -22.66
C LYS B 1 -21.32 7.74 -21.71
N PRO B 2 -22.30 7.60 -20.82
CA PRO B 2 -22.59 8.67 -19.86
C PRO B 2 -21.58 8.69 -18.71
N PHE B 3 -21.23 9.90 -18.30
CA PHE B 3 -20.24 10.10 -17.25
C PHE B 3 -20.83 9.82 -15.87
N SER B 4 -19.95 9.44 -14.94
CA SER B 4 -20.34 9.19 -13.55
C SER B 4 -19.07 9.12 -12.73
N VAL B 5 -19.26 9.04 -11.42
CA VAL B 5 -18.15 8.80 -10.48
C VAL B 5 -18.51 7.56 -9.69
N PRO B 6 -17.53 6.83 -9.18
CA PRO B 6 -17.82 5.57 -8.49
C PRO B 6 -18.63 5.80 -7.23
N VAL B 7 -19.48 4.82 -6.92
CA VAL B 7 -20.24 4.83 -5.67
C VAL B 7 -19.33 4.33 -4.57
N LEU B 8 -18.54 5.25 -4.00
CA LEU B 8 -17.59 4.90 -2.95
C LEU B 8 -17.55 6.02 -1.93
N THR B 9 -17.58 5.66 -0.65
CA THR B 9 -17.39 6.64 0.40
C THR B 9 -15.93 7.08 0.44
N VAL B 10 -15.68 8.19 1.12
CA VAL B 10 -14.31 8.67 1.28
C VAL B 10 -13.45 7.62 1.97
N GLU B 11 -13.96 7.04 3.06
CA GLU B 11 -13.22 6.05 3.81
C GLU B 11 -13.02 4.75 3.03
N GLU B 12 -13.80 4.52 1.98
CA GLU B 12 -13.62 3.36 1.12
C GLU B 12 -12.58 3.59 0.03
N MET B 13 -12.05 4.80 -0.10
CA MET B 13 -11.18 5.15 -1.20
C MET B 13 -9.76 5.38 -0.69
N THR B 14 -8.86 5.67 -1.63
CA THR B 14 -7.42 5.67 -1.38
C THR B 14 -6.80 6.96 -1.87
N ASN B 15 -5.81 7.46 -1.13
CA ASN B 15 -5.04 8.60 -1.60
C ASN B 15 -4.25 8.22 -2.84
N SER B 16 -4.17 9.16 -3.78
CA SER B 16 -3.51 8.91 -5.05
C SER B 16 -2.06 9.39 -5.08
N ARG B 17 -1.57 9.95 -3.96
CA ARG B 17 -0.19 10.41 -3.87
C ARG B 17 0.63 9.64 -2.85
N PHE B 18 0.03 8.68 -2.15
CA PHE B 18 0.71 7.85 -1.16
C PHE B 18 -0.17 6.65 -0.86
N PRO B 19 0.40 5.45 -0.66
CA PRO B 19 -0.45 4.24 -0.53
C PRO B 19 -1.11 4.14 0.85
N ILE B 20 -2.04 5.06 1.12
CA ILE B 20 -2.79 5.07 2.37
C ILE B 20 -4.23 5.39 2.08
N PRO B 21 -5.15 4.95 2.93
CA PRO B 21 -6.57 5.25 2.72
C PRO B 21 -6.87 6.73 2.88
N LEU B 22 -8.01 7.14 2.31
CA LEU B 22 -8.51 8.49 2.53
C LEU B 22 -9.12 8.60 3.91
N GLU B 23 -9.08 9.80 4.47
CA GLU B 23 -9.59 10.05 5.81
C GLU B 23 -10.75 11.03 5.83
N LYS B 24 -10.60 12.18 5.17
CA LYS B 24 -11.59 13.24 5.28
C LYS B 24 -11.49 14.13 4.05
N LEU B 25 -12.44 15.06 3.94
CA LEU B 25 -12.42 16.09 2.92
C LEU B 25 -11.98 17.41 3.55
N PHE B 26 -11.20 18.19 2.81
CA PHE B 26 -10.67 19.44 3.31
C PHE B 26 -10.73 20.48 2.20
N THR B 27 -11.06 21.71 2.57
CA THR B 27 -10.97 22.84 1.66
C THR B 27 -10.25 23.99 2.36
N GLY B 28 -9.55 24.79 1.56
CA GLY B 28 -8.83 25.93 2.06
C GLY B 28 -8.36 26.81 0.93
N PRO B 29 -7.93 28.03 1.26
CA PRO B 29 -7.35 28.90 0.22
C PRO B 29 -5.97 28.40 -0.17
N SER B 30 -5.66 28.55 -1.47
CA SER B 30 -4.42 28.02 -2.02
C SER B 30 -3.68 29.03 -2.89
N SER B 31 -4.00 30.32 -2.78
CA SER B 31 -3.29 31.31 -3.59
C SER B 31 -1.86 31.56 -3.09
N ALA B 32 -1.49 31.02 -1.94
CA ALA B 32 -0.16 31.21 -1.37
C ALA B 32 0.79 30.06 -1.68
N PHE B 33 0.34 29.03 -2.38
CA PHE B 33 1.23 27.96 -2.81
C PHE B 33 0.74 27.42 -4.15
N VAL B 34 1.61 26.68 -4.81
CA VAL B 34 1.34 26.13 -6.14
C VAL B 34 0.83 24.70 -5.95
N VAL B 35 -0.40 24.46 -6.39
CA VAL B 35 -1.04 23.15 -6.28
C VAL B 35 -0.81 22.45 -7.62
N GLN B 36 0.27 21.68 -7.69
CA GLN B 36 0.67 21.01 -8.93
C GLN B 36 1.16 19.59 -8.66
N PRO B 37 0.34 18.76 -8.00
CA PRO B 37 0.76 17.37 -7.81
C PRO B 37 0.78 16.65 -9.13
N GLN B 38 1.65 15.62 -9.22
CA GLN B 38 1.78 14.85 -10.43
C GLN B 38 1.15 13.46 -10.34
N ASN B 39 0.97 12.94 -9.14
CA ASN B 39 0.21 11.72 -8.95
C ASN B 39 -1.25 12.06 -8.66
N GLY B 40 -2.14 11.15 -9.03
CA GLY B 40 -3.56 11.42 -8.91
C GLY B 40 -4.05 12.50 -9.84
N ARG B 41 -3.51 12.57 -11.05
CA ARG B 41 -3.90 13.53 -12.07
C ARG B 41 -4.51 12.75 -13.23
N CYS B 42 -5.75 13.07 -13.59
CA CYS B 42 -6.44 12.34 -14.63
C CYS B 42 -7.65 13.15 -15.08
N THR B 43 -7.83 13.23 -16.40
CA THR B 43 -9.02 13.87 -16.92
C THR B 43 -10.25 13.00 -16.64
N THR B 44 -11.42 13.63 -16.68
CA THR B 44 -12.66 12.90 -16.42
C THR B 44 -13.00 11.90 -17.52
N ASP B 45 -12.50 12.10 -18.74
CA ASP B 45 -12.64 11.10 -19.79
C ASP B 45 -11.46 10.14 -19.85
N GLY B 46 -10.62 10.11 -18.82
CA GLY B 46 -9.75 8.99 -18.58
C GLY B 46 -8.34 9.05 -19.12
N VAL B 47 -7.80 10.25 -19.37
CA VAL B 47 -6.42 10.38 -19.82
C VAL B 47 -5.55 10.65 -18.61
N LEU B 48 -4.59 9.77 -18.35
CA LEU B 48 -3.69 9.94 -17.22
C LEU B 48 -2.69 11.05 -17.49
N LEU B 49 -2.45 11.88 -16.48
CA LEU B 49 -1.55 13.02 -16.59
C LEU B 49 -0.39 12.86 -15.61
N GLY B 50 0.63 13.67 -15.81
CA GLY B 50 1.78 13.67 -14.90
C GLY B 50 2.43 12.31 -14.80
N THR B 51 2.75 11.91 -13.57
CA THR B 51 3.31 10.60 -13.28
C THR B 51 2.26 9.63 -12.76
N THR B 52 0.98 9.86 -13.10
CA THR B 52 -0.11 9.07 -12.54
C THR B 52 -0.21 7.72 -13.25
N GLN B 53 -0.30 6.65 -12.47
CA GLN B 53 -0.60 5.32 -12.98
C GLN B 53 -1.76 4.73 -12.20
N LEU B 54 -2.08 3.46 -12.43
CA LEU B 54 -3.32 2.89 -11.90
C LEU B 54 -3.15 2.20 -10.56
N SER B 55 -1.98 1.62 -10.29
CA SER B 55 -1.80 0.82 -9.08
C SER B 55 -1.65 1.71 -7.86
N PRO B 56 -2.52 1.58 -6.85
CA PRO B 56 -2.32 2.36 -5.62
C PRO B 56 -1.12 1.91 -4.79
N VAL B 57 -0.67 0.66 -4.93
CA VAL B 57 0.44 0.17 -4.13
C VAL B 57 1.80 0.44 -4.77
N ASN B 58 1.83 0.97 -5.99
CA ASN B 58 3.09 1.33 -6.63
C ASN B 58 3.44 2.81 -6.47
N ILE B 59 2.62 3.57 -5.75
CA ILE B 59 2.89 4.99 -5.58
C ILE B 59 4.01 5.14 -4.55
N CYS B 60 5.09 5.83 -4.95
CA CYS B 60 6.26 6.07 -4.11
C CYS B 60 7.06 4.81 -3.84
N THR B 61 6.91 3.77 -4.66
CA THR B 61 7.79 2.61 -4.57
C THR B 61 8.84 2.68 -5.66
N PHE B 62 10.01 2.08 -5.39
CA PHE B 62 11.10 2.04 -6.35
C PHE B 62 11.59 0.61 -6.52
N ARG B 63 12.10 0.31 -7.70
CA ARG B 63 12.66 -0.99 -8.02
C ARG B 63 13.89 -0.82 -8.90
N GLY B 64 14.85 -1.72 -8.72
CA GLY B 64 16.06 -1.69 -9.51
C GLY B 64 17.18 -2.42 -8.77
N ASP B 65 18.38 -2.24 -9.29
CA ASP B 65 19.58 -2.72 -8.61
C ASP B 65 20.27 -1.56 -7.91
N VAL B 66 20.98 -1.86 -6.84
CA VAL B 66 21.64 -0.84 -6.03
C VAL B 66 23.16 -1.07 -6.11
N THR B 67 23.90 0.03 -6.09
CA THR B 67 25.35 0.01 -5.92
C THR B 67 25.71 0.83 -4.68
N HIS B 68 26.54 0.24 -3.82
CA HIS B 68 26.93 0.91 -2.59
C HIS B 68 27.89 2.05 -2.88
N ILE B 69 27.70 3.18 -2.18
CA ILE B 69 28.65 4.28 -2.19
C ILE B 69 29.66 4.00 -1.08
N THR B 70 30.91 3.74 -1.48
CA THR B 70 31.94 3.32 -0.53
C THR B 70 32.16 4.37 0.54
N GLY B 71 32.25 3.93 1.79
CA GLY B 71 32.41 4.83 2.91
C GLY B 71 31.14 5.46 3.42
N SER B 72 29.99 4.85 3.14
CA SER B 72 28.72 5.46 3.49
C SER B 72 27.70 4.36 3.79
N ARG B 73 26.55 4.79 4.30
CA ARG B 73 25.37 3.95 4.40
C ARG B 73 24.38 4.27 3.28
N ASN B 74 24.88 4.75 2.15
CA ASN B 74 24.05 5.19 1.04
C ASN B 74 24.19 4.24 -0.14
N TYR B 75 23.09 4.09 -0.87
CA TYR B 75 23.04 3.22 -2.04
C TYR B 75 22.39 3.97 -3.19
N THR B 76 22.99 3.88 -4.37
CA THR B 76 22.40 4.41 -5.58
C THR B 76 21.58 3.31 -6.24
N MET B 77 20.27 3.53 -6.38
CA MET B 77 19.42 2.58 -7.07
C MET B 77 19.33 2.96 -8.53
N ASN B 78 19.77 2.07 -9.40
CA ASN B 78 19.54 2.19 -10.83
C ASN B 78 18.12 1.72 -11.11
N LEU B 79 17.23 2.66 -11.42
CA LEU B 79 15.81 2.36 -11.48
C LEU B 79 15.47 1.43 -12.64
N ALA B 80 14.65 0.44 -12.35
CA ALA B 80 13.93 -0.33 -13.36
C ALA B 80 12.46 0.05 -13.30
N SER B 81 11.73 -0.35 -14.33
CA SER B 81 10.28 -0.22 -14.25
C SER B 81 9.72 -1.27 -13.31
N GLN B 82 8.41 -1.16 -13.03
CA GLN B 82 7.76 -2.13 -12.16
C GLN B 82 7.82 -3.54 -12.74
N ASN B 83 7.97 -3.66 -14.05
CA ASN B 83 8.15 -4.96 -14.69
C ASN B 83 9.52 -5.57 -14.40
N TRP B 84 10.47 -4.77 -13.92
CA TRP B 84 11.90 -5.01 -13.87
C TRP B 84 12.53 -4.86 -15.25
N ASN B 85 11.74 -4.52 -16.27
CA ASN B 85 12.31 -4.03 -17.52
C ASN B 85 13.11 -2.77 -17.25
N ASP B 86 14.09 -2.50 -18.12
CA ASP B 86 14.93 -1.34 -17.94
C ASP B 86 14.14 -0.05 -18.15
N TYR B 87 14.63 1.01 -17.52
CA TYR B 87 13.93 2.29 -17.53
C TYR B 87 14.16 3.04 -18.84
N ASP B 88 13.10 3.66 -19.35
CA ASP B 88 13.13 4.41 -20.60
C ASP B 88 12.94 5.89 -20.31
N PRO B 89 13.99 6.72 -20.36
CA PRO B 89 13.80 8.15 -20.08
C PRO B 89 13.14 8.92 -21.21
N THR B 90 12.99 8.33 -22.39
CA THR B 90 12.43 9.03 -23.53
C THR B 90 10.93 9.24 -23.44
N GLU B 91 10.25 8.54 -22.54
CA GLU B 91 8.81 8.70 -22.41
C GLU B 91 8.48 10.12 -21.98
N GLU B 92 7.40 10.66 -22.56
CA GLU B 92 7.01 12.05 -22.31
C GLU B 92 6.23 12.15 -20.99
N ILE B 93 6.94 11.83 -19.92
CA ILE B 93 6.43 11.93 -18.55
C ILE B 93 7.48 12.62 -17.70
N PRO B 94 7.07 13.24 -16.59
CA PRO B 94 8.07 13.94 -15.75
C PRO B 94 9.09 13.00 -15.12
N ALA B 95 8.70 11.75 -14.85
CA ALA B 95 9.50 10.79 -14.11
C ALA B 95 8.80 9.45 -14.26
N PRO B 96 9.41 8.33 -13.85
CA PRO B 96 8.68 7.07 -13.86
C PRO B 96 7.33 7.21 -13.17
N LEU B 97 6.33 6.53 -13.71
CA LEU B 97 4.99 6.58 -13.13
C LEU B 97 5.03 6.13 -11.68
N GLY B 98 4.43 6.94 -10.81
CA GLY B 98 4.41 6.65 -9.39
C GLY B 98 5.50 7.31 -8.57
N THR B 99 6.43 8.02 -9.21
CA THR B 99 7.48 8.72 -8.48
C THR B 99 6.86 9.70 -7.49
N PRO B 100 7.43 9.85 -6.29
CA PRO B 100 6.93 10.87 -5.35
C PRO B 100 6.84 12.24 -5.99
N ASP B 101 5.76 12.97 -5.66
CA ASP B 101 5.55 14.31 -6.20
C ASP B 101 5.56 15.37 -5.10
N PHE B 102 6.38 15.18 -4.07
CA PHE B 102 6.56 16.22 -3.08
C PHE B 102 7.98 16.16 -2.53
N VAL B 103 8.47 17.29 -2.05
CA VAL B 103 9.79 17.39 -1.45
C VAL B 103 9.68 16.95 0.00
N GLY B 104 10.48 15.98 0.39
CA GLY B 104 10.45 15.48 1.75
C GLY B 104 11.35 14.28 1.91
N LYS B 105 11.37 13.76 3.13
CA LYS B 105 12.17 12.59 3.48
C LYS B 105 11.21 11.43 3.72
N ILE B 106 11.17 10.50 2.78
CA ILE B 106 10.25 9.37 2.83
C ILE B 106 11.00 8.17 3.38
N GLN B 107 10.55 7.66 4.53
CA GLN B 107 11.15 6.47 5.12
C GLN B 107 10.37 5.24 4.70
N GLY B 108 11.11 4.19 4.38
CA GLY B 108 10.52 2.92 4.02
C GLY B 108 11.46 1.79 4.35
N VAL B 109 11.33 0.70 3.60
CA VAL B 109 12.19 -0.46 3.79
C VAL B 109 12.69 -0.93 2.42
N LEU B 110 14.01 -1.08 2.31
CA LEU B 110 14.65 -1.63 1.13
C LEU B 110 14.76 -3.15 1.31
N THR B 111 14.15 -3.90 0.41
CA THR B 111 14.23 -5.35 0.45
C THR B 111 14.97 -5.87 -0.78
N GLN B 112 15.46 -7.10 -0.69
CA GLN B 112 16.28 -7.66 -1.74
C GLN B 112 16.27 -9.18 -1.65
N THR B 113 16.16 -9.83 -2.80
CA THR B 113 16.23 -11.28 -2.91
C THR B 113 17.42 -11.65 -3.78
N THR B 114 18.30 -12.51 -3.26
CA THR B 114 19.41 -13.03 -4.05
C THR B 114 18.90 -14.06 -5.04
N ARG B 115 19.22 -13.85 -6.32
CA ARG B 115 18.66 -14.65 -7.40
C ARG B 115 19.00 -16.13 -7.28
N THR B 116 20.18 -16.45 -6.76
CA THR B 116 20.69 -17.81 -6.88
C THR B 116 20.10 -18.75 -5.82
N ASP B 117 20.10 -18.34 -4.56
CA ASP B 117 19.68 -19.20 -3.46
C ASP B 117 18.37 -18.74 -2.82
N GLY B 118 17.81 -17.61 -3.24
CA GLY B 118 16.57 -17.15 -2.64
C GLY B 118 16.72 -16.58 -1.26
N SER B 119 17.93 -16.23 -0.84
CA SER B 119 18.12 -15.54 0.43
C SER B 119 17.62 -14.10 0.31
N THR B 120 17.12 -13.57 1.43
CA THR B 120 16.49 -12.26 1.43
C THR B 120 17.08 -11.39 2.54
N ARG B 121 16.82 -10.09 2.43
CA ARG B 121 17.28 -9.10 3.40
C ARG B 121 16.43 -7.85 3.23
N GLY B 122 16.22 -7.14 4.33
CA GLY B 122 15.48 -5.89 4.33
C GLY B 122 16.00 -4.95 5.40
N HIS B 123 16.20 -3.69 5.03
CA HIS B 123 16.73 -2.70 5.94
C HIS B 123 15.93 -1.42 5.83
N LYS B 124 15.90 -0.66 6.93
CA LYS B 124 15.30 0.67 6.90
C LYS B 124 16.04 1.54 5.89
N ALA B 125 15.29 2.35 5.15
CA ALA B 125 15.87 3.22 4.13
C ALA B 125 15.05 4.50 4.06
N THR B 126 15.73 5.58 3.68
CA THR B 126 15.10 6.89 3.54
C THR B 126 15.54 7.50 2.22
N VAL B 127 14.57 8.00 1.46
CA VAL B 127 14.84 8.72 0.21
C VAL B 127 14.52 10.19 0.46
N TYR B 128 15.47 11.06 0.11
CA TYR B 128 15.31 12.50 0.24
C TYR B 128 14.93 13.05 -1.14
N THR B 129 13.64 13.25 -1.37
CA THR B 129 13.22 13.71 -2.70
C THR B 129 13.67 15.13 -3.00
N GLY B 130 14.10 15.89 -1.99
CA GLY B 130 14.69 17.19 -2.22
C GLY B 130 16.16 17.19 -2.54
N SER B 131 16.80 16.02 -2.50
CA SER B 131 18.22 15.92 -2.75
C SER B 131 18.54 16.02 -4.23
N ALA B 132 19.73 16.57 -4.53
CA ALA B 132 20.22 16.57 -5.90
C ALA B 132 20.49 15.17 -6.40
N ASP B 133 20.68 14.20 -5.51
CA ASP B 133 20.83 12.80 -5.87
C ASP B 133 19.49 12.13 -6.16
N PHE B 134 18.38 12.85 -5.99
CA PHE B 134 17.07 12.37 -6.41
C PHE B 134 16.88 12.80 -7.86
N ALA B 135 17.19 11.91 -8.79
CA ALA B 135 17.04 12.18 -10.22
C ALA B 135 16.38 10.97 -10.90
N PRO B 136 15.12 10.66 -10.54
CA PRO B 136 14.47 9.50 -11.14
C PRO B 136 14.28 9.63 -12.64
N LYS B 137 14.06 10.85 -13.15
CA LYS B 137 13.95 11.04 -14.59
C LYS B 137 15.23 10.61 -15.30
N LEU B 138 16.38 10.75 -14.65
CA LEU B 138 17.63 10.21 -15.15
C LEU B 138 17.86 8.76 -14.76
N GLY B 139 16.93 8.16 -14.04
CA GLY B 139 16.99 6.74 -13.74
C GLY B 139 17.74 6.34 -12.49
N ARG B 140 17.91 7.25 -11.54
CA ARG B 140 18.66 6.92 -10.34
C ARG B 140 18.14 7.72 -9.15
N VAL B 141 18.04 7.05 -8.01
CA VAL B 141 17.73 7.70 -6.73
C VAL B 141 18.67 7.12 -5.67
N GLN B 142 18.92 7.91 -4.64
CA GLN B 142 19.82 7.52 -3.57
C GLN B 142 19.02 7.17 -2.32
N PHE B 143 19.44 6.11 -1.64
CA PHE B 143 18.80 5.67 -0.41
C PHE B 143 19.82 5.70 0.72
N GLU B 144 19.43 6.29 1.84
CA GLU B 144 20.23 6.26 3.07
C GLU B 144 19.69 5.12 3.94
N THR B 145 20.55 4.14 4.22
CA THR B 145 20.14 2.89 4.83
C THR B 145 20.76 2.74 6.22
N ASP B 146 20.42 1.62 6.86
CA ASP B 146 20.96 1.23 8.15
C ASP B 146 22.20 0.36 8.04
N THR B 147 22.54 -0.06 6.82
CA THR B 147 23.67 -0.94 6.57
C THR B 147 24.69 -0.20 5.72
N ASP B 148 25.91 -0.73 5.71
CA ASP B 148 26.91 -0.28 4.76
C ASP B 148 27.41 -1.45 3.90
N ARG B 149 26.75 -2.61 3.94
CA ARG B 149 27.43 -3.79 3.38
C ARG B 149 26.57 -5.01 3.07
N ASP B 150 25.26 -5.04 3.41
CA ASP B 150 24.49 -6.24 3.14
C ASP B 150 23.99 -6.27 1.69
N PHE B 151 23.43 -5.16 1.22
CA PHE B 151 22.80 -5.17 -0.10
C PHE B 151 23.82 -5.52 -1.17
N GLU B 152 23.48 -6.54 -1.96
CA GLU B 152 24.35 -7.07 -2.99
C GLU B 152 24.08 -6.35 -4.32
N ALA B 153 25.07 -6.43 -5.20
CA ALA B 153 24.97 -5.79 -6.50
C ALA B 153 24.30 -6.72 -7.51
N ASN B 154 23.61 -6.11 -8.48
CA ASN B 154 22.94 -6.84 -9.56
C ASN B 154 21.92 -7.83 -9.00
N GLN B 155 21.19 -7.42 -7.97
CA GLN B 155 20.07 -8.18 -7.44
C GLN B 155 18.85 -7.27 -7.34
N ASN B 156 17.68 -7.81 -7.66
CA ASN B 156 16.45 -7.05 -7.61
C ASN B 156 16.22 -6.47 -6.22
N THR B 157 16.06 -5.15 -6.16
CA THR B 157 15.91 -4.44 -4.89
C THR B 157 14.65 -3.59 -4.95
N LYS B 158 13.83 -3.65 -3.91
CA LYS B 158 12.57 -2.93 -3.86
C LYS B 158 12.54 -2.01 -2.64
N PHE B 159 12.04 -0.80 -2.84
CA PHE B 159 11.77 0.12 -1.75
C PHE B 159 10.26 0.18 -1.51
N THR B 160 9.85 -0.18 -0.29
CA THR B 160 8.45 -0.08 0.11
C THR B 160 8.29 1.13 1.00
N PRO B 161 7.50 2.13 0.63
CA PRO B 161 7.36 3.33 1.46
C PRO B 161 6.46 3.09 2.65
N VAL B 162 6.77 3.79 3.74
CA VAL B 162 5.98 3.67 4.97
C VAL B 162 5.46 5.04 5.39
N GLY B 163 6.36 6.00 5.52
CA GLY B 163 5.94 7.31 5.97
C GLY B 163 6.99 8.37 5.72
N VAL B 164 6.89 9.47 6.48
CA VAL B 164 7.76 10.63 6.33
C VAL B 164 8.39 10.98 7.67
N ILE B 165 9.52 11.68 7.60
CA ILE B 165 10.23 12.13 8.79
C ILE B 165 10.50 13.62 8.71
N GLN B 166 10.68 14.23 9.87
CA GLN B 166 11.16 15.59 10.01
C GLN B 166 12.48 15.53 10.76
N ASP B 167 13.52 16.14 10.19
CA ASP B 167 14.88 15.84 10.58
C ASP B 167 15.65 17.11 10.94
N GLY B 168 16.70 16.92 11.74
CA GLY B 168 17.51 17.94 12.38
C GLY B 168 17.59 19.35 11.81
N GLY B 169 17.50 20.34 12.69
CA GLY B 169 17.58 21.74 12.32
C GLY B 169 16.26 22.34 11.85
N THR B 170 15.28 21.51 11.54
CA THR B 170 14.05 21.95 10.88
C THR B 170 12.99 22.30 11.93
N THR B 171 12.34 23.45 11.76
CA THR B 171 11.22 23.80 12.63
C THR B 171 10.14 22.73 12.55
N HIS B 172 9.29 22.68 13.56
CA HIS B 172 8.26 21.65 13.60
C HIS B 172 7.29 21.80 12.45
N ARG B 173 6.97 20.68 11.81
CA ARG B 173 5.96 20.59 10.75
C ARG B 173 6.30 21.42 9.52
N ASN B 174 7.59 21.73 9.34
CA ASN B 174 8.02 22.49 8.16
C ASN B 174 8.28 21.60 6.96
N GLU B 175 8.48 20.30 7.19
CA GLU B 175 8.68 19.31 6.16
C GLU B 175 7.84 18.09 6.53
N PRO B 176 7.37 17.33 5.53
CA PRO B 176 7.54 17.57 4.09
C PRO B 176 6.73 18.75 3.56
N GLN B 177 7.05 19.17 2.33
CA GLN B 177 6.31 20.21 1.62
C GLN B 177 5.49 19.52 0.53
N GLN B 178 4.22 19.23 0.82
CA GLN B 178 3.41 18.47 -0.11
C GLN B 178 3.07 19.23 -1.38
N TRP B 179 3.33 20.54 -1.42
CA TRP B 179 2.99 21.35 -2.59
C TRP B 179 4.22 21.85 -3.34
N VAL B 180 5.40 21.34 -3.03
CA VAL B 180 6.63 21.66 -3.77
C VAL B 180 7.08 20.39 -4.48
N LEU B 181 7.10 20.43 -5.81
CA LEU B 181 7.50 19.27 -6.58
C LEU B 181 8.99 19.03 -6.44
N PRO B 182 9.44 17.78 -6.49
CA PRO B 182 10.86 17.50 -6.61
C PRO B 182 11.36 17.87 -7.99
N SER B 183 12.67 18.06 -8.10
CA SER B 183 13.32 18.16 -9.40
C SER B 183 13.65 16.74 -9.85
N TYR B 184 12.93 16.27 -10.86
CA TYR B 184 13.03 14.86 -11.25
C TYR B 184 14.36 14.54 -11.91
N SER B 185 15.10 15.55 -12.37
CA SER B 185 16.43 15.36 -12.96
C SER B 185 17.53 15.98 -12.10
N GLY B 186 17.34 16.00 -10.79
CA GLY B 186 18.42 16.36 -9.87
C GLY B 186 18.81 17.83 -9.87
N ARG B 187 17.88 18.73 -10.18
CA ARG B 187 18.11 20.17 -10.21
C ARG B 187 19.16 20.57 -11.25
N ASN B 188 19.39 19.71 -12.26
CA ASN B 188 20.20 20.08 -13.41
C ASN B 188 19.41 20.82 -14.46
N THR B 189 18.09 20.64 -14.48
CA THR B 189 17.22 21.19 -15.51
C THR B 189 15.80 21.18 -14.98
N HIS B 190 14.92 21.88 -15.68
CA HIS B 190 13.54 21.96 -15.24
C HIS B 190 12.81 20.64 -15.49
N ASN B 191 11.69 20.47 -14.80
CA ASN B 191 10.85 19.30 -15.02
C ASN B 191 10.14 19.42 -16.36
N VAL B 192 9.77 18.29 -16.93
CA VAL B 192 9.13 18.24 -18.24
C VAL B 192 7.80 17.53 -18.12
N HIS B 193 6.87 17.91 -19.02
CA HIS B 193 5.60 17.21 -19.19
C HIS B 193 4.76 17.17 -17.91
N LEU B 194 4.92 18.18 -17.07
CA LEU B 194 4.13 18.26 -15.85
C LEU B 194 2.65 18.39 -16.15
N ALA B 195 1.83 17.81 -15.28
CA ALA B 195 0.44 18.21 -15.22
C ALA B 195 0.38 19.66 -14.74
N PRO B 196 -0.56 20.46 -15.25
CA PRO B 196 -0.58 21.88 -14.88
C PRO B 196 -0.98 22.07 -13.42
N ALA B 197 -0.52 23.19 -12.86
CA ALA B 197 -1.04 23.61 -11.57
C ALA B 197 -2.53 23.90 -11.68
N VAL B 198 -3.21 23.87 -10.53
CA VAL B 198 -4.64 24.13 -10.50
C VAL B 198 -4.93 25.19 -9.45
N ALA B 199 -6.02 25.92 -9.67
CA ALA B 199 -6.46 26.97 -8.75
C ALA B 199 -7.93 27.20 -8.99
N PRO B 200 -8.68 27.59 -7.97
CA PRO B 200 -10.09 27.98 -8.19
C PRO B 200 -10.18 29.33 -8.89
N THR B 201 -10.64 29.32 -10.14
CA THR B 201 -10.77 30.58 -10.88
C THR B 201 -12.23 30.99 -10.97
N PHE B 202 -12.87 31.18 -9.81
CA PHE B 202 -14.24 31.64 -9.74
C PHE B 202 -14.43 32.26 -8.37
N PRO B 203 -15.16 33.37 -8.26
CA PRO B 203 -15.26 34.07 -6.97
C PRO B 203 -15.95 33.20 -5.92
N GLY B 204 -15.32 33.12 -4.74
CA GLY B 204 -15.88 32.39 -3.62
C GLY B 204 -15.58 30.91 -3.59
N GLU B 205 -14.92 30.37 -4.60
CA GLU B 205 -14.65 28.95 -4.68
C GLU B 205 -13.25 28.64 -4.17
N GLN B 206 -13.09 27.44 -3.61
CA GLN B 206 -11.80 26.92 -3.21
C GLN B 206 -11.67 25.48 -3.70
N LEU B 207 -10.43 24.99 -3.70
CA LEU B 207 -10.20 23.59 -4.05
C LEU B 207 -10.75 22.66 -2.98
N LEU B 208 -11.27 21.51 -3.41
CA LEU B 208 -11.71 20.47 -2.50
C LEU B 208 -10.64 19.37 -2.51
N PHE B 209 -10.00 19.17 -1.36
CA PHE B 209 -8.92 18.22 -1.23
C PHE B 209 -9.41 16.93 -0.58
N PHE B 210 -8.92 15.80 -1.09
CA PHE B 210 -9.15 14.50 -0.48
C PHE B 210 -7.92 14.20 0.37
N ARG B 211 -8.10 14.18 1.69
CA ARG B 211 -7.00 14.30 2.63
C ARG B 211 -6.73 12.99 3.37
N SER B 212 -5.44 12.67 3.50
CA SER B 212 -4.98 11.56 4.32
C SER B 212 -3.97 12.09 5.33
N THR B 213 -3.59 11.23 6.28
CA THR B 213 -2.49 11.52 7.19
C THR B 213 -1.38 10.52 6.94
N MET B 214 -0.23 11.02 6.50
CA MET B 214 0.91 10.14 6.28
C MET B 214 1.49 9.71 7.62
N PRO B 215 1.92 8.46 7.76
CA PRO B 215 2.62 8.06 8.97
C PRO B 215 3.91 8.85 9.15
N GLY B 216 4.15 9.28 10.38
CA GLY B 216 5.41 9.90 10.75
C GLY B 216 6.30 8.85 11.40
N CYS B 217 7.56 8.81 10.97
CA CYS B 217 8.51 7.85 11.48
C CYS B 217 9.58 8.47 12.39
N SER B 218 9.71 9.79 12.40
CA SER B 218 10.68 10.49 13.22
C SER B 218 10.41 11.98 13.19
N GLY B 219 10.68 12.65 14.30
CA GLY B 219 10.55 14.09 14.36
C GLY B 219 9.11 14.56 14.44
N TYR B 220 8.88 15.77 13.94
CA TYR B 220 7.57 16.42 13.96
C TYR B 220 7.17 16.79 12.54
N PRO B 221 6.87 15.81 11.69
CA PRO B 221 6.58 16.11 10.29
C PRO B 221 5.16 16.62 10.08
N ASN B 222 5.00 17.39 9.01
CA ASN B 222 3.67 17.73 8.50
C ASN B 222 3.14 16.53 7.74
N MET B 223 2.17 15.84 8.33
CA MET B 223 1.68 14.58 7.79
C MET B 223 0.42 14.73 6.96
N ASP B 224 -0.05 15.96 6.76
CA ASP B 224 -1.18 16.19 5.86
C ASP B 224 -0.77 15.89 4.43
N LEU B 225 -1.65 15.21 3.70
CA LEU B 225 -1.41 14.91 2.30
C LEU B 225 -2.74 15.04 1.56
N ASP B 226 -2.84 16.05 0.70
CA ASP B 226 -4.06 16.31 -0.05
C ASP B 226 -3.86 15.84 -1.48
N CYS B 227 -4.82 15.09 -1.99
CA CYS B 227 -4.80 14.71 -3.40
C CYS B 227 -6.01 15.32 -4.10
N LEU B 228 -5.84 15.58 -5.40
CA LEU B 228 -6.90 16.23 -6.17
C LEU B 228 -7.99 15.27 -6.57
N LEU B 229 -7.67 13.99 -6.74
CA LEU B 229 -8.65 12.97 -7.04
C LEU B 229 -8.33 11.73 -6.21
N PRO B 230 -9.35 11.03 -5.72
CA PRO B 230 -9.11 9.69 -5.16
C PRO B 230 -8.54 8.77 -6.21
N GLN B 231 -7.66 7.86 -5.77
CA GLN B 231 -7.07 6.91 -6.70
C GLN B 231 -8.14 6.09 -7.41
N GLU B 232 -9.27 5.85 -6.75
CA GLU B 232 -10.35 5.09 -7.38
C GLU B 232 -11.04 5.90 -8.47
N TRP B 233 -11.07 7.23 -8.33
CA TRP B 233 -11.60 8.06 -9.42
C TRP B 233 -10.70 7.99 -10.64
N VAL B 234 -9.37 8.02 -10.43
CA VAL B 234 -8.43 7.83 -11.52
C VAL B 234 -8.67 6.50 -12.20
N GLN B 235 -8.78 5.42 -11.42
CA GLN B 235 -9.03 4.10 -11.99
C GLN B 235 -10.38 4.04 -12.70
N TYR B 236 -11.38 4.75 -12.17
CA TYR B 236 -12.71 4.71 -12.77
C TYR B 236 -12.76 5.48 -14.07
N PHE B 237 -12.23 6.71 -14.07
CA PHE B 237 -12.24 7.52 -15.30
C PHE B 237 -11.45 6.85 -16.40
N TYR B 238 -10.33 6.20 -16.04
CA TYR B 238 -9.53 5.50 -17.04
C TYR B 238 -10.32 4.34 -17.66
N GLN B 239 -11.05 3.59 -16.84
CA GLN B 239 -11.80 2.45 -17.35
C GLN B 239 -13.08 2.87 -18.06
N GLU B 240 -13.69 3.98 -17.65
CA GLU B 240 -14.91 4.45 -18.28
C GLU B 240 -14.64 5.27 -19.54
N ALA B 241 -13.66 6.18 -19.48
CA ALA B 241 -13.34 7.06 -20.59
C ALA B 241 -14.60 7.72 -21.15
N ALA B 242 -15.47 8.16 -20.25
CA ALA B 242 -16.73 8.76 -20.66
C ALA B 242 -16.50 10.17 -21.17
N PRO B 243 -16.94 10.49 -22.38
CA PRO B 243 -16.69 11.83 -22.93
C PRO B 243 -17.35 12.91 -22.09
N ALA B 244 -16.63 14.01 -21.92
CA ALA B 244 -17.12 15.15 -21.15
C ALA B 244 -17.87 16.11 -22.06
N GLN B 245 -19.15 16.31 -21.77
CA GLN B 245 -20.00 17.20 -22.55
C GLN B 245 -19.87 18.66 -22.12
N SER B 246 -19.05 18.94 -21.12
CA SER B 246 -18.84 20.29 -20.63
C SER B 246 -17.49 20.31 -19.92
N ASP B 247 -17.08 21.51 -19.50
CA ASP B 247 -15.81 21.64 -18.79
C ASP B 247 -15.93 21.35 -17.30
N VAL B 248 -17.15 21.37 -16.76
CA VAL B 248 -17.37 21.23 -15.33
C VAL B 248 -18.55 20.29 -15.10
N ALA B 249 -18.32 19.20 -14.39
CA ALA B 249 -19.38 18.28 -13.99
C ALA B 249 -19.84 18.62 -12.58
N LEU B 250 -21.14 18.78 -12.40
CA LEU B 250 -21.70 19.10 -11.09
C LEU B 250 -21.87 17.80 -10.30
N LEU B 251 -21.25 17.73 -9.13
CA LEU B 251 -21.35 16.59 -8.25
C LEU B 251 -22.13 16.95 -7.00
N ARG B 252 -22.94 16.02 -6.51
CA ARG B 252 -23.68 16.18 -5.26
C ARG B 252 -23.21 15.12 -4.29
N PHE B 253 -22.84 15.53 -3.08
CA PHE B 253 -22.48 14.58 -2.03
C PHE B 253 -23.76 14.11 -1.36
N VAL B 254 -24.06 12.83 -1.50
CA VAL B 254 -25.37 12.27 -1.19
C VAL B 254 -25.24 11.27 -0.06
N ASN B 255 -26.22 11.27 0.85
CA ASN B 255 -26.38 10.20 1.82
C ASN B 255 -27.29 9.15 1.20
N PRO B 256 -26.79 7.96 0.86
CA PRO B 256 -27.65 6.98 0.18
C PRO B 256 -28.76 6.42 1.05
N ASP B 257 -28.60 6.45 2.37
CA ASP B 257 -29.57 5.86 3.28
C ASP B 257 -30.68 6.83 3.67
N THR B 258 -30.44 8.14 3.57
CA THR B 258 -31.47 9.13 3.82
C THR B 258 -31.87 9.91 2.59
N GLY B 259 -31.07 9.86 1.52
CA GLY B 259 -31.35 10.63 0.32
C GLY B 259 -31.01 12.10 0.41
N ARG B 260 -30.46 12.55 1.54
CA ARG B 260 -30.18 13.96 1.72
C ARG B 260 -28.93 14.37 0.96
N VAL B 261 -28.97 15.56 0.37
CA VAL B 261 -27.82 16.18 -0.27
C VAL B 261 -27.17 17.10 0.75
N LEU B 262 -25.87 16.87 1.01
CA LEU B 262 -25.17 17.65 2.03
C LEU B 262 -24.35 18.79 1.46
N PHE B 263 -23.79 18.64 0.28
CA PHE B 263 -23.20 19.76 -0.45
C PHE B 263 -23.07 19.37 -1.91
N GLU B 264 -22.81 20.37 -2.74
CA GLU B 264 -22.55 20.16 -4.15
C GLU B 264 -21.20 20.76 -4.50
N CYS B 265 -20.58 20.23 -5.55
CA CYS B 265 -19.24 20.66 -5.92
C CYS B 265 -19.05 20.51 -7.43
N LYS B 266 -17.97 21.09 -7.92
CA LYS B 266 -17.65 21.12 -9.33
C LYS B 266 -16.43 20.26 -9.59
N LEU B 267 -16.61 19.20 -10.39
CA LEU B 267 -15.49 18.36 -10.85
C LEU B 267 -15.09 18.87 -12.22
N HIS B 268 -14.03 19.66 -12.26
CA HIS B 268 -13.57 20.22 -13.53
C HIS B 268 -12.98 19.12 -14.40
N LYS B 269 -13.15 19.30 -15.72
CA LYS B 269 -12.86 18.22 -16.67
C LYS B 269 -11.40 17.78 -16.62
N SER B 270 -10.49 18.71 -16.33
CA SER B 270 -9.07 18.38 -16.29
C SER B 270 -8.66 17.64 -15.01
N GLY B 271 -9.57 17.47 -14.06
CA GLY B 271 -9.33 16.57 -12.95
C GLY B 271 -9.05 17.20 -11.59
N TYR B 272 -9.95 18.08 -11.14
CA TYR B 272 -9.90 18.59 -9.78
C TYR B 272 -11.29 19.10 -9.40
N VAL B 273 -11.50 19.32 -8.11
CA VAL B 273 -12.81 19.64 -7.56
C VAL B 273 -12.74 21.00 -6.87
N THR B 274 -13.79 21.81 -7.05
CA THR B 274 -13.94 23.07 -6.34
C THR B 274 -15.25 23.11 -5.58
N VAL B 275 -15.26 23.84 -4.46
CA VAL B 275 -16.42 24.02 -3.62
C VAL B 275 -16.54 25.50 -3.26
N ALA B 276 -17.75 25.91 -2.88
CA ALA B 276 -18.03 27.29 -2.51
C ALA B 276 -17.78 27.45 -1.01
N HIS B 277 -16.61 27.98 -0.64
CA HIS B 277 -16.28 28.17 0.76
C HIS B 277 -15.15 29.16 0.88
N THR B 278 -15.04 29.75 2.07
CA THR B 278 -14.01 30.74 2.39
C THR B 278 -13.28 30.30 3.64
N GLY B 279 -11.98 30.04 3.51
CA GLY B 279 -11.15 29.68 4.64
C GLY B 279 -10.93 28.18 4.75
N GLN B 280 -10.15 27.82 5.77
CA GLN B 280 -9.82 26.43 6.02
C GLN B 280 -10.94 25.75 6.80
N HIS B 281 -11.41 24.62 6.30
CA HIS B 281 -12.56 23.93 6.87
C HIS B 281 -12.42 22.44 6.65
N ASP B 282 -12.48 21.67 7.73
CA ASP B 282 -12.54 20.22 7.64
C ASP B 282 -14.00 19.80 7.54
N LEU B 283 -14.38 19.24 6.39
CA LEU B 283 -15.76 18.90 6.15
C LEU B 283 -16.22 17.81 7.11
N VAL B 284 -17.29 18.09 7.84
CA VAL B 284 -17.93 17.09 8.70
C VAL B 284 -19.05 16.45 7.89
N ILE B 285 -18.83 15.21 7.45
CA ILE B 285 -19.72 14.55 6.50
C ILE B 285 -20.21 13.22 7.10
N PRO B 286 -21.37 12.73 6.70
CA PRO B 286 -21.75 11.36 7.02
C PRO B 286 -20.82 10.39 6.32
N PRO B 287 -20.16 9.49 7.06
CA PRO B 287 -19.17 8.60 6.44
C PRO B 287 -19.76 7.61 5.45
N ASN B 288 -21.08 7.45 5.40
CA ASN B 288 -21.71 6.63 4.39
C ASN B 288 -22.02 7.41 3.11
N GLY B 289 -21.80 8.72 3.09
CA GLY B 289 -22.08 9.51 1.91
C GLY B 289 -21.06 9.29 0.81
N TYR B 290 -21.45 9.69 -0.40
CA TYR B 290 -20.59 9.57 -1.56
C TYR B 290 -20.97 10.64 -2.58
N PHE B 291 -20.16 10.72 -3.64
CA PHE B 291 -20.36 11.71 -4.69
C PHE B 291 -21.21 11.14 -5.82
N ARG B 292 -22.08 11.99 -6.38
CA ARG B 292 -22.99 11.59 -7.44
C ARG B 292 -22.97 12.66 -8.53
N PHE B 293 -22.69 12.24 -9.76
CA PHE B 293 -22.71 13.17 -10.89
C PHE B 293 -24.17 13.43 -11.29
N ASP B 294 -24.56 14.70 -11.26
CA ASP B 294 -25.93 15.08 -11.55
C ASP B 294 -26.11 15.69 -12.94
N SER B 295 -25.27 16.65 -13.32
CA SER B 295 -25.43 17.28 -14.63
C SER B 295 -24.17 18.05 -15.00
N TRP B 296 -23.96 18.22 -16.31
CA TRP B 296 -22.89 19.05 -16.82
C TRP B 296 -23.29 20.52 -16.73
N VAL B 297 -22.37 21.36 -16.27
CA VAL B 297 -22.62 22.79 -16.11
C VAL B 297 -21.45 23.57 -16.70
N ASN B 298 -21.60 24.89 -16.69
CA ASN B 298 -20.52 25.80 -17.07
C ASN B 298 -19.53 25.95 -15.92
N GLN B 299 -18.43 26.63 -16.18
CA GLN B 299 -17.49 26.93 -15.10
C GLN B 299 -17.93 28.14 -14.28
N PHE B 300 -19.09 28.72 -14.57
CA PHE B 300 -19.59 29.90 -13.87
C PHE B 300 -20.91 29.62 -13.15
N TYR B 301 -21.37 28.38 -13.17
CA TYR B 301 -22.41 27.93 -12.27
C TYR B 301 -22.03 28.29 -10.84
N THR B 302 -22.95 28.92 -10.12
CA THR B 302 -22.71 29.33 -8.74
C THR B 302 -23.17 28.21 -7.82
N LEU B 303 -22.21 27.59 -7.11
CA LEU B 303 -22.52 26.49 -6.22
C LEU B 303 -23.29 26.98 -4.99
N ALA B 304 -24.13 26.10 -4.46
CA ALA B 304 -24.73 26.37 -3.17
C ALA B 304 -23.64 26.45 -2.12
N PRO B 305 -23.66 27.45 -1.24
CA PRO B 305 -22.60 27.57 -0.24
C PRO B 305 -22.49 26.33 0.64
N MET B 306 -21.25 25.95 0.93
CA MET B 306 -20.95 24.79 1.77
C MET B 306 -20.32 25.35 3.05
N GLY B 307 -21.16 25.60 4.05
CA GLY B 307 -20.71 26.27 5.27
C GLY B 307 -19.98 25.38 6.25
N GLN C 1 17.59 -11.35 -17.07
CA GLN C 1 18.81 -11.89 -17.67
C GLN C 1 18.50 -12.80 -18.86
N VAL C 2 17.66 -12.31 -19.76
CA VAL C 2 17.30 -13.07 -20.94
C VAL C 2 18.51 -13.19 -21.87
N GLN C 3 18.64 -14.35 -22.51
CA GLN C 3 19.59 -14.55 -23.59
C GLN C 3 18.82 -14.81 -24.89
N LEU C 4 19.46 -14.49 -26.01
CA LEU C 4 18.93 -14.85 -27.32
C LEU C 4 19.84 -15.92 -27.93
N VAL C 5 19.27 -17.09 -28.21
CA VAL C 5 20.02 -18.22 -28.75
C VAL C 5 19.53 -18.48 -30.15
N GLN C 6 20.45 -18.48 -31.10
CA GLN C 6 20.12 -18.63 -32.52
C GLN C 6 20.40 -20.05 -33.00
N SER C 7 19.73 -20.41 -34.09
CA SER C 7 19.92 -21.71 -34.71
C SER C 7 21.32 -21.83 -35.30
N GLY C 8 21.69 -23.05 -35.68
CA GLY C 8 23.04 -23.34 -36.09
C GLY C 8 23.34 -22.86 -37.49
N PRO C 9 24.60 -23.03 -37.89
CA PRO C 9 25.03 -22.56 -39.22
C PRO C 9 24.33 -23.29 -40.35
N GLU C 10 24.23 -22.61 -41.49
CA GLU C 10 23.47 -23.10 -42.63
C GLU C 10 24.30 -22.94 -43.90
N VAL C 11 24.34 -23.99 -44.71
CA VAL C 11 24.89 -23.94 -46.06
C VAL C 11 23.72 -24.16 -47.02
N LYS C 12 23.53 -23.23 -47.94
CA LYS C 12 22.33 -23.20 -48.78
C LYS C 12 22.70 -22.98 -50.23
N LYS C 13 22.00 -23.69 -51.12
CA LYS C 13 22.15 -23.45 -52.55
C LYS C 13 21.49 -22.11 -52.92
N PRO C 14 22.00 -21.42 -53.94
CA PRO C 14 21.35 -20.19 -54.38
C PRO C 14 19.94 -20.46 -54.87
N GLY C 15 19.06 -19.49 -54.61
CA GLY C 15 17.65 -19.63 -54.89
C GLY C 15 16.83 -20.22 -53.77
N SER C 16 17.47 -20.87 -52.80
CA SER C 16 16.74 -21.46 -51.69
C SER C 16 16.36 -20.39 -50.66
N SER C 17 15.75 -20.84 -49.57
CA SER C 17 15.39 -19.98 -48.46
C SER C 17 15.99 -20.54 -47.18
N VAL C 18 16.48 -19.65 -46.33
CA VAL C 18 16.99 -20.02 -45.01
C VAL C 18 16.07 -19.38 -43.96
N LYS C 19 15.82 -20.12 -42.88
CA LYS C 19 15.00 -19.63 -41.78
C LYS C 19 15.83 -19.74 -40.51
N VAL C 20 16.31 -18.59 -40.03
CA VAL C 20 17.09 -18.52 -38.81
C VAL C 20 16.16 -18.21 -37.65
N SER C 21 16.24 -19.01 -36.59
CA SER C 21 15.45 -18.78 -35.39
C SER C 21 16.28 -18.06 -34.34
N CYS C 22 15.59 -17.30 -33.50
CA CYS C 22 16.22 -16.56 -32.40
C CYS C 22 15.36 -16.77 -31.17
N LYS C 23 15.79 -17.67 -30.28
CA LYS C 23 14.97 -18.11 -29.17
C LYS C 23 15.24 -17.29 -27.91
N ALA C 24 14.17 -16.73 -27.34
CA ALA C 24 14.27 -16.08 -26.04
C ALA C 24 14.46 -17.13 -24.95
N SER C 25 15.50 -16.96 -24.13
CA SER C 25 15.84 -17.91 -23.09
C SER C 25 16.12 -17.19 -21.79
N GLY C 26 15.56 -17.71 -20.70
CA GLY C 26 15.69 -17.03 -19.42
C GLY C 26 14.83 -15.80 -19.27
N GLY C 27 13.79 -15.68 -20.08
CA GLY C 27 12.95 -14.52 -20.07
C GLY C 27 12.21 -14.40 -21.39
N THR C 28 11.48 -13.30 -21.52
CA THR C 28 10.72 -13.00 -22.73
C THR C 28 11.15 -11.63 -23.27
N VAL C 29 10.92 -11.44 -24.57
CA VAL C 29 11.29 -10.20 -25.24
C VAL C 29 10.15 -9.72 -26.13
N SER C 30 8.94 -10.21 -25.84
CA SER C 30 7.82 -9.99 -26.76
C SER C 30 7.38 -8.53 -26.81
N SER C 31 7.59 -7.78 -25.73
CA SER C 31 7.22 -6.37 -25.72
C SER C 31 8.31 -5.46 -26.25
N TYR C 32 9.42 -6.02 -26.73
CA TYR C 32 10.56 -5.26 -27.23
C TYR C 32 10.59 -5.29 -28.75
N ALA C 33 11.34 -4.35 -29.31
CA ALA C 33 11.67 -4.40 -30.74
C ALA C 33 12.85 -5.33 -30.94
N ILE C 34 12.64 -6.39 -31.71
CA ILE C 34 13.69 -7.36 -32.03
C ILE C 34 14.19 -7.04 -33.43
N SER C 35 15.49 -6.82 -33.56
CA SER C 35 16.10 -6.45 -34.83
C SER C 35 16.88 -7.63 -35.40
N TRP C 36 16.95 -7.69 -36.73
CA TRP C 36 17.79 -8.65 -37.42
C TRP C 36 18.86 -7.89 -38.20
N VAL C 37 20.11 -8.07 -37.80
CA VAL C 37 21.25 -7.36 -38.38
C VAL C 37 22.18 -8.40 -38.96
N ARG C 38 22.71 -8.12 -40.16
CA ARG C 38 23.60 -9.05 -40.82
C ARG C 38 24.97 -8.41 -41.04
N GLN C 39 26.00 -9.24 -40.98
CA GLN C 39 27.38 -8.83 -41.19
C GLN C 39 27.93 -9.61 -42.38
N ALA C 40 27.90 -9.00 -43.52
CA ALA C 40 28.56 -9.61 -44.67
C ALA C 40 29.97 -9.06 -44.81
N PRO C 41 30.91 -9.87 -45.31
CA PRO C 41 32.29 -9.38 -45.49
C PRO C 41 32.36 -8.12 -46.32
N GLY C 42 32.94 -7.07 -45.74
CA GLY C 42 33.10 -5.80 -46.40
C GLY C 42 31.92 -4.84 -46.24
N GLN C 43 30.83 -5.26 -45.60
CA GLN C 43 29.63 -4.45 -45.50
C GLN C 43 29.27 -4.08 -44.07
N GLY C 44 30.23 -4.20 -43.14
CA GLY C 44 29.98 -3.83 -41.75
C GLY C 44 28.73 -4.50 -41.20
N LEU C 45 27.92 -3.72 -40.51
CA LEU C 45 26.62 -4.17 -40.01
C LEU C 45 25.51 -3.50 -40.82
N GLU C 46 24.47 -4.26 -41.12
CA GLU C 46 23.33 -3.71 -41.84
C GLU C 46 22.03 -4.21 -41.22
N TRP C 47 21.13 -3.28 -40.94
CA TRP C 47 19.83 -3.59 -40.37
C TRP C 47 18.91 -4.11 -41.47
N MET C 48 18.47 -5.36 -41.34
CA MET C 48 17.54 -5.93 -42.33
C MET C 48 16.10 -5.57 -42.01
N GLY C 49 15.74 -5.58 -40.73
CA GLY C 49 14.37 -5.35 -40.33
C GLY C 49 14.16 -5.80 -38.90
N GLY C 50 12.91 -5.67 -38.46
CA GLY C 50 12.60 -6.03 -37.10
C GLY C 50 11.12 -6.31 -36.89
N ILE C 51 10.81 -6.80 -35.70
CA ILE C 51 9.44 -7.15 -35.33
C ILE C 51 9.24 -6.78 -33.85
N ILE C 52 8.04 -6.31 -33.54
CA ILE C 52 7.58 -6.22 -32.16
C ILE C 52 6.58 -7.35 -31.95
N PRO C 53 6.98 -8.43 -31.27
CA PRO C 53 6.12 -9.64 -31.25
C PRO C 53 4.72 -9.41 -30.73
N ILE C 54 4.54 -8.71 -29.60
CA ILE C 54 3.19 -8.58 -29.03
C ILE C 54 2.26 -7.82 -29.95
N PHE C 55 2.80 -6.98 -30.84
CA PHE C 55 1.99 -6.31 -31.85
C PHE C 55 1.95 -7.05 -33.17
N ASP C 56 2.83 -8.04 -33.36
CA ASP C 56 3.01 -8.74 -34.64
C ASP C 56 3.10 -7.74 -35.80
N THR C 57 3.85 -6.67 -35.60
CA THR C 57 4.12 -5.70 -36.65
C THR C 57 5.60 -5.76 -37.01
N THR C 58 5.88 -5.70 -38.30
CA THR C 58 7.23 -5.79 -38.81
C THR C 58 7.58 -4.52 -39.56
N ASN C 59 8.88 -4.30 -39.72
CA ASN C 59 9.42 -3.18 -40.50
C ASN C 59 10.67 -3.68 -41.19
N TYR C 60 10.68 -3.66 -42.52
CA TYR C 60 11.78 -4.19 -43.31
C TYR C 60 12.49 -3.07 -44.04
N ALA C 61 13.82 -3.10 -44.02
CA ALA C 61 14.59 -2.24 -44.89
C ALA C 61 14.23 -2.51 -46.35
N GLN C 62 14.22 -1.45 -47.15
CA GLN C 62 13.80 -1.56 -48.54
C GLN C 62 14.65 -2.54 -49.32
N LYS C 63 15.94 -2.65 -48.97
CA LYS C 63 16.84 -3.55 -49.68
C LYS C 63 16.37 -5.00 -49.61
N PHE C 64 15.62 -5.37 -48.56
CA PHE C 64 15.21 -6.75 -48.35
C PHE C 64 13.71 -6.95 -48.43
N GLN C 65 12.96 -5.96 -48.95
CA GLN C 65 11.51 -5.96 -48.83
C GLN C 65 10.89 -7.26 -49.34
N GLY C 66 11.17 -7.62 -50.59
CA GLY C 66 10.54 -8.79 -51.16
C GLY C 66 11.12 -10.13 -50.74
N ARG C 67 12.14 -10.14 -49.87
CA ARG C 67 12.85 -11.36 -49.57
C ARG C 67 12.88 -11.76 -48.10
N VAL C 68 12.70 -10.82 -47.18
CA VAL C 68 12.78 -11.11 -45.75
C VAL C 68 11.39 -11.20 -45.16
N THR C 69 11.19 -12.21 -44.30
CA THR C 69 9.97 -12.35 -43.53
C THR C 69 10.37 -12.64 -42.08
N ILE C 70 9.93 -11.78 -41.17
CA ILE C 70 10.19 -11.97 -39.74
C ILE C 70 8.87 -12.32 -39.06
N THR C 71 8.86 -13.46 -38.38
CA THR C 71 7.74 -13.89 -37.56
C THR C 71 8.20 -14.01 -36.12
N ALA C 72 7.24 -14.02 -35.19
CA ALA C 72 7.58 -14.06 -33.78
C ALA C 72 6.39 -14.59 -32.99
N ASP C 73 6.69 -15.10 -31.80
CA ASP C 73 5.65 -15.55 -30.88
C ASP C 73 5.22 -14.39 -29.99
N GLU C 74 3.91 -14.24 -29.83
CA GLU C 74 3.36 -13.08 -29.14
C GLU C 74 3.75 -13.03 -27.66
N SER C 75 4.02 -14.18 -27.06
CA SER C 75 4.27 -14.25 -25.62
C SER C 75 5.75 -14.35 -25.27
N THR C 76 6.49 -15.24 -25.93
CA THR C 76 7.91 -15.39 -25.61
C THR C 76 8.77 -14.34 -26.29
N GLY C 77 8.37 -13.89 -27.49
CA GLY C 77 9.19 -13.01 -28.28
C GLY C 77 10.18 -13.71 -29.19
N THR C 78 10.30 -15.03 -29.07
CA THR C 78 11.13 -15.82 -29.98
C THR C 78 10.72 -15.56 -31.42
N SER C 79 11.70 -15.30 -32.28
CA SER C 79 11.44 -14.89 -33.65
C SER C 79 12.20 -15.76 -34.62
N ASP C 80 11.69 -15.80 -35.85
CA ASP C 80 12.37 -16.42 -36.98
C ASP C 80 12.56 -15.37 -38.07
N MET C 81 13.66 -15.51 -38.81
CA MET C 81 13.93 -14.66 -39.96
C MET C 81 14.14 -15.56 -41.17
N GLU C 82 13.27 -15.42 -42.17
CA GLU C 82 13.38 -16.16 -43.41
C GLU C 82 13.84 -15.22 -44.52
N LEU C 83 14.95 -15.58 -45.17
CA LEU C 83 15.46 -14.84 -46.31
C LEU C 83 15.36 -15.72 -47.55
N SER C 84 14.62 -15.25 -48.54
CA SER C 84 14.30 -16.03 -49.73
C SER C 84 15.24 -15.70 -50.88
N SER C 85 15.20 -16.55 -51.90
CA SER C 85 15.99 -16.39 -53.13
C SER C 85 17.44 -16.04 -52.83
N LEU C 86 18.10 -16.91 -52.07
CA LEU C 86 19.45 -16.63 -51.62
C LEU C 86 20.42 -16.54 -52.79
N ARG C 87 21.32 -15.56 -52.72
CA ARG C 87 22.44 -15.43 -53.64
C ARG C 87 23.74 -15.46 -52.84
N SER C 88 24.87 -15.55 -53.55
CA SER C 88 26.15 -15.68 -52.87
C SER C 88 26.49 -14.46 -52.03
N GLU C 89 26.00 -13.28 -52.42
CA GLU C 89 26.23 -12.08 -51.62
C GLU C 89 25.45 -12.09 -50.31
N ASP C 90 24.52 -13.04 -50.13
CA ASP C 90 23.84 -13.19 -48.84
C ASP C 90 24.66 -13.97 -47.84
N THR C 91 25.81 -14.52 -48.25
CA THR C 91 26.72 -15.16 -47.30
C THR C 91 27.11 -14.15 -46.23
N ALA C 92 26.74 -14.42 -44.99
CA ALA C 92 26.93 -13.46 -43.92
C ALA C 92 26.64 -14.12 -42.59
N VAL C 93 27.00 -13.43 -41.52
CA VAL C 93 26.54 -13.78 -40.18
C VAL C 93 25.29 -12.95 -39.89
N TYR C 94 24.22 -13.62 -39.49
CA TYR C 94 22.95 -12.97 -39.20
C TYR C 94 22.74 -12.96 -37.69
N TYR C 95 22.47 -11.79 -37.13
CA TYR C 95 22.25 -11.61 -35.71
C TYR C 95 20.81 -11.19 -35.43
N CYS C 96 20.30 -11.61 -34.28
CA CYS C 96 19.10 -11.01 -33.71
C CYS C 96 19.50 -10.20 -32.48
N ALA C 97 18.78 -9.10 -32.25
CA ALA C 97 19.13 -8.18 -31.18
C ALA C 97 17.86 -7.56 -30.62
N ARG C 98 17.90 -7.24 -29.33
CA ARG C 98 16.77 -6.68 -28.61
C ARG C 98 17.13 -5.30 -28.08
N ASP C 99 16.22 -4.35 -28.27
CA ASP C 99 16.34 -3.04 -27.63
C ASP C 99 16.46 -3.21 -26.11
N ARG C 100 17.14 -2.25 -25.47
CA ARG C 100 17.27 -2.31 -24.02
C ARG C 100 15.99 -1.91 -23.29
N VAL C 101 15.05 -1.27 -23.98
CA VAL C 101 13.78 -0.89 -23.37
C VAL C 101 12.64 -1.35 -24.27
N PRO C 102 11.51 -1.77 -23.71
CA PRO C 102 10.42 -2.29 -24.56
C PRO C 102 9.73 -1.19 -25.33
N SER C 103 9.09 -1.61 -26.42
CA SER C 103 8.28 -0.69 -27.23
C SER C 103 6.85 -0.57 -26.71
N TYR C 104 6.46 -1.40 -25.75
CA TYR C 104 5.15 -1.34 -25.12
C TYR C 104 5.31 -1.12 -23.63
N SER C 105 4.47 -0.25 -23.07
CA SER C 105 4.42 -0.02 -21.64
C SER C 105 2.97 0.13 -21.21
N PRO C 106 2.63 -0.32 -20.01
CA PRO C 106 1.21 -0.41 -19.63
C PRO C 106 0.54 0.90 -19.27
N SER C 107 -0.29 1.42 -20.19
CA SER C 107 -1.28 2.48 -19.92
C SER C 107 -1.96 2.89 -21.23
N ALA C 115 9.23 8.13 -39.75
CA ALA C 115 8.50 7.85 -38.53
C ALA C 115 9.31 6.98 -37.58
N MET C 116 8.81 6.81 -36.35
CA MET C 116 9.54 6.11 -35.30
C MET C 116 9.11 4.66 -35.23
N TRP C 117 10.10 3.76 -35.10
CA TRP C 117 9.87 2.34 -34.91
C TRP C 117 10.73 1.86 -33.76
N GLY C 118 10.12 1.09 -32.85
CA GLY C 118 10.86 0.54 -31.73
C GLY C 118 11.48 1.62 -30.88
N LYS C 119 12.61 1.27 -30.26
CA LYS C 119 13.29 2.21 -29.37
C LYS C 119 14.73 2.43 -29.80
N TYR C 120 15.69 1.88 -29.06
CA TYR C 120 17.10 2.21 -29.25
C TYR C 120 17.93 1.26 -28.41
N GLY C 121 19.25 1.36 -28.56
CA GLY C 121 20.20 0.67 -27.71
C GLY C 121 20.03 -0.83 -27.63
N MET C 122 20.36 -1.53 -28.72
CA MET C 122 20.26 -2.98 -28.75
C MET C 122 21.35 -3.59 -27.88
N ASP C 123 20.97 -4.07 -26.69
CA ASP C 123 21.95 -4.53 -25.72
C ASP C 123 21.98 -6.04 -25.52
N VAL C 124 20.99 -6.79 -25.99
CA VAL C 124 21.00 -8.24 -25.93
C VAL C 124 21.07 -8.77 -27.36
N TRP C 125 22.14 -9.50 -27.65
CA TRP C 125 22.41 -10.01 -28.99
C TRP C 125 22.47 -11.54 -28.97
N GLY C 126 21.90 -12.15 -30.00
CA GLY C 126 22.16 -13.55 -30.25
C GLY C 126 23.62 -13.78 -30.60
N GLN C 127 24.02 -15.05 -30.62
CA GLN C 127 25.41 -15.39 -30.89
C GLN C 127 25.72 -15.38 -32.38
N GLY C 128 24.74 -15.13 -33.24
CA GLY C 128 24.97 -15.11 -34.67
C GLY C 128 24.77 -16.45 -35.32
N THR C 129 24.39 -16.42 -36.59
CA THR C 129 24.21 -17.61 -37.41
C THR C 129 24.90 -17.39 -38.75
N LEU C 130 25.88 -18.24 -39.05
CA LEU C 130 26.56 -18.15 -40.34
C LEU C 130 25.73 -18.85 -41.40
N VAL C 131 25.40 -18.13 -42.46
CA VAL C 131 24.71 -18.69 -43.62
C VAL C 131 25.63 -18.54 -44.82
N THR C 132 26.06 -19.67 -45.39
CA THR C 132 26.90 -19.68 -46.58
C THR C 132 26.03 -20.09 -47.77
N VAL C 133 25.97 -19.23 -48.78
CA VAL C 133 25.20 -19.49 -49.98
C VAL C 133 26.18 -19.87 -51.10
N SER C 134 26.01 -21.08 -51.62
CA SER C 134 26.92 -21.63 -52.61
C SER C 134 26.27 -22.85 -53.26
N SER C 135 26.62 -23.10 -54.51
CA SER C 135 26.20 -24.30 -55.20
C SER C 135 27.25 -25.41 -55.12
N ALA C 136 28.41 -25.12 -54.55
CA ALA C 136 29.47 -26.12 -54.45
C ALA C 136 29.03 -27.27 -53.57
N SER C 137 29.60 -28.45 -53.84
CA SER C 137 29.34 -29.63 -53.03
C SER C 137 30.38 -29.72 -51.92
N PHE C 138 29.99 -30.35 -50.81
CA PHE C 138 30.93 -30.57 -49.72
C PHE C 138 32.12 -31.38 -50.23
N LYS C 139 33.32 -30.96 -49.83
CA LYS C 139 34.54 -31.55 -50.36
C LYS C 139 35.67 -31.30 -49.40
N GLY C 140 36.39 -32.38 -49.05
CA GLY C 140 37.59 -32.26 -48.26
C GLY C 140 38.72 -31.66 -49.08
N PRO C 141 39.72 -31.12 -48.41
CA PRO C 141 40.83 -30.46 -49.12
C PRO C 141 41.92 -31.43 -49.54
N SER C 142 42.65 -31.01 -50.58
CA SER C 142 43.95 -31.57 -50.87
C SER C 142 44.98 -30.83 -50.02
N VAL C 143 45.96 -31.56 -49.51
CA VAL C 143 46.98 -31.00 -48.64
C VAL C 143 48.33 -31.23 -49.30
N PHE C 144 48.91 -30.17 -49.85
CA PHE C 144 50.22 -30.16 -50.48
C PHE C 144 51.24 -29.49 -49.58
N PRO C 145 52.47 -29.98 -49.55
CA PRO C 145 53.49 -29.38 -48.69
C PRO C 145 54.09 -28.13 -49.30
N LEU C 146 54.52 -27.23 -48.42
CA LEU C 146 55.29 -26.04 -48.79
C LEU C 146 56.69 -26.27 -48.22
N ALA C 147 57.59 -26.79 -49.07
CA ALA C 147 58.89 -27.25 -48.61
C ALA C 147 59.71 -26.09 -48.03
N PRO C 148 60.56 -26.37 -47.04
CA PRO C 148 61.26 -25.28 -46.34
C PRO C 148 62.06 -24.39 -47.28
N SER C 149 62.07 -23.10 -46.96
CA SER C 149 62.77 -22.08 -47.73
C SER C 149 64.23 -22.44 -47.97
N SER C 154 72.50 -22.15 -45.06
CA SER C 154 71.88 -22.38 -43.76
C SER C 154 71.95 -21.13 -42.89
N GLY C 155 71.72 -21.29 -41.59
CA GLY C 155 71.61 -20.16 -40.69
C GLY C 155 70.30 -19.42 -40.87
N GLY C 156 69.97 -18.63 -39.85
CA GLY C 156 68.76 -17.83 -39.92
C GLY C 156 67.49 -18.65 -39.82
N THR C 157 66.44 -18.13 -40.45
CA THR C 157 65.09 -18.67 -40.33
C THR C 157 64.68 -19.39 -41.59
N ALA C 158 64.01 -20.53 -41.43
CA ALA C 158 63.34 -21.22 -42.53
C ALA C 158 61.83 -21.12 -42.37
N ALA C 159 61.14 -20.97 -43.48
CA ALA C 159 59.68 -20.99 -43.50
C ALA C 159 59.21 -22.22 -44.24
N LEU C 160 58.18 -22.87 -43.70
CA LEU C 160 57.56 -24.04 -44.31
C LEU C 160 56.08 -23.98 -44.03
N GLY C 161 55.32 -24.86 -44.68
CA GLY C 161 53.89 -24.88 -44.45
C GLY C 161 53.17 -25.96 -45.24
N CYS C 162 51.86 -25.80 -45.34
CA CYS C 162 50.97 -26.72 -46.04
C CYS C 162 49.93 -25.93 -46.81
N LEU C 163 49.79 -26.24 -48.09
CA LEU C 163 48.73 -25.68 -48.92
C LEU C 163 47.48 -26.54 -48.77
N VAL C 164 46.42 -25.96 -48.22
CA VAL C 164 45.15 -26.65 -47.98
C VAL C 164 44.17 -26.14 -49.03
N LYS C 165 44.01 -26.90 -50.11
CA LYS C 165 43.38 -26.38 -51.32
C LYS C 165 42.10 -27.13 -51.66
N ASP C 166 41.14 -26.39 -52.21
CA ASP C 166 39.93 -26.93 -52.84
C ASP C 166 39.05 -27.69 -51.87
N TYR C 167 38.52 -27.00 -50.86
CA TYR C 167 37.59 -27.60 -49.92
C TYR C 167 36.34 -26.72 -49.82
N PHE C 168 35.27 -27.31 -49.28
CA PHE C 168 34.02 -26.59 -49.08
C PHE C 168 33.17 -27.38 -48.10
N PRO C 169 32.50 -26.72 -47.14
CA PRO C 169 32.62 -25.27 -46.93
C PRO C 169 33.64 -24.94 -45.84
N GLU C 170 33.63 -23.68 -45.40
CA GLU C 170 34.35 -23.31 -44.21
C GLU C 170 33.66 -23.92 -42.98
N PRO C 171 34.41 -24.15 -41.88
CA PRO C 171 35.82 -23.85 -41.67
C PRO C 171 36.71 -25.08 -41.77
N VAL C 172 38.02 -24.88 -41.60
CA VAL C 172 38.97 -25.98 -41.51
C VAL C 172 39.94 -25.66 -40.37
N THR C 173 40.43 -26.71 -39.73
CA THR C 173 41.40 -26.61 -38.64
C THR C 173 42.75 -27.13 -39.13
N VAL C 174 43.80 -26.37 -38.85
CA VAL C 174 45.16 -26.81 -39.13
C VAL C 174 45.96 -26.73 -37.84
N SER C 175 46.65 -27.82 -37.52
CA SER C 175 47.58 -27.85 -36.40
C SER C 175 48.91 -28.39 -36.90
N TRP C 176 49.95 -28.18 -36.11
CA TRP C 176 51.30 -28.60 -36.46
C TRP C 176 51.83 -29.53 -35.39
N ASN C 177 52.33 -30.69 -35.83
CA ASN C 177 52.85 -31.72 -34.93
C ASN C 177 51.82 -32.04 -33.84
N SER C 178 50.57 -32.20 -34.26
CA SER C 178 49.45 -32.57 -33.39
C SER C 178 49.29 -31.58 -32.22
N GLY C 179 49.45 -30.29 -32.53
CA GLY C 179 49.21 -29.25 -31.55
C GLY C 179 50.41 -28.87 -30.70
N ALA C 180 51.53 -29.58 -30.83
CA ALA C 180 52.70 -29.27 -30.02
C ALA C 180 53.49 -28.08 -30.55
N LEU C 181 53.41 -27.81 -31.86
CA LEU C 181 54.07 -26.67 -32.46
C LEU C 181 53.04 -25.57 -32.70
N THR C 182 53.11 -24.51 -31.89
CA THR C 182 52.20 -23.38 -32.01
C THR C 182 52.91 -22.05 -32.23
N SER C 183 54.19 -21.94 -31.89
CA SER C 183 54.92 -20.69 -32.01
C SER C 183 55.27 -20.42 -33.46
N GLY C 184 55.02 -19.19 -33.91
CA GLY C 184 55.34 -18.81 -35.27
C GLY C 184 54.44 -19.39 -36.33
N VAL C 185 53.32 -20.00 -35.94
CA VAL C 185 52.37 -20.54 -36.92
C VAL C 185 51.42 -19.44 -37.35
N HIS C 186 51.25 -19.29 -38.66
CA HIS C 186 50.20 -18.46 -39.24
C HIS C 186 49.35 -19.33 -40.15
N THR C 187 48.08 -19.48 -39.79
CA THR C 187 47.10 -20.13 -40.64
C THR C 187 46.25 -19.03 -41.26
N PHE C 188 46.43 -18.81 -42.56
CA PHE C 188 45.83 -17.65 -43.21
C PHE C 188 44.34 -17.84 -43.40
N PRO C 189 43.56 -16.75 -43.35
CA PRO C 189 42.15 -16.84 -43.70
C PRO C 189 41.99 -17.37 -45.12
N ALA C 190 40.98 -18.23 -45.31
CA ALA C 190 40.78 -18.84 -46.61
C ALA C 190 40.23 -17.84 -47.60
N VAL C 191 40.59 -18.01 -48.87
CA VAL C 191 40.03 -17.21 -49.95
C VAL C 191 39.14 -18.11 -50.79
N LEU C 192 38.07 -17.53 -51.30
CA LEU C 192 37.14 -18.23 -52.18
C LEU C 192 37.67 -18.15 -53.61
N GLN C 193 37.92 -19.31 -54.21
CA GLN C 193 38.42 -19.37 -55.57
C GLN C 193 37.29 -19.26 -56.58
N SER C 194 37.66 -18.99 -57.83
CA SER C 194 36.74 -18.95 -58.97
C SER C 194 35.86 -20.20 -59.01
N SER C 195 36.42 -21.33 -58.57
CA SER C 195 35.70 -22.60 -58.58
C SER C 195 34.61 -22.70 -57.53
N GLY C 196 34.52 -21.73 -56.62
CA GLY C 196 33.64 -21.85 -55.47
C GLY C 196 34.22 -22.65 -54.33
N LEU C 197 35.47 -23.10 -54.44
CA LEU C 197 36.14 -23.85 -53.39
C LEU C 197 37.12 -22.95 -52.65
N TYR C 198 37.30 -23.22 -51.37
CA TYR C 198 38.19 -22.43 -50.54
C TYR C 198 39.63 -22.97 -50.61
N SER C 199 40.57 -22.10 -50.23
CA SER C 199 41.98 -22.45 -50.25
C SER C 199 42.72 -21.58 -49.25
N LEU C 200 43.62 -22.19 -48.49
CA LEU C 200 44.46 -21.45 -47.57
C LEU C 200 45.80 -22.14 -47.43
N SER C 201 46.77 -21.38 -46.92
CA SER C 201 48.05 -21.91 -46.49
C SER C 201 48.20 -21.68 -45.00
N SER C 202 48.74 -22.69 -44.32
CA SER C 202 49.22 -22.55 -42.95
C SER C 202 50.74 -22.63 -42.99
N VAL C 203 51.40 -21.61 -42.43
CA VAL C 203 52.86 -21.53 -42.48
C VAL C 203 53.42 -21.55 -41.06
N VAL C 204 54.70 -21.87 -40.96
CA VAL C 204 55.41 -21.78 -39.70
C VAL C 204 56.87 -21.48 -40.00
N THR C 205 57.48 -20.64 -39.18
CA THR C 205 58.90 -20.32 -39.29
C THR C 205 59.65 -20.97 -38.14
N VAL C 206 60.76 -21.62 -38.47
CA VAL C 206 61.63 -22.28 -37.50
C VAL C 206 63.07 -21.96 -37.84
N PRO C 207 63.98 -22.08 -36.87
CA PRO C 207 65.40 -21.90 -37.19
C PRO C 207 65.85 -22.93 -38.23
N SER C 208 66.64 -22.46 -39.19
CA SER C 208 67.12 -23.34 -40.26
C SER C 208 67.89 -24.53 -39.68
N SER C 209 68.52 -24.36 -38.52
CA SER C 209 69.27 -25.45 -37.91
C SER C 209 68.36 -26.61 -37.51
N SER C 210 67.07 -26.34 -37.28
CA SER C 210 66.13 -27.38 -36.87
C SER C 210 65.72 -28.30 -38.01
N LEU C 211 66.05 -27.95 -39.26
CA LEU C 211 65.52 -28.70 -40.39
C LEU C 211 66.06 -30.12 -40.45
N GLY C 212 67.27 -30.34 -39.91
CA GLY C 212 67.80 -31.70 -39.86
C GLY C 212 67.32 -32.49 -38.66
N THR C 213 67.07 -31.82 -37.54
CA THR C 213 66.71 -32.52 -36.31
C THR C 213 65.21 -32.78 -36.23
N GLN C 214 64.39 -31.74 -36.36
CA GLN C 214 62.96 -31.82 -36.10
C GLN C 214 62.17 -32.15 -37.35
N THR C 215 61.11 -32.92 -37.17
CA THR C 215 60.14 -33.22 -38.23
C THR C 215 58.93 -32.33 -38.09
N TYR C 216 58.28 -32.05 -39.22
CA TYR C 216 57.18 -31.09 -39.27
C TYR C 216 56.02 -31.70 -40.04
N ILE C 217 54.88 -31.83 -39.37
CA ILE C 217 53.68 -32.44 -39.92
C ILE C 217 52.50 -31.53 -39.66
N CYS C 218 51.84 -31.07 -40.72
CA CYS C 218 50.60 -30.32 -40.56
C CYS C 218 49.43 -31.29 -40.49
N ASN C 219 48.56 -31.07 -39.53
CA ASN C 219 47.38 -31.90 -39.32
C ASN C 219 46.16 -31.10 -39.73
N VAL C 220 45.55 -31.49 -40.85
CA VAL C 220 44.40 -30.78 -41.40
C VAL C 220 43.12 -31.53 -41.00
N ASN C 221 42.17 -30.79 -40.45
CA ASN C 221 40.89 -31.35 -40.03
C ASN C 221 39.76 -30.50 -40.62
N HIS C 222 39.17 -30.98 -41.71
CA HIS C 222 38.00 -30.36 -42.31
C HIS C 222 36.78 -31.12 -41.80
N LYS C 223 36.23 -30.64 -40.68
CA LYS C 223 35.10 -31.32 -40.06
C LYS C 223 33.87 -31.42 -40.96
N PRO C 224 33.44 -30.38 -41.69
CA PRO C 224 32.22 -30.50 -42.50
C PRO C 224 32.24 -31.65 -43.50
N SER C 225 33.41 -32.12 -43.92
CA SER C 225 33.51 -33.24 -44.85
C SER C 225 34.04 -34.50 -44.21
N ASN C 226 34.33 -34.48 -42.91
CA ASN C 226 34.92 -35.63 -42.20
C ASN C 226 36.26 -36.03 -42.83
N THR C 227 37.08 -35.04 -43.14
CA THR C 227 38.39 -35.26 -43.74
C THR C 227 39.47 -34.86 -42.76
N LYS C 228 40.26 -35.84 -42.31
CA LYS C 228 41.48 -35.59 -41.56
C LYS C 228 42.66 -36.08 -42.38
N VAL C 229 43.63 -35.19 -42.62
CA VAL C 229 44.81 -35.51 -43.42
C VAL C 229 46.03 -34.95 -42.72
N ASP C 230 47.07 -35.78 -42.59
CA ASP C 230 48.38 -35.35 -42.14
C ASP C 230 49.34 -35.33 -43.32
N LYS C 231 50.21 -34.32 -43.35
CA LYS C 231 51.22 -34.21 -44.40
C LYS C 231 52.55 -33.84 -43.75
N LYS C 232 53.56 -34.70 -43.96
CA LYS C 232 54.91 -34.37 -43.53
C LYS C 232 55.52 -33.39 -44.52
N VAL C 233 56.10 -32.31 -44.00
CA VAL C 233 56.77 -31.30 -44.81
C VAL C 233 58.27 -31.54 -44.72
N GLU C 234 58.90 -31.81 -45.85
CA GLU C 234 60.28 -32.25 -45.87
C GLU C 234 61.13 -31.36 -46.77
N PRO C 235 62.36 -31.03 -46.35
CA PRO C 235 63.33 -30.29 -47.17
C PRO C 235 63.81 -31.08 -48.36
N ASP D 1 17.05 7.40 -46.75
CA ASP D 1 17.62 6.85 -45.53
C ASP D 1 18.73 7.75 -44.97
N ILE D 2 18.83 7.81 -43.64
CA ILE D 2 19.88 8.59 -43.00
C ILE D 2 21.22 7.91 -43.20
N VAL D 3 22.20 8.67 -43.69
CA VAL D 3 23.54 8.15 -43.96
C VAL D 3 24.44 8.50 -42.80
N MET D 4 25.09 7.49 -42.23
CA MET D 4 26.05 7.67 -41.14
C MET D 4 27.45 7.46 -41.67
N THR D 5 28.33 8.44 -41.43
CA THR D 5 29.71 8.36 -41.88
C THR D 5 30.63 8.53 -40.68
N GLN D 6 31.51 7.54 -40.48
CA GLN D 6 32.47 7.56 -39.39
C GLN D 6 33.84 7.98 -39.90
N SER D 7 34.67 8.47 -38.96
CA SER D 7 36.03 8.85 -39.30
C SER D 7 36.90 8.78 -38.05
N PRO D 8 38.09 8.16 -38.13
CA PRO D 8 38.57 7.51 -39.34
C PRO D 8 38.03 6.09 -39.51
N LEU D 9 38.22 5.50 -40.69
CA LEU D 9 37.79 4.11 -40.90
C LEU D 9 38.78 3.12 -40.31
N SER D 10 40.04 3.51 -40.14
CA SER D 10 41.06 2.70 -39.48
C SER D 10 41.71 3.55 -38.40
N LEU D 11 41.90 2.98 -37.22
CA LEU D 11 42.44 3.73 -36.08
C LEU D 11 43.44 2.88 -35.30
N PRO D 12 44.73 3.03 -35.60
CA PRO D 12 45.76 2.44 -34.71
C PRO D 12 45.85 3.26 -33.43
N VAL D 13 45.87 2.56 -32.29
CA VAL D 13 45.87 3.19 -30.98
C VAL D 13 47.00 2.61 -30.14
N THR D 14 47.53 3.43 -29.26
CA THR D 14 48.53 2.95 -28.31
C THR D 14 47.90 2.79 -26.94
N PRO D 15 48.04 1.62 -26.32
CA PRO D 15 47.46 1.42 -24.98
C PRO D 15 47.95 2.47 -24.00
N GLY D 16 47.03 2.92 -23.14
CA GLY D 16 47.31 3.99 -22.20
C GLY D 16 47.06 5.38 -22.75
N GLU D 17 46.91 5.53 -24.06
CA GLU D 17 46.66 6.80 -24.71
C GLU D 17 45.20 6.92 -25.09
N PRO D 18 44.71 8.14 -25.29
CA PRO D 18 43.30 8.33 -25.67
C PRO D 18 43.06 8.00 -27.14
N ALA D 19 41.80 7.67 -27.42
CA ALA D 19 41.33 7.47 -28.78
C ALA D 19 39.98 8.15 -28.93
N SER D 20 39.67 8.57 -30.15
CA SER D 20 38.42 9.28 -30.42
C SER D 20 37.93 8.91 -31.81
N ILE D 21 36.62 8.64 -31.91
CA ILE D 21 35.98 8.25 -33.16
C ILE D 21 34.83 9.20 -33.43
N SER D 22 34.82 9.78 -34.63
CA SER D 22 33.81 10.75 -35.02
C SER D 22 32.71 10.08 -35.82
N CYS D 23 31.48 10.54 -35.62
CA CYS D 23 30.34 10.05 -36.39
C CYS D 23 29.44 11.22 -36.74
N ARG D 24 29.06 11.32 -38.01
CA ARG D 24 28.22 12.39 -38.50
C ARG D 24 27.04 11.80 -39.27
N SER D 25 25.87 12.43 -39.13
CA SER D 25 24.66 11.96 -39.80
C SER D 25 24.23 12.95 -40.87
N SER D 26 23.49 12.43 -41.86
CA SER D 26 23.04 13.27 -42.96
C SER D 26 21.93 14.23 -42.54
N GLN D 27 21.28 13.97 -41.40
CA GLN D 27 20.32 14.90 -40.83
C GLN D 27 20.31 14.71 -39.32
N SER D 28 19.73 15.67 -38.62
CA SER D 28 19.81 15.70 -37.16
C SER D 28 19.14 14.48 -36.55
N LEU D 29 19.78 13.93 -35.51
CA LEU D 29 19.22 12.84 -34.73
C LEU D 29 18.62 13.34 -33.42
N LEU D 30 18.52 14.65 -33.24
CA LEU D 30 17.90 15.22 -32.05
C LEU D 30 16.40 15.21 -32.21
N HIS D 31 15.73 14.30 -31.51
CA HIS D 31 14.27 14.24 -31.53
C HIS D 31 13.69 15.42 -30.74
N SER D 32 12.46 15.80 -31.09
CA SER D 32 11.81 16.89 -30.38
C SER D 32 11.62 16.60 -28.90
N ASN D 33 11.72 15.34 -28.49
CA ASN D 33 11.67 14.99 -27.08
C ASN D 33 12.95 15.32 -26.33
N GLY D 34 13.99 15.79 -27.02
CA GLY D 34 15.20 16.26 -26.39
C GLY D 34 16.36 15.29 -26.35
N TYR D 35 16.22 14.11 -26.95
CA TYR D 35 17.27 13.10 -26.93
C TYR D 35 17.84 12.89 -28.33
N ASN D 36 19.15 12.65 -28.40
CA ASN D 36 19.83 12.33 -29.64
C ASN D 36 19.80 10.82 -29.83
N TYR D 37 19.18 10.35 -30.91
CA TYR D 37 18.96 8.92 -31.10
C TYR D 37 20.17 8.30 -31.84
N LEU D 38 21.28 8.28 -31.12
CA LEU D 38 22.52 7.69 -31.63
C LEU D 38 23.07 6.68 -30.64
N ASP D 39 23.33 5.47 -31.12
CA ASP D 39 23.99 4.43 -30.35
C ASP D 39 25.41 4.21 -30.85
N TRP D 40 26.26 3.70 -29.97
CA TRP D 40 27.60 3.24 -30.32
C TRP D 40 27.72 1.77 -29.98
N TYR D 41 28.16 0.98 -30.95
CA TYR D 41 28.35 -0.46 -30.77
C TYR D 41 29.80 -0.83 -30.98
N LEU D 42 30.21 -1.91 -30.33
CA LEU D 42 31.55 -2.47 -30.50
C LEU D 42 31.43 -3.95 -30.80
N GLN D 43 32.08 -4.39 -31.88
CA GLN D 43 32.18 -5.80 -32.22
C GLN D 43 33.63 -6.22 -32.05
N LYS D 44 33.92 -6.91 -30.94
CA LYS D 44 35.24 -7.46 -30.72
C LYS D 44 35.44 -8.67 -31.64
N PRO D 45 36.69 -9.01 -31.95
CA PRO D 45 36.94 -10.14 -32.86
C PRO D 45 36.32 -11.43 -32.35
N GLY D 46 35.58 -12.11 -33.24
CA GLY D 46 34.95 -13.37 -32.90
C GLY D 46 33.75 -13.26 -31.99
N GLN D 47 33.19 -12.07 -31.84
CA GLN D 47 32.08 -11.86 -30.92
C GLN D 47 30.94 -11.12 -31.62
N SER D 48 29.75 -11.24 -31.03
CA SER D 48 28.61 -10.46 -31.46
C SER D 48 28.85 -8.99 -31.13
N PRO D 49 28.18 -8.07 -31.83
CA PRO D 49 28.21 -6.67 -31.41
C PRO D 49 27.67 -6.52 -29.99
N GLN D 50 28.13 -5.47 -29.32
CA GLN D 50 27.65 -5.15 -27.98
C GLN D 50 27.42 -3.66 -27.89
N LEU D 51 26.39 -3.27 -27.12
CA LEU D 51 26.06 -1.86 -26.95
C LEU D 51 27.07 -1.21 -26.01
N LEU D 52 27.62 -0.07 -26.45
CA LEU D 52 28.49 0.76 -25.61
C LEU D 52 27.77 1.99 -25.10
N ILE D 53 27.22 2.78 -26.02
CA ILE D 53 26.56 4.04 -25.71
C ILE D 53 25.19 4.04 -26.37
N TYR D 54 24.19 4.57 -25.67
CA TYR D 54 22.87 4.78 -26.23
C TYR D 54 22.43 6.21 -25.96
N LEU D 55 21.52 6.70 -26.80
CA LEU D 55 20.96 8.04 -26.67
C LEU D 55 22.07 9.09 -26.64
N GLY D 56 23.08 8.90 -27.44
CA GLY D 56 24.17 9.87 -27.59
C GLY D 56 25.27 9.83 -26.55
N SER D 57 24.91 9.86 -25.28
CA SER D 57 25.90 9.97 -24.21
C SER D 57 25.69 9.01 -23.05
N ASN D 58 24.64 8.19 -23.08
CA ASN D 58 24.38 7.27 -21.97
C ASN D 58 25.20 6.00 -22.14
N ARG D 59 26.01 5.69 -21.13
CA ARG D 59 26.84 4.50 -21.15
C ARG D 59 26.03 3.28 -20.76
N ALA D 60 26.11 2.24 -21.58
CA ALA D 60 25.34 1.02 -21.32
C ALA D 60 25.86 0.33 -20.06
N SER D 61 24.97 -0.45 -19.43
CA SER D 61 25.28 -1.12 -18.18
C SER D 61 26.50 -2.02 -18.34
N GLY D 62 27.43 -1.91 -17.37
CA GLY D 62 28.62 -2.73 -17.37
C GLY D 62 29.74 -2.27 -18.28
N VAL D 63 29.51 -1.24 -19.10
CA VAL D 63 30.59 -0.73 -19.95
C VAL D 63 31.59 0.03 -19.10
N PRO D 64 32.89 -0.16 -19.30
CA PRO D 64 33.88 0.55 -18.48
C PRO D 64 33.73 2.06 -18.56
N ASP D 65 34.30 2.74 -17.56
CA ASP D 65 34.16 4.19 -17.45
C ASP D 65 34.91 4.93 -18.55
N ARG D 66 35.97 4.32 -19.10
CA ARG D 66 36.78 5.02 -20.09
C ARG D 66 36.04 5.28 -21.39
N PHE D 67 34.94 4.58 -21.64
CA PHE D 67 34.10 4.84 -22.81
C PHE D 67 33.11 5.95 -22.47
N SER D 68 33.02 6.94 -23.36
CA SER D 68 32.03 7.99 -23.21
C SER D 68 31.70 8.56 -24.57
N GLY D 69 30.44 8.93 -24.76
CA GLY D 69 29.97 9.53 -25.99
C GLY D 69 29.47 10.94 -25.75
N SER D 70 29.59 11.78 -26.76
CA SER D 70 29.14 13.16 -26.68
C SER D 70 28.68 13.61 -28.07
N GLY D 71 28.18 14.83 -28.15
CA GLY D 71 27.74 15.42 -29.41
C GLY D 71 26.24 15.58 -29.47
N SER D 72 25.79 16.21 -30.56
CA SER D 72 24.38 16.51 -30.73
C SER D 72 24.08 16.78 -32.19
N GLY D 73 22.80 16.69 -32.54
CA GLY D 73 22.33 17.00 -33.88
C GLY D 73 22.86 16.04 -34.93
N THR D 74 23.87 16.47 -35.68
CA THR D 74 24.49 15.65 -36.71
C THR D 74 25.94 15.31 -36.41
N ASP D 75 26.47 15.68 -35.24
CA ASP D 75 27.88 15.53 -34.95
C ASP D 75 28.04 14.87 -33.60
N PHE D 76 28.65 13.68 -33.58
CA PHE D 76 28.82 12.90 -32.37
C PHE D 76 30.23 12.32 -32.32
N THR D 77 30.67 11.97 -31.11
CA THR D 77 32.02 11.51 -30.89
C THR D 77 32.04 10.44 -29.81
N LEU D 78 32.74 9.35 -30.06
CA LEU D 78 33.04 8.35 -29.04
C LEU D 78 34.47 8.53 -28.57
N LYS D 79 34.66 8.61 -27.26
CA LYS D 79 35.98 8.81 -26.68
C LYS D 79 36.33 7.65 -25.78
N ILE D 80 37.59 7.23 -25.86
CA ILE D 80 38.18 6.27 -24.93
C ILE D 80 39.34 6.99 -24.25
N SER D 81 39.23 7.16 -22.92
CA SER D 81 40.19 8.01 -22.22
C SER D 81 41.57 7.35 -22.14
N LYS D 82 41.62 6.08 -21.80
CA LYS D 82 42.87 5.32 -21.73
C LYS D 82 42.63 3.98 -22.42
N VAL D 83 43.12 3.85 -23.66
CA VAL D 83 42.88 2.64 -24.43
C VAL D 83 43.55 1.46 -23.74
N GLU D 84 42.84 0.34 -23.68
CA GLU D 84 43.40 -0.93 -23.26
C GLU D 84 43.50 -1.86 -24.46
N ALA D 85 44.36 -2.87 -24.32
CA ALA D 85 44.59 -3.79 -25.44
C ALA D 85 43.33 -4.53 -25.84
N GLU D 86 42.42 -4.78 -24.89
CA GLU D 86 41.20 -5.52 -25.17
C GLU D 86 40.09 -4.65 -25.76
N ASP D 87 40.34 -3.34 -25.95
CA ASP D 87 39.40 -2.49 -26.65
C ASP D 87 39.47 -2.65 -28.16
N VAL D 88 40.30 -3.58 -28.65
CA VAL D 88 40.49 -3.78 -30.06
C VAL D 88 39.22 -4.36 -30.67
N GLY D 89 38.82 -3.84 -31.83
CA GLY D 89 37.61 -4.28 -32.49
C GLY D 89 37.18 -3.24 -33.50
N VAL D 90 35.94 -3.40 -33.98
CA VAL D 90 35.33 -2.48 -34.93
C VAL D 90 34.19 -1.77 -34.22
N TYR D 91 34.24 -0.43 -34.23
CA TYR D 91 33.26 0.40 -33.56
C TYR D 91 32.27 0.96 -34.57
N TYR D 92 30.98 0.93 -34.21
CA TYR D 92 29.91 1.33 -35.11
C TYR D 92 29.02 2.36 -34.42
N CYS D 93 28.72 3.45 -35.11
CA CYS D 93 27.62 4.30 -34.68
C CYS D 93 26.37 3.90 -35.45
N MET D 94 25.21 4.15 -34.84
CA MET D 94 23.94 3.76 -35.43
C MET D 94 22.89 4.76 -35.01
N GLN D 95 22.13 5.28 -35.97
CA GLN D 95 20.99 6.12 -35.68
C GLN D 95 19.76 5.25 -35.46
N ALA D 96 18.96 5.60 -34.44
CA ALA D 96 17.70 4.94 -34.18
C ALA D 96 16.52 5.90 -34.32
N LEU D 97 16.74 7.03 -34.99
CA LEU D 97 15.67 8.02 -35.15
C LEU D 97 14.60 7.52 -36.13
N GLN D 98 15.02 6.95 -37.25
CA GLN D 98 14.07 6.55 -38.30
C GLN D 98 14.42 5.17 -38.83
N THR D 99 13.41 4.53 -39.43
CA THR D 99 13.65 3.33 -40.22
C THR D 99 14.05 3.71 -41.64
N PRO D 100 14.99 2.97 -42.25
CA PRO D 100 15.68 1.85 -41.60
C PRO D 100 16.78 2.32 -40.65
N ARG D 101 17.03 1.56 -39.59
CA ARG D 101 18.19 1.83 -38.76
C ARG D 101 19.44 1.67 -39.61
N THR D 102 20.37 2.62 -39.50
CA THR D 102 21.54 2.64 -40.37
C THR D 102 22.80 2.81 -39.54
N PHE D 103 23.85 2.09 -39.94
CA PHE D 103 25.14 2.09 -39.28
C PHE D 103 26.16 2.88 -40.09
N GLY D 104 27.18 3.38 -39.40
CA GLY D 104 28.36 3.87 -40.07
C GLY D 104 29.16 2.71 -40.68
N GLN D 105 30.22 3.07 -41.38
CA GLN D 105 31.04 2.05 -42.04
C GLN D 105 31.77 1.17 -41.04
N GLY D 106 32.00 1.66 -39.83
CA GLY D 106 32.78 0.93 -38.86
C GLY D 106 34.18 1.47 -38.77
N THR D 107 34.71 1.57 -37.55
CA THR D 107 36.06 2.06 -37.30
C THR D 107 36.86 0.92 -36.69
N LYS D 108 37.73 0.31 -37.48
CA LYS D 108 38.56 -0.79 -37.02
C LYS D 108 39.67 -0.22 -36.15
N VAL D 109 39.62 -0.53 -34.86
CA VAL D 109 40.63 -0.09 -33.91
C VAL D 109 41.63 -1.22 -33.73
N GLU D 110 42.91 -0.92 -33.94
CA GLU D 110 43.98 -1.90 -33.84
C GLU D 110 45.12 -1.29 -33.05
N ILE D 111 46.15 -2.10 -32.81
CA ILE D 111 47.28 -1.70 -31.98
C ILE D 111 48.32 -1.02 -32.85
N LYS D 112 48.77 0.16 -32.41
CA LYS D 112 49.82 0.89 -33.08
C LYS D 112 51.17 0.38 -32.61
N ARG D 113 52.09 0.15 -33.55
CA ARG D 113 53.45 -0.24 -33.23
C ARG D 113 54.39 0.37 -34.27
N THR D 114 55.67 0.09 -34.13
CA THR D 114 56.65 0.61 -35.08
C THR D 114 56.57 -0.15 -36.40
N ALA D 115 57.14 0.46 -37.43
CA ALA D 115 57.22 -0.19 -38.74
C ALA D 115 58.07 -1.45 -38.64
N ALA D 116 57.66 -2.48 -39.38
CA ALA D 116 58.41 -3.72 -39.46
C ALA D 116 58.36 -4.22 -40.90
N ALA D 117 59.52 -4.54 -41.45
CA ALA D 117 59.58 -5.03 -42.81
C ALA D 117 59.08 -6.46 -42.90
N PRO D 118 58.40 -6.83 -43.98
CA PRO D 118 58.05 -8.23 -44.19
C PRO D 118 59.29 -9.04 -44.53
N SER D 119 59.39 -10.22 -43.91
CA SER D 119 60.38 -11.21 -44.29
C SER D 119 59.72 -12.10 -45.34
N VAL D 120 60.27 -12.08 -46.56
CA VAL D 120 59.60 -12.67 -47.72
C VAL D 120 60.14 -14.06 -47.97
N PHE D 121 59.24 -14.98 -48.29
CA PHE D 121 59.58 -16.34 -48.67
C PHE D 121 58.72 -16.72 -49.86
N ILE D 122 59.28 -17.51 -50.78
CA ILE D 122 58.55 -17.96 -51.95
C ILE D 122 58.64 -19.48 -52.03
N PHE D 123 57.52 -20.12 -52.37
CA PHE D 123 57.41 -21.57 -52.39
C PHE D 123 57.01 -22.04 -53.79
N PRO D 124 57.82 -22.84 -54.47
CA PRO D 124 57.38 -23.45 -55.72
C PRO D 124 56.22 -24.40 -55.46
N PRO D 125 55.47 -24.79 -56.50
CA PRO D 125 54.46 -25.83 -56.31
C PRO D 125 55.11 -27.15 -55.93
N SER D 126 54.36 -27.98 -55.22
CA SER D 126 54.88 -29.29 -54.87
C SER D 126 54.77 -30.24 -56.05
N ASP D 127 55.60 -31.28 -56.03
CA ASP D 127 55.50 -32.32 -57.05
C ASP D 127 54.14 -32.99 -56.99
N GLU D 128 53.59 -33.16 -55.77
CA GLU D 128 52.28 -33.77 -55.62
C GLU D 128 51.21 -32.99 -56.38
N GLN D 129 51.22 -31.67 -56.23
CA GLN D 129 50.20 -30.86 -56.90
C GLN D 129 50.40 -30.85 -58.41
N LEU D 130 51.65 -30.84 -58.86
CA LEU D 130 51.90 -30.77 -60.30
C LEU D 130 51.54 -32.08 -60.99
N LYS D 131 51.61 -33.21 -60.28
CA LYS D 131 51.03 -34.44 -60.81
C LYS D 131 49.55 -34.26 -61.12
N SER D 132 48.86 -33.41 -60.36
CA SER D 132 47.43 -33.20 -60.53
C SER D 132 47.08 -32.19 -61.61
N GLY D 133 48.06 -31.52 -62.21
CA GLY D 133 47.81 -30.63 -63.33
C GLY D 133 47.65 -29.16 -62.98
N THR D 134 47.86 -28.77 -61.74
CA THR D 134 47.75 -27.38 -61.33
C THR D 134 49.01 -26.97 -60.58
N ALA D 135 49.37 -25.69 -60.69
CA ALA D 135 50.53 -25.15 -60.02
C ALA D 135 50.12 -23.93 -59.21
N SER D 136 50.31 -24.00 -57.90
CA SER D 136 50.18 -22.86 -57.01
C SER D 136 51.56 -22.42 -56.55
N VAL D 137 51.87 -21.14 -56.76
CA VAL D 137 53.10 -20.55 -56.25
C VAL D 137 52.72 -19.63 -55.10
N VAL D 138 53.27 -19.89 -53.92
CA VAL D 138 52.92 -19.17 -52.70
C VAL D 138 54.05 -18.23 -52.33
N CYS D 139 53.71 -16.96 -52.09
CA CYS D 139 54.65 -15.98 -51.58
C CYS D 139 54.20 -15.55 -50.19
N LEU D 140 55.11 -15.66 -49.22
CA LEU D 140 54.81 -15.34 -47.83
C LEU D 140 55.48 -14.04 -47.45
N LEU D 141 54.72 -13.13 -46.86
CA LEU D 141 55.22 -11.89 -46.26
C LEU D 141 54.94 -12.00 -44.77
N ASN D 142 55.99 -12.15 -43.97
CA ASN D 142 55.81 -12.54 -42.56
C ASN D 142 56.16 -11.39 -41.63
N ASN D 143 55.24 -11.12 -40.69
CA ASN D 143 55.47 -10.26 -39.53
C ASN D 143 55.93 -8.87 -39.93
N PHE D 144 54.98 -8.12 -40.51
CA PHE D 144 55.24 -6.75 -40.93
C PHE D 144 54.20 -5.81 -40.34
N TYR D 145 54.49 -4.51 -40.42
CA TYR D 145 53.61 -3.45 -39.98
C TYR D 145 54.02 -2.17 -40.68
N PRO D 146 53.08 -1.36 -41.20
CA PRO D 146 51.63 -1.57 -41.15
C PRO D 146 51.15 -2.60 -42.18
N ARG D 147 49.83 -2.80 -42.25
CA ARG D 147 49.29 -3.89 -43.05
C ARG D 147 49.40 -3.62 -44.55
N GLU D 148 49.39 -2.35 -44.93
CA GLU D 148 49.45 -1.99 -46.35
C GLU D 148 50.74 -2.53 -46.98
N ALA D 149 50.58 -3.28 -48.06
CA ALA D 149 51.72 -3.86 -48.75
C ALA D 149 51.32 -4.17 -50.19
N LYS D 150 52.30 -4.09 -51.08
CA LYS D 150 52.10 -4.34 -52.51
C LYS D 150 52.92 -5.55 -52.91
N VAL D 151 52.25 -6.55 -53.49
CA VAL D 151 52.89 -7.80 -53.91
C VAL D 151 52.64 -7.96 -55.40
N GLN D 152 53.71 -8.02 -56.18
CA GLN D 152 53.62 -8.17 -57.63
C GLN D 152 54.26 -9.48 -58.05
N TRP D 153 53.51 -10.28 -58.78
CA TRP D 153 54.03 -11.51 -59.36
C TRP D 153 54.62 -11.20 -60.74
N LYS D 154 55.85 -11.66 -60.96
CA LYS D 154 56.49 -11.51 -62.25
C LYS D 154 56.96 -12.88 -62.71
N VAL D 155 56.56 -13.25 -63.92
CA VAL D 155 56.86 -14.55 -64.50
C VAL D 155 57.69 -14.28 -65.76
N ASP D 156 58.97 -14.67 -65.71
CA ASP D 156 59.95 -14.25 -66.71
C ASP D 156 59.92 -12.72 -66.87
N ASN D 157 59.88 -12.03 -65.73
CA ASN D 157 59.83 -10.58 -65.62
C ASN D 157 58.57 -9.97 -66.24
N ALA D 158 57.56 -10.77 -66.55
CA ALA D 158 56.30 -10.28 -67.07
C ALA D 158 55.32 -10.10 -65.90
N LEU D 159 54.80 -8.88 -65.74
CA LEU D 159 53.89 -8.60 -64.63
C LEU D 159 52.58 -9.36 -64.81
N GLN D 160 52.21 -10.11 -63.79
CA GLN D 160 50.98 -10.88 -63.79
C GLN D 160 49.81 -10.04 -63.27
N SER D 161 48.62 -10.36 -63.73
CA SER D 161 47.40 -9.73 -63.25
C SER D 161 46.24 -10.69 -63.44
N GLY D 162 45.34 -10.72 -62.46
CA GLY D 162 44.13 -11.50 -62.54
C GLY D 162 44.25 -12.96 -62.12
N ASN D 163 45.47 -13.46 -61.87
CA ASN D 163 45.66 -14.88 -61.58
C ASN D 163 46.26 -15.10 -60.18
N SER D 164 46.09 -14.14 -59.26
CA SER D 164 46.63 -14.29 -57.92
C SER D 164 45.63 -13.76 -56.90
N GLN D 165 45.67 -14.31 -55.69
CA GLN D 165 44.78 -13.93 -54.62
C GLN D 165 45.58 -13.76 -53.33
N GLU D 166 45.22 -12.75 -52.54
CA GLU D 166 45.91 -12.41 -51.32
C GLU D 166 45.08 -12.77 -50.10
N SER D 167 45.77 -13.06 -49.01
CA SER D 167 45.14 -13.28 -47.71
C SER D 167 46.01 -12.67 -46.63
N VAL D 168 45.40 -11.92 -45.73
CA VAL D 168 46.11 -11.25 -44.65
C VAL D 168 45.56 -11.74 -43.32
N THR D 169 46.47 -12.02 -42.39
CA THR D 169 46.08 -12.38 -41.03
C THR D 169 45.55 -11.17 -40.29
N GLU D 170 44.82 -11.43 -39.21
CA GLU D 170 44.51 -10.37 -38.27
C GLU D 170 45.74 -10.08 -37.41
N GLN D 171 45.71 -8.94 -36.73
CA GLN D 171 46.89 -8.48 -36.01
C GLN D 171 47.30 -9.47 -34.92
N ASP D 172 48.58 -9.80 -34.88
CA ASP D 172 49.08 -10.72 -33.87
C ASP D 172 49.01 -10.07 -32.49
N SER D 173 48.57 -10.85 -31.51
CA SER D 173 48.36 -10.30 -30.17
C SER D 173 49.66 -10.04 -29.44
N LYS D 174 50.76 -10.70 -29.82
CA LYS D 174 52.01 -10.54 -29.11
C LYS D 174 52.90 -9.44 -29.70
N ASP D 175 53.19 -9.51 -31.00
CA ASP D 175 54.06 -8.54 -31.64
C ASP D 175 53.33 -7.54 -32.52
N SER D 176 52.00 -7.61 -32.58
CA SER D 176 51.17 -6.63 -33.28
C SER D 176 51.47 -6.52 -34.77
N THR D 177 52.09 -7.54 -35.35
CA THR D 177 52.36 -7.54 -36.78
C THR D 177 51.27 -8.28 -37.55
N TYR D 178 51.32 -8.13 -38.87
CA TYR D 178 50.50 -8.91 -39.78
C TYR D 178 51.42 -9.76 -40.65
N SER D 179 50.83 -10.80 -41.24
CA SER D 179 51.48 -11.56 -42.29
C SER D 179 50.49 -11.75 -43.44
N LEU D 180 51.04 -11.91 -44.63
CA LEU D 180 50.25 -11.96 -45.85
C LEU D 180 50.77 -13.06 -46.75
N SER D 181 49.85 -13.80 -47.37
CA SER D 181 50.18 -14.76 -48.40
C SER D 181 49.56 -14.30 -49.71
N SER D 182 50.33 -14.42 -50.79
CA SER D 182 49.82 -14.21 -52.14
C SER D 182 50.10 -15.47 -52.93
N THR D 183 49.07 -16.02 -53.56
CA THR D 183 49.14 -17.30 -54.25
C THR D 183 48.89 -17.08 -55.74
N LEU D 184 49.87 -17.44 -56.56
CA LEU D 184 49.75 -17.39 -58.01
C LEU D 184 49.36 -18.78 -58.51
N THR D 185 48.19 -18.86 -59.15
CA THR D 185 47.63 -20.13 -59.60
C THR D 185 47.77 -20.24 -61.11
N LEU D 186 48.42 -21.30 -61.57
CA LEU D 186 48.65 -21.53 -62.98
C LEU D 186 48.34 -22.98 -63.32
N SER D 187 47.97 -23.23 -64.57
CA SER D 187 47.93 -24.58 -65.07
C SER D 187 49.34 -25.15 -65.09
N LYS D 188 49.44 -26.47 -64.91
CA LYS D 188 50.73 -27.14 -65.08
C LYS D 188 51.33 -26.82 -66.44
N ALA D 189 50.49 -26.77 -67.47
CA ALA D 189 50.97 -26.47 -68.82
C ALA D 189 51.61 -25.08 -68.88
N ASP D 190 50.91 -24.06 -68.39
CA ASP D 190 51.46 -22.71 -68.40
C ASP D 190 52.67 -22.59 -67.48
N TYR D 191 52.68 -23.34 -66.37
CA TYR D 191 53.78 -23.26 -65.42
C TYR D 191 55.10 -23.69 -66.06
N GLU D 192 55.07 -24.74 -66.88
CA GLU D 192 56.28 -25.28 -67.47
C GLU D 192 56.79 -24.49 -68.66
N LYS D 193 56.01 -23.51 -69.14
CA LYS D 193 56.43 -22.68 -70.27
C LYS D 193 57.25 -21.48 -69.84
N HIS D 194 57.55 -21.35 -68.54
CA HIS D 194 58.31 -20.21 -68.05
C HIS D 194 59.33 -20.70 -67.05
N LYS D 195 60.36 -19.88 -66.84
CA LYS D 195 61.50 -20.26 -66.02
C LYS D 195 61.53 -19.52 -64.68
N VAL D 196 61.53 -18.20 -64.69
CA VAL D 196 61.72 -17.39 -63.49
C VAL D 196 60.37 -17.00 -62.92
N TYR D 197 60.11 -17.37 -61.67
CA TYR D 197 58.93 -16.97 -60.93
C TYR D 197 59.36 -16.10 -59.77
N ALA D 198 58.90 -14.85 -59.75
CA ALA D 198 59.42 -13.83 -58.84
C ALA D 198 58.30 -13.19 -58.04
N CYS D 199 58.51 -13.06 -56.74
CA CYS D 199 57.62 -12.30 -55.86
C CYS D 199 58.32 -10.99 -55.51
N GLU D 200 57.69 -9.86 -55.85
CA GLU D 200 58.25 -8.54 -55.65
C GLU D 200 57.39 -7.76 -54.67
N VAL D 201 57.99 -7.37 -53.54
CA VAL D 201 57.26 -6.81 -52.41
C VAL D 201 57.71 -5.37 -52.21
N THR D 202 56.77 -4.45 -52.19
CA THR D 202 57.00 -3.05 -51.81
C THR D 202 56.31 -2.79 -50.48
N HIS D 203 57.04 -2.18 -49.54
CA HIS D 203 56.49 -1.95 -48.21
C HIS D 203 57.27 -0.83 -47.54
N GLU D 204 56.56 -0.05 -46.72
CA GLU D 204 57.15 1.13 -46.09
C GLU D 204 58.30 0.78 -45.16
N GLY D 205 58.29 -0.40 -44.57
CA GLY D 205 59.38 -0.86 -43.72
C GLY D 205 60.61 -1.32 -44.45
N LEU D 206 60.59 -1.34 -45.77
CA LEU D 206 61.73 -1.72 -46.57
C LEU D 206 62.43 -0.48 -47.13
N SER D 207 63.75 -0.56 -47.26
CA SER D 207 64.50 0.52 -47.90
C SER D 207 64.32 0.50 -49.42
N SER D 208 63.97 -0.64 -49.99
CA SER D 208 63.70 -0.78 -51.41
C SER D 208 62.91 -2.07 -51.62
N PRO D 209 62.16 -2.17 -52.72
CA PRO D 209 61.40 -3.40 -52.97
C PRO D 209 62.28 -4.63 -52.94
N VAL D 210 61.78 -5.67 -52.29
CA VAL D 210 62.48 -6.95 -52.19
C VAL D 210 61.91 -7.90 -53.24
N THR D 211 62.78 -8.67 -53.86
CA THR D 211 62.38 -9.69 -54.83
C THR D 211 62.88 -11.05 -54.34
N LYS D 212 61.95 -11.98 -54.13
CA LYS D 212 62.26 -13.39 -53.93
C LYS D 212 61.78 -14.16 -55.15
N SER D 213 62.66 -14.97 -55.72
CA SER D 213 62.36 -15.66 -56.95
C SER D 213 62.96 -17.05 -56.93
N PHE D 214 62.58 -17.84 -57.92
CA PHE D 214 63.20 -19.14 -58.16
C PHE D 214 63.09 -19.45 -59.63
N ASN D 215 63.94 -20.38 -60.08
CA ASN D 215 63.86 -20.92 -61.42
C ASN D 215 63.22 -22.29 -61.35
N ARG D 216 62.19 -22.50 -62.17
CA ARG D 216 61.42 -23.74 -62.14
C ARG D 216 62.33 -24.96 -62.27
N GLY D 217 62.19 -25.89 -61.34
CA GLY D 217 62.97 -27.11 -61.36
C GLY D 217 64.15 -27.11 -60.40
N GLN E 1 -12.08 13.20 24.14
CA GLN E 1 -12.84 12.91 22.94
C GLN E 1 -14.21 13.58 23.01
N VAL E 2 -15.18 13.05 22.26
CA VAL E 2 -16.46 13.73 22.09
C VAL E 2 -17.23 13.72 23.41
N GLN E 3 -17.96 14.81 23.66
CA GLN E 3 -18.85 14.93 24.80
C GLN E 3 -20.26 15.22 24.30
N LEU E 4 -21.24 14.79 25.07
CA LEU E 4 -22.65 15.05 24.77
C LEU E 4 -23.16 16.07 25.77
N VAL E 5 -23.58 17.23 25.25
CA VAL E 5 -24.06 18.34 26.08
C VAL E 5 -25.54 18.55 25.77
N GLN E 6 -26.37 18.47 26.80
CA GLN E 6 -27.80 18.56 26.66
C GLN E 6 -28.32 19.94 27.05
N SER E 7 -29.50 20.27 26.55
CA SER E 7 -30.12 21.55 26.84
C SER E 7 -30.53 21.63 28.31
N GLY E 8 -30.94 22.84 28.73
CA GLY E 8 -31.20 23.11 30.12
C GLY E 8 -32.52 22.54 30.58
N PRO E 9 -32.83 22.78 31.85
CA PRO E 9 -34.05 22.21 32.45
C PRO E 9 -35.31 22.83 31.89
N GLU E 10 -36.40 22.07 31.97
CA GLU E 10 -37.68 22.47 31.41
C GLU E 10 -38.79 22.26 32.43
N VAL E 11 -39.79 23.15 32.39
CA VAL E 11 -40.99 23.05 33.20
C VAL E 11 -42.18 23.21 32.27
N LYS E 12 -43.02 22.18 32.21
CA LYS E 12 -44.11 22.13 31.24
C LYS E 12 -45.44 21.85 31.92
N LYS E 13 -46.51 22.39 31.33
CA LYS E 13 -47.86 22.02 31.72
C LYS E 13 -48.25 20.68 31.09
N PRO E 14 -49.15 19.93 31.72
CA PRO E 14 -49.61 18.68 31.10
C PRO E 14 -50.28 18.94 29.76
N GLY E 15 -50.14 17.97 28.86
CA GLY E 15 -50.65 18.12 27.51
C GLY E 15 -49.75 18.88 26.57
N SER E 16 -48.70 19.52 27.06
CA SER E 16 -47.77 20.25 26.22
C SER E 16 -46.69 19.30 25.72
N SER E 17 -45.68 19.82 25.04
CA SER E 17 -44.57 19.02 24.54
C SER E 17 -43.26 19.68 24.93
N VAL E 18 -42.20 18.89 24.87
CA VAL E 18 -40.85 19.37 25.18
C VAL E 18 -39.88 18.74 24.18
N LYS E 19 -38.90 19.52 23.76
CA LYS E 19 -37.85 19.05 22.86
C LYS E 19 -36.51 19.29 23.54
N VAL E 20 -35.84 18.20 23.90
CA VAL E 20 -34.55 18.24 24.58
C VAL E 20 -33.47 17.93 23.56
N SER E 21 -32.41 18.73 23.54
CA SER E 21 -31.33 18.59 22.58
C SER E 21 -30.13 17.89 23.22
N CYS E 22 -29.32 17.26 22.37
CA CYS E 22 -28.12 16.53 22.81
C CYS E 22 -27.02 16.83 21.79
N LYS E 23 -26.23 17.86 22.07
CA LYS E 23 -25.26 18.36 21.11
C LYS E 23 -23.96 17.58 21.22
N ALA E 24 -23.45 17.15 20.07
CA ALA E 24 -22.14 16.49 20.01
C ALA E 24 -21.05 17.56 19.99
N SER E 25 -20.14 17.51 20.96
CA SER E 25 -19.10 18.51 21.11
C SER E 25 -17.75 17.83 21.21
N GLY E 26 -16.75 18.38 20.52
CA GLY E 26 -15.44 17.77 20.47
C GLY E 26 -15.34 16.56 19.57
N GLY E 27 -16.34 16.33 18.72
CA GLY E 27 -16.33 15.18 17.84
C GLY E 27 -17.71 14.96 17.24
N THR E 28 -17.84 13.85 16.53
CA THR E 28 -19.08 13.47 15.88
C THR E 28 -19.54 12.11 16.39
N VAL E 29 -20.86 11.93 16.45
CA VAL E 29 -21.44 10.67 16.92
C VAL E 29 -22.46 10.16 15.90
N SER E 30 -22.40 10.71 14.68
CA SER E 30 -23.45 10.46 13.70
C SER E 30 -23.50 9.01 13.22
N SER E 31 -22.40 8.27 13.31
CA SER E 31 -22.38 6.88 12.89
C SER E 31 -22.72 5.91 14.01
N TYR E 32 -23.02 6.40 15.22
CA TYR E 32 -23.34 5.56 16.36
C TYR E 32 -24.84 5.54 16.61
N ALA E 33 -25.31 4.46 17.24
CA ALA E 33 -26.65 4.44 17.80
C ALA E 33 -26.68 5.36 19.02
N ILE E 34 -27.56 6.36 18.99
CA ILE E 34 -27.73 7.30 20.09
C ILE E 34 -29.06 7.00 20.77
N SER E 35 -29.00 6.56 22.02
CA SER E 35 -30.18 6.22 22.80
C SER E 35 -30.57 7.35 23.73
N TRP E 36 -31.88 7.44 23.99
CA TRP E 36 -32.42 8.38 24.96
C TRP E 36 -32.97 7.58 26.13
N VAL E 37 -32.42 7.84 27.32
CA VAL E 37 -32.77 7.12 28.54
C VAL E 37 -33.25 8.13 29.57
N ARG E 38 -34.30 7.78 30.31
CA ARG E 38 -34.85 8.68 31.30
C ARG E 38 -34.93 8.00 32.66
N GLN E 39 -34.94 8.83 33.69
CA GLN E 39 -34.98 8.37 35.09
C GLN E 39 -36.05 9.17 35.82
N ALA E 40 -37.19 8.54 36.08
CA ALA E 40 -38.20 9.14 36.92
C ALA E 40 -37.73 9.14 38.37
N PRO E 41 -38.24 10.07 39.19
CA PRO E 41 -37.72 10.18 40.56
C PRO E 41 -37.80 8.87 41.35
N GLY E 42 -38.88 8.10 41.18
CA GLY E 42 -39.03 6.88 41.94
C GLY E 42 -38.46 5.65 41.26
N GLN E 43 -38.19 5.74 39.96
CA GLN E 43 -37.78 4.59 39.18
C GLN E 43 -36.27 4.59 38.95
N GLY E 44 -35.81 3.58 38.21
CA GLY E 44 -34.42 3.51 37.79
C GLY E 44 -34.23 4.13 36.42
N LEU E 45 -33.57 3.42 35.52
CA LEU E 45 -33.35 3.89 34.17
C LEU E 45 -34.33 3.21 33.22
N GLU E 46 -34.84 3.98 32.25
CA GLU E 46 -35.71 3.42 31.23
C GLU E 46 -35.27 3.90 29.87
N TRP E 47 -35.07 2.95 28.95
CA TRP E 47 -34.74 3.23 27.57
C TRP E 47 -35.99 3.65 26.83
N MET E 48 -35.99 4.87 26.28
CA MET E 48 -37.16 5.36 25.54
C MET E 48 -37.08 5.00 24.06
N GLY E 49 -35.90 5.11 23.48
CA GLY E 49 -35.72 4.89 22.06
C GLY E 49 -34.35 5.40 21.64
N GLY E 50 -34.12 5.34 20.34
CA GLY E 50 -32.82 5.76 19.84
C GLY E 50 -32.86 6.08 18.36
N ILE E 51 -31.74 6.60 17.87
CA ILE E 51 -31.57 6.91 16.46
C ILE E 51 -30.12 6.65 16.07
N ILE E 52 -29.93 6.16 14.86
CA ILE E 52 -28.63 6.17 14.19
C ILE E 52 -28.65 7.32 13.19
N PRO E 53 -27.95 8.43 13.46
CA PRO E 53 -28.16 9.65 12.66
C PRO E 53 -27.88 9.52 11.18
N ILE E 54 -26.79 8.85 10.78
CA ILE E 54 -26.47 8.79 9.36
C ILE E 54 -27.46 7.93 8.58
N PHE E 55 -28.23 7.08 9.27
CA PHE E 55 -29.26 6.28 8.60
C PHE E 55 -30.66 6.82 8.81
N ASP E 56 -30.86 7.71 9.77
CA ASP E 56 -32.19 8.18 10.16
C ASP E 56 -33.11 7.00 10.45
N THR E 57 -32.55 5.97 11.08
CA THR E 57 -33.33 4.81 11.52
C THR E 57 -33.57 4.93 13.01
N THR E 58 -34.84 5.01 13.39
CA THR E 58 -35.23 5.14 14.78
C THR E 58 -35.82 3.83 15.28
N ASN E 59 -35.76 3.66 16.59
CA ASN E 59 -36.46 2.59 17.27
C ASN E 59 -37.02 3.16 18.56
N TYR E 60 -38.28 2.86 18.86
CA TYR E 60 -38.97 3.43 20.00
C TYR E 60 -39.55 2.32 20.86
N ALA E 61 -39.35 2.42 22.16
CA ALA E 61 -40.04 1.54 23.09
C ALA E 61 -41.54 1.74 22.96
N GLN E 62 -42.29 0.64 23.08
CA GLN E 62 -43.74 0.69 22.92
C GLN E 62 -44.37 1.75 23.81
N LYS E 63 -43.85 1.90 25.03
CA LYS E 63 -44.41 2.84 26.00
C LYS E 63 -44.47 4.26 25.45
N PHE E 64 -43.56 4.62 24.55
CA PHE E 64 -43.46 5.98 24.05
C PHE E 64 -43.77 6.12 22.57
N GLN E 65 -44.11 5.03 21.88
CA GLN E 65 -44.41 5.11 20.46
C GLN E 65 -45.63 5.99 20.21
N GLY E 66 -45.49 6.94 19.29
CA GLY E 66 -46.55 7.86 18.96
C GLY E 66 -46.45 9.21 19.63
N ARG E 67 -45.77 9.29 20.78
CA ARG E 67 -45.60 10.56 21.47
C ARG E 67 -44.15 11.03 21.54
N VAL E 68 -43.17 10.22 21.17
CA VAL E 68 -41.77 10.64 21.13
C VAL E 68 -41.27 10.53 19.69
N THR E 69 -40.55 11.56 19.25
CA THR E 69 -39.81 11.53 18.00
C THR E 69 -38.37 11.96 18.29
N ILE E 70 -37.42 11.20 17.77
CA ILE E 70 -36.00 11.51 17.89
C ILE E 70 -35.47 11.80 16.49
N THR E 71 -34.88 12.98 16.30
CA THR E 71 -34.22 13.36 15.07
C THR E 71 -32.76 13.66 15.36
N ALA E 72 -31.94 13.73 14.31
CA ALA E 72 -30.51 13.95 14.53
C ALA E 72 -29.85 14.47 13.26
N ASP E 73 -28.77 15.24 13.47
CA ASP E 73 -27.97 15.76 12.37
C ASP E 73 -27.07 14.67 11.81
N GLU E 74 -27.09 14.50 10.49
CA GLU E 74 -26.35 13.43 9.84
C GLU E 74 -24.84 13.57 9.96
N SER E 75 -24.33 14.77 10.20
CA SER E 75 -22.90 15.01 10.20
C SER E 75 -22.30 15.05 11.60
N THR E 76 -22.94 15.73 12.53
CA THR E 76 -22.43 15.82 13.89
C THR E 76 -22.99 14.74 14.81
N GLY E 77 -24.16 14.19 14.49
CA GLY E 77 -24.83 13.28 15.37
C GLY E 77 -25.63 13.94 16.47
N THR E 78 -25.62 15.27 16.54
CA THR E 78 -26.47 15.98 17.48
C THR E 78 -27.92 15.58 17.27
N SER E 79 -28.61 15.29 18.37
CA SER E 79 -29.97 14.75 18.29
C SER E 79 -30.92 15.59 19.13
N ASP E 80 -32.21 15.46 18.81
CA ASP E 80 -33.30 16.05 19.55
C ASP E 80 -34.26 14.96 19.97
N MET E 81 -34.82 15.09 21.17
CA MET E 81 -35.87 14.19 21.65
C MET E 81 -37.07 15.04 22.00
N GLU E 82 -38.17 14.82 21.29
CA GLU E 82 -39.39 15.58 21.50
C GLU E 82 -40.46 14.64 22.05
N LEU E 83 -40.92 14.93 23.26
CA LEU E 83 -41.96 14.17 23.93
C LEU E 83 -43.20 15.06 24.04
N SER E 84 -44.32 14.59 23.51
CA SER E 84 -45.54 15.38 23.44
C SER E 84 -46.62 14.77 24.31
N SER E 85 -47.72 15.53 24.47
CA SER E 85 -48.82 15.17 25.37
C SER E 85 -48.29 14.78 26.75
N LEU E 86 -47.51 15.69 27.33
CA LEU E 86 -46.81 15.40 28.57
C LEU E 86 -47.78 15.21 29.73
N ARG E 87 -47.44 14.30 30.63
CA ARG E 87 -48.18 14.04 31.85
C ARG E 87 -47.25 14.20 33.05
N SER E 88 -47.85 14.22 34.23
CA SER E 88 -47.10 14.31 35.48
C SER E 88 -46.04 13.22 35.56
N GLU E 89 -46.38 12.00 35.14
CA GLU E 89 -45.44 10.88 35.22
C GLU E 89 -44.23 11.07 34.34
N ASP E 90 -44.28 11.98 33.37
CA ASP E 90 -43.12 12.25 32.52
C ASP E 90 -42.06 13.09 33.24
N THR E 91 -42.37 13.62 34.41
CA THR E 91 -41.37 14.32 35.22
C THR E 91 -40.18 13.40 35.48
N ALA E 92 -39.02 13.77 34.96
CA ALA E 92 -37.86 12.89 35.02
C ALA E 92 -36.62 13.65 34.55
N VAL E 93 -35.47 13.02 34.73
CA VAL E 93 -34.23 13.44 34.11
C VAL E 93 -34.03 12.61 32.85
N TYR E 94 -33.73 13.27 31.74
CA TYR E 94 -33.62 12.62 30.44
C TYR E 94 -32.17 12.64 29.98
N TYR E 95 -31.64 11.47 29.63
CA TYR E 95 -30.26 11.31 29.20
C TYR E 95 -30.21 10.90 27.74
N CYS E 96 -29.20 11.41 27.03
CA CYS E 96 -28.80 10.86 25.74
C CYS E 96 -27.47 10.14 25.93
N ALA E 97 -27.29 9.04 25.21
CA ALA E 97 -26.10 8.22 25.37
C ALA E 97 -25.71 7.64 24.03
N ARG E 98 -24.41 7.36 23.88
CA ARG E 98 -23.83 6.84 22.65
C ARG E 98 -23.23 5.47 22.91
N ASP E 99 -23.51 4.52 22.02
CA ASP E 99 -22.87 3.21 22.09
C ASP E 99 -21.35 3.36 21.97
N ARG E 100 -20.63 2.34 22.44
CA ARG E 100 -19.17 2.42 22.44
C ARG E 100 -18.56 2.13 21.08
N VAL E 101 -19.29 1.48 20.17
CA VAL E 101 -18.78 1.21 18.84
C VAL E 101 -19.80 1.71 17.82
N PRO E 102 -19.38 2.23 16.67
CA PRO E 102 -20.33 2.77 15.69
C PRO E 102 -21.18 1.66 15.09
N SER E 103 -22.19 2.09 14.34
CA SER E 103 -23.14 1.17 13.72
C SER E 103 -22.96 1.09 12.21
N TYR E 104 -21.91 1.71 11.66
CA TYR E 104 -21.61 1.64 10.25
C TYR E 104 -20.12 1.37 10.06
N SER E 105 -19.79 0.57 9.03
CA SER E 105 -18.42 0.24 8.70
C SER E 105 -18.25 0.20 7.19
N PRO E 106 -17.08 0.63 6.67
CA PRO E 106 -16.95 0.93 5.23
C PRO E 106 -17.33 -0.18 4.25
N SER E 107 -16.55 -1.26 4.22
CA SER E 107 -16.56 -2.29 3.15
C SER E 107 -15.76 -1.80 1.93
N ALA E 115 -34.43 -7.67 14.43
CA ALA E 115 -34.96 -7.68 15.79
C ALA E 115 -34.00 -7.02 16.77
N MET E 116 -32.77 -6.77 16.31
CA MET E 116 -31.75 -6.12 17.15
C MET E 116 -31.27 -4.85 16.47
N TRP E 117 -31.23 -3.76 17.23
CA TRP E 117 -30.95 -2.43 16.72
C TRP E 117 -29.73 -1.87 17.41
N GLY E 118 -28.90 -1.14 16.67
CA GLY E 118 -27.73 -0.52 17.24
C GLY E 118 -26.71 -1.55 17.72
N LYS E 119 -25.90 -1.14 18.69
CA LYS E 119 -24.87 -2.04 19.20
C LYS E 119 -25.07 -2.33 20.68
N TYR E 120 -24.23 -1.74 21.54
CA TYR E 120 -24.18 -2.10 22.95
C TYR E 120 -23.22 -1.15 23.65
N GLY E 121 -23.18 -1.27 24.98
CA GLY E 121 -22.21 -0.56 25.79
C GLY E 121 -22.23 0.95 25.64
N MET E 122 -23.26 1.59 26.18
CA MET E 122 -23.37 3.05 26.10
C MET E 122 -22.35 3.68 27.04
N ASP E 123 -21.29 4.27 26.48
CA ASP E 123 -20.16 4.74 27.27
C ASP E 123 -19.97 6.25 27.28
N VAL E 124 -20.66 6.99 26.42
CA VAL E 124 -20.64 8.45 26.45
C VAL E 124 -22.07 8.91 26.72
N TRP E 125 -22.25 9.65 27.83
CA TRP E 125 -23.56 10.08 28.28
C TRP E 125 -23.61 11.60 28.39
N GLY E 126 -24.76 12.18 28.07
CA GLY E 126 -24.99 13.56 28.37
C GLY E 126 -25.08 13.80 29.87
N GLN E 127 -25.09 15.08 30.26
CA GLN E 127 -25.19 15.42 31.66
C GLN E 127 -26.60 15.30 32.20
N GLY E 128 -27.59 15.05 31.33
CA GLY E 128 -28.97 14.94 31.76
C GLY E 128 -29.74 16.25 31.62
N THR E 129 -31.06 16.11 31.51
CA THR E 129 -31.96 17.24 31.40
C THR E 129 -33.18 16.96 32.26
N LEU E 130 -33.41 17.80 33.27
CA LEU E 130 -34.58 17.66 34.11
C LEU E 130 -35.80 18.27 33.43
N VAL E 131 -36.86 17.48 33.30
CA VAL E 131 -38.14 17.95 32.77
C VAL E 131 -39.17 17.79 33.86
N THR E 132 -39.76 18.90 34.29
CA THR E 132 -40.83 18.90 35.28
C THR E 132 -42.15 19.17 34.59
N VAL E 133 -43.12 18.28 34.77
CA VAL E 133 -44.45 18.41 34.18
C VAL E 133 -45.45 18.54 35.32
N SER E 134 -46.14 19.68 35.38
CA SER E 134 -47.08 19.93 36.45
C SER E 134 -48.00 21.07 36.05
N SER E 135 -49.20 21.08 36.62
CA SER E 135 -50.12 22.19 36.42
C SER E 135 -49.81 23.37 37.34
N ALA E 136 -48.87 23.23 38.27
CA ALA E 136 -48.55 24.31 39.18
C ALA E 136 -47.89 25.47 38.46
N SER E 137 -48.02 26.65 39.05
CA SER E 137 -47.37 27.86 38.56
C SER E 137 -46.13 28.16 39.38
N PHE E 138 -45.20 28.89 38.77
CA PHE E 138 -43.97 29.26 39.46
C PHE E 138 -44.29 30.02 40.73
N LYS E 139 -43.53 29.73 41.79
CA LYS E 139 -43.73 30.40 43.07
C LYS E 139 -42.46 30.25 43.89
N GLY E 140 -41.99 31.37 44.46
CA GLY E 140 -40.87 31.34 45.37
C GLY E 140 -41.29 30.79 46.71
N PRO E 141 -40.32 30.30 47.49
CA PRO E 141 -40.66 29.67 48.77
C PRO E 141 -40.87 30.68 49.89
N SER E 142 -41.71 30.30 50.84
CA SER E 142 -41.81 30.98 52.12
C SER E 142 -40.84 30.31 53.10
N VAL E 143 -40.02 31.10 53.78
CA VAL E 143 -38.95 30.59 54.61
C VAL E 143 -39.27 30.90 56.06
N PHE E 144 -39.52 29.85 56.86
CA PHE E 144 -39.86 29.98 58.26
C PHE E 144 -38.74 29.43 59.14
N PRO E 145 -38.54 29.99 60.32
CA PRO E 145 -37.46 29.52 61.19
C PRO E 145 -37.86 28.25 61.95
N LEU E 146 -36.89 27.37 62.11
CA LEU E 146 -36.99 26.22 63.01
C LEU E 146 -36.11 26.57 64.21
N ALA E 147 -36.72 27.20 65.21
CA ALA E 147 -35.95 27.82 66.27
C ALA E 147 -35.37 26.77 67.20
N PRO E 148 -34.13 26.96 67.67
CA PRO E 148 -33.54 25.99 68.58
C PRO E 148 -34.26 25.94 69.91
N SER E 149 -34.29 24.76 70.50
CA SER E 149 -34.90 24.57 71.81
C SER E 149 -34.29 25.53 72.82
N SER E 150 -35.15 26.16 73.63
CA SER E 150 -34.66 26.90 74.77
C SER E 150 -33.92 26.01 75.75
N LYS E 151 -34.14 24.70 75.66
CA LYS E 151 -33.52 23.71 76.53
C LYS E 151 -32.19 23.21 75.98
N SER E 152 -31.60 23.92 75.02
CA SER E 152 -30.43 23.42 74.33
C SER E 152 -29.15 23.49 75.16
N THR E 153 -29.12 24.32 76.21
CA THR E 153 -27.87 24.49 76.95
C THR E 153 -27.54 23.28 77.81
N SER E 154 -28.56 22.53 78.25
CA SER E 154 -28.29 21.27 78.95
C SER E 154 -27.55 20.29 78.04
N GLY E 155 -27.81 20.37 76.73
CA GLY E 155 -27.00 19.64 75.78
C GLY E 155 -25.81 20.45 75.32
N GLY E 156 -24.79 19.76 74.81
CA GLY E 156 -23.69 20.45 74.18
C GLY E 156 -23.99 20.89 72.77
N THR E 157 -24.96 20.25 72.12
CA THR E 157 -25.29 20.47 70.72
C THR E 157 -26.74 20.90 70.58
N ALA E 158 -26.96 21.95 69.81
CA ALA E 158 -28.30 22.44 69.50
C ALA E 158 -28.57 22.30 68.01
N ALA E 159 -29.82 22.03 67.67
CA ALA E 159 -30.26 21.95 66.28
C ALA E 159 -31.19 23.11 65.98
N LEU E 160 -30.95 23.78 64.86
CA LEU E 160 -31.86 24.80 64.35
C LEU E 160 -31.93 24.64 62.84
N GLY E 161 -32.89 25.31 62.22
CA GLY E 161 -33.02 25.18 60.80
C GLY E 161 -34.01 26.15 60.20
N CYS E 162 -34.41 25.84 58.97
CA CYS E 162 -35.37 26.66 58.23
C CYS E 162 -36.31 25.76 57.46
N LEU E 163 -37.59 26.07 57.53
CA LEU E 163 -38.61 25.40 56.72
C LEU E 163 -38.79 26.19 55.43
N VAL E 164 -38.49 25.54 54.31
CA VAL E 164 -38.55 26.17 52.99
C VAL E 164 -39.78 25.58 52.29
N LYS E 165 -40.88 26.33 52.30
CA LYS E 165 -42.20 25.77 52.06
C LYS E 165 -42.85 26.37 50.81
N ASP E 166 -43.56 25.53 50.07
CA ASP E 166 -44.49 25.94 49.02
C ASP E 166 -43.80 26.71 47.90
N TYR E 167 -42.91 25.99 47.21
CA TYR E 167 -42.24 26.56 46.05
C TYR E 167 -42.40 25.61 44.86
N PHE E 168 -42.21 26.18 43.66
CA PHE E 168 -42.26 25.44 42.41
C PHE E 168 -41.55 26.27 41.36
N PRO E 169 -40.70 25.66 40.52
CA PRO E 169 -40.33 24.24 40.56
C PRO E 169 -39.07 24.01 41.37
N GLU E 170 -38.58 22.76 41.37
CA GLU E 170 -37.23 22.50 41.80
C GLU E 170 -36.26 23.15 40.79
N PRO E 171 -35.02 23.45 41.22
CA PRO E 171 -34.48 23.24 42.56
C PRO E 171 -34.43 24.51 43.38
N VAL E 172 -34.05 24.35 44.64
CA VAL E 172 -33.77 25.48 45.51
C VAL E 172 -32.40 25.27 46.12
N THR E 173 -31.71 26.37 46.39
CA THR E 173 -30.40 26.34 47.01
C THR E 173 -30.50 26.95 48.41
N VAL E 174 -29.98 26.23 49.41
CA VAL E 174 -29.96 26.72 50.78
C VAL E 174 -28.53 26.73 51.27
N SER E 175 -28.08 27.89 51.73
CA SER E 175 -26.80 28.05 52.40
C SER E 175 -27.06 28.65 53.78
N TRP E 176 -26.02 28.67 54.61
CA TRP E 176 -26.11 29.21 55.96
C TRP E 176 -25.03 30.24 56.18
N ASN E 177 -25.41 31.40 56.72
CA ASN E 177 -24.49 32.51 56.95
C ASN E 177 -23.71 32.86 55.68
N SER E 178 -24.45 32.91 54.56
CA SER E 178 -23.90 33.26 53.25
C SER E 178 -22.78 32.31 52.83
N GLY E 179 -22.87 31.05 53.25
CA GLY E 179 -21.94 30.03 52.84
C GLY E 179 -20.79 29.79 53.81
N ALA E 180 -20.66 30.59 54.86
CA ALA E 180 -19.58 30.41 55.80
C ALA E 180 -19.80 29.23 56.74
N LEU E 181 -21.04 28.80 56.92
CA LEU E 181 -21.38 27.69 57.82
C LEU E 181 -21.78 26.49 56.98
N THR E 182 -20.91 25.48 56.93
CA THR E 182 -21.16 24.27 56.16
C THR E 182 -21.16 23.00 56.98
N SER E 183 -20.44 22.97 58.10
CA SER E 183 -20.36 21.76 58.92
C SER E 183 -21.70 21.50 59.61
N GLY E 184 -22.17 20.25 59.50
CA GLY E 184 -23.39 19.85 60.18
C GLY E 184 -24.67 20.32 59.54
N VAL E 185 -24.64 20.77 58.29
CA VAL E 185 -25.83 21.23 57.58
C VAL E 185 -26.44 20.05 56.84
N HIS E 186 -27.74 19.83 57.04
CA HIS E 186 -28.50 18.84 56.29
C HIS E 186 -29.67 19.55 55.62
N THR E 187 -29.64 19.64 54.29
CA THR E 187 -30.74 20.18 53.50
C THR E 187 -31.47 19.01 52.84
N PHE E 188 -32.66 18.70 53.34
CA PHE E 188 -33.33 17.47 52.95
C PHE E 188 -33.87 17.58 51.52
N PRO E 189 -33.95 16.45 50.81
CA PRO E 189 -34.66 16.45 49.52
C PRO E 189 -36.09 16.94 49.70
N ALA E 190 -36.54 17.74 48.75
CA ALA E 190 -37.89 18.29 48.81
C ALA E 190 -38.92 17.19 48.65
N VAL E 191 -40.09 17.41 49.24
CA VAL E 191 -41.24 16.52 49.08
C VAL E 191 -42.31 17.29 48.32
N LEU E 192 -42.90 16.65 47.32
CA LEU E 192 -43.99 17.24 46.56
C LEU E 192 -45.27 17.10 47.37
N GLN E 193 -45.87 18.23 47.74
CA GLN E 193 -47.10 18.21 48.52
C GLN E 193 -48.30 18.02 47.60
N SER E 194 -49.46 17.74 48.22
CA SER E 194 -50.68 17.52 47.47
C SER E 194 -51.07 18.75 46.66
N SER E 195 -50.66 19.94 47.12
CA SER E 195 -50.94 21.18 46.40
C SER E 195 -50.14 21.33 45.12
N GLY E 196 -49.18 20.45 44.86
CA GLY E 196 -48.30 20.58 43.72
C GLY E 196 -47.07 21.41 43.96
N LEU E 197 -46.88 21.94 45.17
CA LEU E 197 -45.72 22.73 45.53
C LEU E 197 -44.75 21.89 46.35
N TYR E 198 -43.48 22.26 46.30
CA TYR E 198 -42.43 21.54 47.01
C TYR E 198 -42.19 22.14 48.38
N SER E 199 -41.63 21.32 49.27
CA SER E 199 -41.30 21.77 50.61
C SER E 199 -40.12 20.94 51.12
N LEU E 200 -39.25 21.59 51.89
CA LEU E 200 -38.14 20.91 52.54
C LEU E 200 -37.73 21.71 53.76
N SER E 201 -36.94 21.08 54.61
CA SER E 201 -36.30 21.75 55.72
C SER E 201 -34.80 21.65 55.56
N SER E 202 -34.11 22.71 55.97
CA SER E 202 -32.66 22.71 56.08
C SER E 202 -32.31 22.92 57.54
N VAL E 203 -31.49 22.03 58.10
CA VAL E 203 -31.14 22.07 59.51
C VAL E 203 -29.62 22.09 59.65
N VAL E 204 -29.16 22.60 60.79
CA VAL E 204 -27.74 22.60 61.14
C VAL E 204 -27.63 22.39 62.64
N THR E 205 -26.62 21.64 63.06
CA THR E 205 -26.30 21.47 64.47
C THR E 205 -25.11 22.36 64.82
N VAL E 206 -25.23 23.09 65.92
CA VAL E 206 -24.20 24.04 66.37
C VAL E 206 -23.98 23.85 67.85
N PRO E 207 -22.84 24.31 68.37
CA PRO E 207 -22.62 24.28 69.82
C PRO E 207 -23.68 25.09 70.54
N SER E 208 -24.24 24.50 71.60
CA SER E 208 -25.26 25.18 72.39
C SER E 208 -24.77 26.53 72.90
N SER E 209 -23.49 26.60 73.30
CA SER E 209 -22.91 27.82 73.83
C SER E 209 -22.74 28.92 72.78
N SER E 210 -23.08 28.66 71.52
CA SER E 210 -22.97 29.66 70.46
C SER E 210 -24.29 30.35 70.17
N LEU E 211 -25.39 29.92 70.80
CA LEU E 211 -26.70 30.43 70.44
C LEU E 211 -26.84 31.91 70.76
N GLY E 212 -26.46 32.31 71.98
CA GLY E 212 -26.55 33.72 72.34
C GLY E 212 -25.53 34.59 71.64
N THR E 213 -24.42 34.01 71.17
CA THR E 213 -23.33 34.76 70.58
C THR E 213 -23.42 34.84 69.06
N GLN E 214 -23.53 33.68 68.40
CA GLN E 214 -23.45 33.61 66.95
C GLN E 214 -24.83 33.80 66.32
N THR E 215 -24.87 34.54 65.23
CA THR E 215 -26.08 34.72 64.42
C THR E 215 -26.15 33.64 63.36
N TYR E 216 -27.35 33.10 63.14
CA TYR E 216 -27.57 32.03 62.17
C TYR E 216 -28.65 32.45 61.20
N ILE E 217 -28.28 32.58 59.92
CA ILE E 217 -29.17 33.01 58.86
C ILE E 217 -29.13 31.98 57.75
N CYS E 218 -30.30 31.47 57.36
CA CYS E 218 -30.39 30.61 56.20
C CYS E 218 -30.67 31.46 54.96
N ASN E 219 -29.89 31.26 53.90
CA ASN E 219 -30.04 31.98 52.64
C ASN E 219 -30.65 31.01 51.63
N VAL E 220 -31.88 31.29 51.21
CA VAL E 220 -32.60 30.45 50.26
C VAL E 220 -32.58 31.14 48.91
N ASN E 221 -32.10 30.43 47.89
CA ASN E 221 -32.08 30.91 46.52
C ASN E 221 -32.94 29.99 45.68
N HIS E 222 -34.00 30.55 45.10
CA HIS E 222 -34.85 29.84 44.15
C HIS E 222 -34.62 30.46 42.77
N LYS E 223 -33.55 30.00 42.11
CA LYS E 223 -33.20 30.54 40.81
C LYS E 223 -34.33 30.51 39.78
N PRO E 224 -35.17 29.46 39.70
CA PRO E 224 -36.25 29.49 38.69
C PRO E 224 -37.21 30.66 38.83
N SER E 225 -37.37 31.22 40.02
CA SER E 225 -38.26 32.35 40.22
C SER E 225 -37.53 33.64 40.57
N ASN E 226 -36.19 33.65 40.47
CA ASN E 226 -35.38 34.83 40.76
C ASN E 226 -35.66 35.35 42.17
N THR E 227 -35.81 34.43 43.12
CA THR E 227 -36.20 34.77 44.48
C THR E 227 -35.09 34.36 45.45
N LYS E 228 -34.51 35.34 46.13
CA LYS E 228 -33.58 35.11 47.22
C LYS E 228 -34.21 35.67 48.50
N VAL E 229 -34.33 34.82 49.51
CA VAL E 229 -34.94 35.20 50.78
C VAL E 229 -34.07 34.69 51.93
N ASP E 230 -33.83 35.55 52.91
CA ASP E 230 -33.06 35.22 54.11
C ASP E 230 -33.99 35.03 55.30
N LYS E 231 -33.53 34.23 56.27
CA LYS E 231 -34.27 34.04 57.51
C LYS E 231 -33.28 33.90 58.66
N LYS E 232 -33.32 34.84 59.60
CA LYS E 232 -32.54 34.74 60.82
C LYS E 232 -33.27 33.83 61.80
N VAL E 233 -32.55 32.84 62.34
CA VAL E 233 -33.12 31.87 63.27
C VAL E 233 -32.70 32.28 64.67
N GLU E 234 -33.69 32.70 65.48
CA GLU E 234 -33.52 33.28 66.80
C GLU E 234 -33.97 32.32 67.89
N PRO E 235 -33.21 32.21 68.99
CA PRO E 235 -33.59 31.39 70.15
C PRO E 235 -34.66 32.04 71.02
N ASP F 1 -41.33 -7.95 26.10
CA ASP F 1 -40.03 -7.39 26.45
C ASP F 1 -39.25 -8.33 27.37
N ILE F 2 -37.92 -8.30 27.25
CA ILE F 2 -37.09 -9.08 28.16
C ILE F 2 -37.09 -8.42 29.54
N VAL F 3 -37.41 -9.20 30.55
CA VAL F 3 -37.47 -8.72 31.92
C VAL F 3 -36.15 -9.02 32.60
N MET F 4 -35.47 -7.96 33.06
CA MET F 4 -34.21 -8.09 33.76
C MET F 4 -34.45 -8.00 35.26
N THR F 5 -33.88 -8.95 36.01
CA THR F 5 -34.14 -9.08 37.44
C THR F 5 -32.82 -9.00 38.20
N GLN F 6 -32.68 -8.00 39.07
CA GLN F 6 -31.48 -7.79 39.86
C GLN F 6 -31.71 -8.16 41.31
N SER F 7 -30.63 -8.59 41.97
CA SER F 7 -30.63 -9.08 43.34
C SER F 7 -29.25 -8.81 43.94
N PRO F 8 -29.16 -8.18 45.13
CA PRO F 8 -30.26 -7.59 45.90
C PRO F 8 -30.59 -6.21 45.35
N LEU F 9 -31.70 -5.62 45.78
CA LEU F 9 -31.97 -4.24 45.41
C LEU F 9 -31.23 -3.25 46.30
N SER F 10 -30.83 -3.68 47.50
CA SER F 10 -30.12 -2.84 48.46
C SER F 10 -28.90 -3.59 48.95
N LEU F 11 -27.71 -2.99 48.81
CA LEU F 11 -26.46 -3.67 49.12
C LEU F 11 -25.54 -2.76 49.91
N PRO F 12 -25.64 -2.79 51.24
CA PRO F 12 -24.61 -2.15 52.07
C PRO F 12 -23.33 -2.98 52.04
N VAL F 13 -22.21 -2.31 51.80
CA VAL F 13 -20.92 -2.98 51.62
C VAL F 13 -19.91 -2.41 52.59
N THR F 14 -18.99 -3.27 53.04
CA THR F 14 -17.89 -2.85 53.89
C THR F 14 -16.67 -2.59 53.03
N PRO F 15 -16.07 -1.40 53.08
CA PRO F 15 -14.88 -1.14 52.25
C PRO F 15 -13.76 -2.12 52.58
N GLY F 16 -13.17 -2.69 51.55
CA GLY F 16 -12.21 -3.76 51.69
C GLY F 16 -12.80 -5.14 51.46
N GLU F 17 -14.12 -5.30 51.68
CA GLU F 17 -14.80 -6.56 51.41
C GLU F 17 -15.20 -6.65 49.95
N PRO F 18 -15.32 -7.86 49.41
CA PRO F 18 -15.89 -8.03 48.07
C PRO F 18 -17.39 -7.78 48.08
N ALA F 19 -17.94 -7.59 46.89
CA ALA F 19 -19.37 -7.46 46.69
C ALA F 19 -19.76 -8.19 45.41
N SER F 20 -21.01 -8.64 45.36
CA SER F 20 -21.52 -9.37 44.21
C SER F 20 -22.96 -8.97 43.97
N ILE F 21 -23.30 -8.73 42.70
CA ILE F 21 -24.64 -8.34 42.29
C ILE F 21 -25.11 -9.31 41.23
N SER F 22 -26.33 -9.83 41.40
CA SER F 22 -26.88 -10.81 40.49
C SER F 22 -27.89 -10.15 39.55
N CYS F 23 -27.92 -10.63 38.32
CA CYS F 23 -28.86 -10.17 37.32
C CYS F 23 -29.36 -11.35 36.50
N ARG F 24 -30.67 -11.53 36.45
CA ARG F 24 -31.29 -12.61 35.69
C ARG F 24 -32.17 -12.05 34.60
N SER F 25 -32.15 -12.69 33.42
CA SER F 25 -33.00 -12.29 32.30
C SER F 25 -34.11 -13.30 32.10
N SER F 26 -35.23 -12.82 31.56
CA SER F 26 -36.37 -13.69 31.28
C SER F 26 -36.10 -14.67 30.16
N GLN F 27 -35.08 -14.44 29.34
CA GLN F 27 -34.68 -15.36 28.28
C GLN F 27 -33.19 -15.18 28.04
N SER F 28 -32.62 -16.11 27.27
CA SER F 28 -31.17 -16.13 27.09
C SER F 28 -30.71 -14.90 26.33
N LEU F 29 -29.63 -14.30 26.83
CA LEU F 29 -28.96 -13.19 26.16
C LEU F 29 -27.78 -13.63 25.32
N LEU F 30 -27.59 -14.93 25.15
CA LEU F 30 -26.45 -15.45 24.40
C LEU F 30 -26.78 -15.46 22.92
N HIS F 31 -26.06 -14.67 22.15
CA HIS F 31 -26.21 -14.57 20.69
C HIS F 31 -25.49 -15.73 20.00
N SER F 32 -25.84 -15.95 18.74
CA SER F 32 -25.16 -16.97 17.95
C SER F 32 -23.67 -16.69 17.82
N ASN F 33 -23.29 -15.40 17.83
CA ASN F 33 -21.87 -15.05 17.72
C ASN F 33 -21.08 -15.37 18.98
N GLY F 34 -21.71 -15.96 20.00
CA GLY F 34 -21.02 -16.37 21.19
C GLY F 34 -20.94 -15.35 22.29
N TYR F 35 -21.48 -14.15 22.07
CA TYR F 35 -21.44 -13.08 23.08
C TYR F 35 -22.77 -13.00 23.80
N ASN F 36 -22.70 -12.71 25.10
CA ASN F 36 -23.89 -12.42 25.91
C ASN F 36 -24.12 -10.92 25.88
N TYR F 37 -25.31 -10.50 25.44
CA TYR F 37 -25.59 -9.08 25.23
C TYR F 37 -26.10 -8.46 26.53
N LEU F 38 -25.19 -8.36 27.49
CA LEU F 38 -25.49 -7.87 28.84
C LEU F 38 -24.47 -6.79 29.20
N ASP F 39 -24.94 -5.61 29.56
CA ASP F 39 -24.09 -4.53 30.03
C ASP F 39 -24.33 -4.28 31.51
N TRP F 40 -23.30 -3.79 32.18
CA TRP F 40 -23.42 -3.30 33.56
C TRP F 40 -23.14 -1.81 33.55
N TYR F 41 -24.00 -1.04 34.22
CA TYR F 41 -23.84 0.40 34.34
C TYR F 41 -23.81 0.78 35.81
N LEU F 42 -23.13 1.88 36.09
CA LEU F 42 -23.08 2.45 37.43
C LEU F 42 -23.44 3.92 37.35
N GLN F 43 -24.35 4.35 38.21
CA GLN F 43 -24.71 5.76 38.34
C GLN F 43 -24.27 6.21 39.73
N LYS F 44 -23.11 6.84 39.79
CA LYS F 44 -22.63 7.41 41.04
C LYS F 44 -23.54 8.57 41.45
N PRO F 45 -23.60 8.88 42.74
CA PRO F 45 -24.54 9.92 43.21
C PRO F 45 -24.33 11.24 42.51
N GLY F 46 -25.43 11.79 41.98
CA GLY F 46 -25.40 13.08 41.31
C GLY F 46 -24.73 13.09 39.96
N GLN F 47 -24.48 11.93 39.35
CA GLN F 47 -23.79 11.83 38.08
C GLN F 47 -24.64 11.09 37.06
N SER F 48 -24.25 11.23 35.80
CA SER F 48 -24.83 10.42 34.74
C SER F 48 -24.37 8.97 34.90
N PRO F 49 -25.14 8.01 34.39
CA PRO F 49 -24.67 6.63 34.37
C PRO F 49 -23.40 6.49 33.54
N GLN F 50 -22.62 5.47 33.87
CA GLN F 50 -21.39 5.18 33.15
C GLN F 50 -21.30 3.69 32.89
N LEU F 51 -20.65 3.33 31.79
CA LEU F 51 -20.50 1.93 31.43
C LEU F 51 -19.41 1.28 32.27
N LEU F 52 -19.72 0.10 32.82
CA LEU F 52 -18.74 -0.71 33.54
C LEU F 52 -18.32 -1.93 32.74
N ILE F 53 -19.28 -2.76 32.35
CA ILE F 53 -19.03 -4.00 31.64
C ILE F 53 -19.92 -4.01 30.40
N TYR F 54 -19.40 -4.52 29.29
CA TYR F 54 -20.19 -4.71 28.09
C TYR F 54 -19.98 -6.13 27.57
N LEU F 55 -21.00 -6.64 26.90
CA LEU F 55 -20.99 -8.00 26.34
C LEU F 55 -20.64 -9.04 27.40
N GLY F 56 -21.29 -8.92 28.56
CA GLY F 56 -21.17 -9.92 29.61
C GLY F 56 -19.97 -9.76 30.52
N SER F 57 -18.76 -9.74 29.94
CA SER F 57 -17.55 -9.80 30.74
C SER F 57 -16.44 -8.84 30.30
N ASN F 58 -16.65 -8.01 29.29
CA ASN F 58 -15.61 -7.10 28.83
C ASN F 58 -15.62 -5.83 29.67
N ARG F 59 -14.50 -5.54 30.31
CA ARG F 59 -14.37 -4.29 31.06
C ARG F 59 -14.29 -3.10 30.11
N ALA F 60 -15.01 -2.04 30.43
CA ALA F 60 -14.92 -0.82 29.64
C ALA F 60 -13.60 -0.12 29.92
N SER F 61 -13.21 0.75 28.99
CA SER F 61 -11.94 1.47 29.11
C SER F 61 -11.92 2.29 30.39
N GLY F 62 -10.83 2.16 31.15
CA GLY F 62 -10.66 2.90 32.38
C GLY F 62 -11.30 2.30 33.61
N VAL F 63 -12.04 1.21 33.47
CA VAL F 63 -12.67 0.58 34.63
C VAL F 63 -11.60 -0.22 35.40
N PRO F 64 -11.44 0.03 36.70
CA PRO F 64 -10.40 -0.68 37.46
C PRO F 64 -10.63 -2.18 37.47
N ASP F 65 -9.54 -2.91 37.74
CA ASP F 65 -9.56 -4.37 37.65
C ASP F 65 -10.44 -5.03 38.70
N ARG F 66 -10.82 -4.29 39.76
CA ARG F 66 -11.63 -4.91 40.80
C ARG F 66 -13.06 -5.21 40.33
N PHE F 67 -13.50 -4.59 39.25
CA PHE F 67 -14.79 -4.88 38.66
C PHE F 67 -14.65 -5.99 37.62
N SER F 68 -15.58 -6.94 37.65
CA SER F 68 -15.60 -8.00 36.65
C SER F 68 -17.03 -8.49 36.46
N GLY F 69 -17.35 -8.85 35.23
CA GLY F 69 -18.65 -9.42 34.90
C GLY F 69 -18.47 -10.87 34.43
N SER F 70 -19.41 -11.72 34.82
CA SER F 70 -19.41 -13.11 34.38
C SER F 70 -20.85 -13.57 34.25
N GLY F 71 -21.02 -14.81 33.82
CA GLY F 71 -22.33 -15.39 33.61
C GLY F 71 -22.59 -15.67 32.13
N SER F 72 -23.73 -16.30 31.89
CA SER F 72 -24.12 -16.68 30.54
C SER F 72 -25.60 -17.00 30.50
N GLY F 73 -26.18 -16.85 29.31
CA GLY F 73 -27.59 -17.18 29.11
C GLY F 73 -28.54 -16.28 29.86
N THR F 74 -29.01 -16.73 31.02
CA THR F 74 -29.96 -15.99 31.82
C THR F 74 -29.44 -15.59 33.19
N ASP F 75 -28.21 -15.94 33.52
CA ASP F 75 -27.68 -15.73 34.86
C ASP F 75 -26.36 -14.98 34.77
N PHE F 76 -26.29 -13.80 35.37
CA PHE F 76 -25.11 -12.95 35.28
C PHE F 76 -24.77 -12.41 36.66
N THR F 77 -23.51 -12.00 36.81
CA THR F 77 -22.99 -11.54 38.09
C THR F 77 -21.98 -10.42 37.88
N LEU F 78 -22.17 -9.31 38.59
CA LEU F 78 -21.16 -8.28 38.69
C LEU F 78 -20.42 -8.45 40.00
N LYS F 79 -19.09 -8.50 39.93
CA LYS F 79 -18.25 -8.73 41.10
C LYS F 79 -17.35 -7.53 41.32
N ILE F 80 -17.28 -7.07 42.56
CA ILE F 80 -16.29 -6.09 42.99
C ILE F 80 -15.37 -6.80 43.98
N SER F 81 -14.12 -7.00 43.59
CA SER F 81 -13.20 -7.79 44.41
C SER F 81 -12.92 -7.10 45.74
N LYS F 82 -12.77 -5.77 45.73
CA LYS F 82 -12.54 -5.00 46.95
C LYS F 82 -13.27 -3.68 46.81
N VAL F 83 -14.35 -3.52 47.58
CA VAL F 83 -15.15 -2.31 47.51
C VAL F 83 -14.34 -1.13 48.06
N GLU F 84 -14.40 0.00 47.34
CA GLU F 84 -13.82 1.25 47.81
C GLU F 84 -14.94 2.28 47.94
N ALA F 85 -14.69 3.30 48.76
CA ALA F 85 -15.73 4.30 49.06
C ALA F 85 -16.31 4.91 47.80
N GLU F 86 -15.46 5.17 46.80
CA GLU F 86 -15.91 5.79 45.56
C GLU F 86 -16.79 4.88 44.71
N ASP F 87 -17.05 3.64 45.13
CA ASP F 87 -17.87 2.71 44.37
C ASP F 87 -19.35 2.80 44.68
N VAL F 88 -19.76 3.64 45.64
CA VAL F 88 -21.18 3.72 45.99
C VAL F 88 -21.97 4.28 44.81
N GLY F 89 -23.24 3.92 44.76
CA GLY F 89 -24.11 4.33 43.68
C GLY F 89 -25.10 3.23 43.38
N VAL F 90 -25.81 3.40 42.27
CA VAL F 90 -26.81 2.42 41.82
C VAL F 90 -26.25 1.70 40.60
N TYR F 91 -26.16 0.38 40.68
CA TYR F 91 -25.67 -0.46 39.60
C TYR F 91 -26.87 -1.03 38.84
N TYR F 92 -26.80 -0.98 37.52
CA TYR F 92 -27.86 -1.48 36.65
C TYR F 92 -27.28 -2.51 35.69
N CYS F 93 -27.98 -3.63 35.50
CA CYS F 93 -27.70 -4.43 34.33
C CYS F 93 -28.69 -4.06 33.24
N MET F 94 -28.35 -4.43 32.01
CA MET F 94 -29.15 -4.04 30.85
C MET F 94 -28.86 -5.00 29.72
N GLN F 95 -29.91 -5.56 29.14
CA GLN F 95 -29.76 -6.41 27.97
C GLN F 95 -29.77 -5.56 26.70
N ALA F 96 -28.88 -5.89 25.78
CA ALA F 96 -28.81 -5.22 24.48
C ALA F 96 -29.11 -6.17 23.34
N LEU F 97 -29.73 -7.31 23.63
CA LEU F 97 -30.01 -8.31 22.60
C LEU F 97 -31.20 -7.91 21.73
N GLN F 98 -32.31 -7.53 22.36
CA GLN F 98 -33.52 -7.16 21.66
C GLN F 98 -33.93 -5.74 22.02
N THR F 99 -34.54 -5.05 21.06
CA THR F 99 -35.21 -3.81 21.40
C THR F 99 -36.61 -4.12 21.91
N PRO F 100 -37.11 -3.37 22.90
CA PRO F 100 -36.39 -2.27 23.54
C PRO F 100 -35.33 -2.77 24.53
N ARG F 101 -34.22 -2.04 24.65
CA ARG F 101 -33.26 -2.31 25.71
C ARG F 101 -33.95 -2.12 27.06
N THR F 102 -33.73 -3.07 27.97
CA THR F 102 -34.39 -3.05 29.26
C THR F 102 -33.36 -3.20 30.37
N PHE F 103 -33.59 -2.47 31.45
CA PHE F 103 -32.69 -2.43 32.60
C PHE F 103 -33.24 -3.29 33.73
N GLY F 104 -32.35 -3.71 34.62
CA GLY F 104 -32.77 -4.20 35.92
C GLY F 104 -33.28 -3.05 36.78
N GLN F 105 -33.83 -3.41 37.94
CA GLN F 105 -34.38 -2.39 38.82
C GLN F 105 -33.29 -1.47 39.36
N GLY F 106 -32.07 -1.95 39.46
CA GLY F 106 -30.98 -1.20 40.03
C GLY F 106 -30.65 -1.75 41.42
N THR F 107 -29.36 -1.78 41.73
CA THR F 107 -28.86 -2.22 43.03
C THR F 107 -28.12 -1.04 43.66
N LYS F 108 -28.68 -0.52 44.75
CA LYS F 108 -28.09 0.65 45.41
C LYS F 108 -27.03 0.20 46.40
N VAL F 109 -25.79 0.56 46.14
CA VAL F 109 -24.65 0.17 46.96
C VAL F 109 -24.32 1.33 47.89
N GLU F 110 -24.35 1.06 49.19
CA GLU F 110 -24.02 2.05 50.20
C GLU F 110 -23.05 1.45 51.21
N ILE F 111 -22.57 2.30 52.12
CA ILE F 111 -21.50 1.91 53.04
C ILE F 111 -22.11 1.34 54.31
N LYS F 112 -21.66 0.15 54.68
CA LYS F 112 -22.06 -0.47 55.93
C LYS F 112 -21.19 0.03 57.07
N ARG F 113 -21.82 0.25 58.23
CA ARG F 113 -21.12 0.67 59.43
C ARG F 113 -21.89 0.12 60.63
N THR F 114 -21.30 0.27 61.81
CA THR F 114 -22.00 -0.15 63.02
C THR F 114 -23.15 0.80 63.31
N ALA F 115 -24.11 0.31 64.09
CA ALA F 115 -25.32 1.08 64.38
C ALA F 115 -24.98 2.37 65.11
N ALA F 116 -25.63 3.46 64.70
CA ALA F 116 -25.50 4.76 65.34
C ALA F 116 -26.89 5.29 65.63
N ALA F 117 -27.12 5.70 66.87
CA ALA F 117 -28.45 6.13 67.24
C ALA F 117 -28.73 7.54 66.70
N PRO F 118 -29.98 7.83 66.35
CA PRO F 118 -30.34 9.20 65.98
C PRO F 118 -30.44 10.07 67.22
N SER F 119 -29.97 11.31 67.08
CA SER F 119 -30.30 12.36 68.04
C SER F 119 -31.54 13.07 67.55
N VAL F 120 -32.57 13.13 68.39
CA VAL F 120 -33.89 13.59 67.97
C VAL F 120 -34.11 15.03 68.45
N PHE F 121 -34.68 15.84 67.57
CA PHE F 121 -35.08 17.20 67.89
C PHE F 121 -36.48 17.44 67.34
N ILE F 122 -37.26 18.25 68.04
CA ILE F 122 -38.61 18.61 67.61
C ILE F 122 -38.71 20.12 67.53
N PHE F 123 -39.43 20.61 66.52
CA PHE F 123 -39.57 22.04 66.27
C PHE F 123 -41.06 22.35 66.15
N PRO F 124 -41.62 23.19 67.01
CA PRO F 124 -43.00 23.65 66.81
C PRO F 124 -43.07 24.55 65.59
N PRO F 125 -44.26 24.73 65.01
CA PRO F 125 -44.39 25.68 63.90
C PRO F 125 -44.05 27.08 64.37
N SER F 126 -43.41 27.85 63.48
CA SER F 126 -43.06 29.22 63.81
C SER F 126 -44.31 30.08 63.92
N ASP F 127 -44.19 31.19 64.64
CA ASP F 127 -45.29 32.13 64.72
C ASP F 127 -45.58 32.76 63.36
N GLU F 128 -44.55 32.93 62.53
CA GLU F 128 -44.75 33.47 61.19
C GLU F 128 -45.63 32.55 60.36
N GLN F 129 -45.33 31.25 60.37
CA GLN F 129 -46.13 30.31 59.59
C GLN F 129 -47.57 30.26 60.07
N LEU F 130 -47.78 30.41 61.38
CA LEU F 130 -49.14 30.31 61.92
C LEU F 130 -50.04 31.42 61.41
N LYS F 131 -49.49 32.59 61.12
CA LYS F 131 -50.30 33.68 60.59
C LYS F 131 -50.93 33.31 59.25
N SER F 132 -50.20 32.56 58.41
CA SER F 132 -50.68 32.19 57.09
C SER F 132 -51.73 31.09 57.11
N GLY F 133 -52.08 30.56 58.28
CA GLY F 133 -53.19 29.63 58.40
C GLY F 133 -52.85 28.16 58.34
N THR F 134 -51.56 27.79 58.40
CA THR F 134 -51.19 26.39 58.40
C THR F 134 -50.02 26.18 59.36
N ALA F 135 -49.90 24.96 59.85
CA ALA F 135 -48.90 24.61 60.85
C ALA F 135 -48.17 23.34 60.43
N SER F 136 -46.84 23.40 60.46
CA SER F 136 -45.99 22.24 60.20
C SER F 136 -45.14 21.99 61.44
N VAL F 137 -45.21 20.77 61.96
CA VAL F 137 -44.37 20.34 63.07
C VAL F 137 -43.27 19.45 62.50
N VAL F 138 -42.03 19.75 62.84
CA VAL F 138 -40.86 19.12 62.24
C VAL F 138 -40.12 18.35 63.31
N CYS F 139 -39.90 17.06 63.05
CA CYS F 139 -39.12 16.18 63.90
C CYS F 139 -37.86 15.76 63.13
N LEU F 140 -36.70 15.95 63.74
CA LEU F 140 -35.42 15.68 63.09
C LEU F 140 -34.75 14.48 63.74
N LEU F 141 -34.34 13.50 62.93
CA LEU F 141 -33.50 12.38 63.34
C LEU F 141 -32.14 12.61 62.68
N ASN F 142 -31.12 12.88 63.48
CA ASN F 142 -29.84 13.32 62.96
C ASN F 142 -28.77 12.24 63.13
N ASN F 143 -28.10 11.91 62.02
CA ASN F 143 -26.84 11.18 62.02
C ASN F 143 -26.98 9.78 62.64
N PHE F 144 -27.78 8.94 61.98
CA PHE F 144 -28.02 7.58 62.45
C PHE F 144 -27.68 6.59 61.36
N TYR F 145 -27.57 5.32 61.76
CA TYR F 145 -27.39 4.19 60.86
C TYR F 145 -27.88 2.94 61.59
N PRO F 146 -28.58 2.02 60.90
CA PRO F 146 -28.94 2.03 59.48
C PRO F 146 -30.06 3.01 59.12
N ARG F 147 -30.41 3.07 57.84
CA ARG F 147 -31.41 4.03 57.38
C ARG F 147 -32.79 3.73 57.94
N GLU F 148 -33.08 2.47 58.22
CA GLU F 148 -34.40 2.07 58.71
C GLU F 148 -34.71 2.76 60.03
N ALA F 149 -35.81 3.49 60.06
CA ALA F 149 -36.25 4.17 61.28
C ALA F 149 -37.76 4.25 61.26
N LYS F 150 -38.35 4.22 62.45
CA LYS F 150 -39.79 4.29 62.62
C LYS F 150 -40.13 5.54 63.41
N VAL F 151 -40.94 6.41 62.81
CA VAL F 151 -41.29 7.71 63.39
C VAL F 151 -42.80 7.77 63.51
N GLN F 152 -43.30 7.87 64.74
CA GLN F 152 -44.73 7.97 65.00
C GLN F 152 -45.03 9.32 65.65
N TRP F 153 -46.05 10.00 65.15
CA TRP F 153 -46.49 11.28 65.70
C TRP F 153 -47.65 11.04 66.65
N LYS F 154 -47.59 11.67 67.82
CA LYS F 154 -48.70 11.66 68.77
C LYS F 154 -49.09 13.10 69.07
N VAL F 155 -50.40 13.35 69.10
CA VAL F 155 -50.95 14.66 69.40
C VAL F 155 -51.97 14.46 70.52
N ASP F 156 -51.64 14.94 71.72
CA ASP F 156 -52.41 14.62 72.93
C ASP F 156 -52.58 13.12 73.08
N ASN F 157 -51.51 12.38 72.81
CA ASN F 157 -51.43 10.93 72.93
C ASN F 157 -52.31 10.19 71.92
N ALA F 158 -52.74 10.86 70.85
CA ALA F 158 -53.48 10.23 69.78
C ALA F 158 -52.54 10.03 68.60
N LEU F 159 -52.36 8.77 68.19
CA LEU F 159 -51.44 8.46 67.11
C LEU F 159 -51.94 9.05 65.79
N GLN F 160 -51.06 9.76 65.10
CA GLN F 160 -51.39 10.37 63.82
C GLN F 160 -51.13 9.40 62.68
N SER F 161 -51.91 9.55 61.61
CA SER F 161 -51.75 8.71 60.43
C SER F 161 -52.15 9.51 59.21
N GLY F 162 -51.30 9.50 58.18
CA GLY F 162 -51.62 10.10 56.91
C GLY F 162 -51.40 11.59 56.81
N ASN F 163 -50.92 12.25 57.86
CA ASN F 163 -50.72 13.71 57.82
C ASN F 163 -49.25 14.09 57.99
N SER F 164 -48.32 13.17 57.74
CA SER F 164 -46.90 13.45 57.88
C SER F 164 -46.14 12.90 56.68
N GLN F 165 -45.09 13.61 56.29
CA GLN F 165 -44.18 13.21 55.22
C GLN F 165 -42.77 13.10 55.74
N GLU F 166 -42.05 12.09 55.30
CA GLU F 166 -40.65 11.89 55.65
C GLU F 166 -39.75 12.25 54.48
N SER F 167 -38.53 12.64 54.80
CA SER F 167 -37.48 12.85 53.81
C SER F 167 -36.16 12.49 54.48
N VAL F 168 -35.29 11.81 53.73
CA VAL F 168 -34.04 11.31 54.29
C VAL F 168 -32.90 11.74 53.38
N THR F 169 -31.80 12.21 53.99
CA THR F 169 -30.63 12.61 53.24
C THR F 169 -29.98 11.39 52.61
N GLU F 170 -29.08 11.64 51.66
CA GLU F 170 -28.22 10.58 51.17
C GLU F 170 -27.07 10.37 52.15
N GLN F 171 -26.48 9.18 52.08
CA GLN F 171 -25.49 8.79 53.06
C GLN F 171 -24.33 9.77 53.11
N ASP F 172 -23.96 10.19 54.31
CA ASP F 172 -22.87 11.13 54.47
C ASP F 172 -21.53 10.47 54.14
N SER F 173 -20.67 11.21 53.44
CA SER F 173 -19.42 10.63 52.97
C SER F 173 -18.40 10.46 54.10
N LYS F 174 -18.51 11.24 55.16
CA LYS F 174 -17.49 11.21 56.20
C LYS F 174 -17.84 10.25 57.34
N ASP F 175 -19.07 10.25 57.82
CA ASP F 175 -19.47 9.36 58.91
C ASP F 175 -20.42 8.25 58.48
N SER F 176 -20.81 8.21 57.21
CA SER F 176 -21.67 7.15 56.66
C SER F 176 -23.04 7.07 57.32
N THR F 177 -23.51 8.18 57.89
CA THR F 177 -24.82 8.21 58.53
C THR F 177 -25.85 8.87 57.61
N TYR F 178 -27.11 8.70 57.99
CA TYR F 178 -28.25 9.37 57.38
C TYR F 178 -28.87 10.35 58.36
N SER F 179 -29.66 11.27 57.82
CA SER F 179 -30.52 12.13 58.62
C SER F 179 -31.91 12.11 58.02
N LEU F 180 -32.92 12.29 58.87
CA LEU F 180 -34.30 12.14 58.44
C LEU F 180 -35.15 13.23 59.06
N SER F 181 -36.05 13.80 58.25
CA SER F 181 -37.06 14.73 58.72
C SER F 181 -38.43 14.08 58.58
N SER F 182 -39.27 14.27 59.58
CA SER F 182 -40.67 13.89 59.52
C SER F 182 -41.48 15.14 59.84
N THR F 183 -42.32 15.55 58.90
CA THR F 183 -43.05 16.82 59.00
C THR F 183 -44.55 16.54 59.12
N LEU F 184 -45.12 16.95 60.25
CA LEU F 184 -46.56 16.80 60.49
C LEU F 184 -47.27 18.07 60.04
N THR F 185 -48.20 17.94 59.09
CA THR F 185 -48.95 19.07 58.57
C THR F 185 -50.33 19.10 59.19
N LEU F 186 -50.70 20.26 59.76
CA LEU F 186 -52.01 20.44 60.37
C LEU F 186 -52.54 21.80 59.98
N SER F 187 -53.87 21.91 59.96
CA SER F 187 -54.49 23.23 59.88
C SER F 187 -54.18 24.02 61.15
N LYS F 188 -54.08 25.33 60.99
CA LYS F 188 -53.84 26.19 62.15
C LYS F 188 -54.87 25.94 63.24
N ALA F 189 -56.12 25.71 62.86
CA ALA F 189 -57.18 25.48 63.85
C ALA F 189 -56.97 24.16 64.58
N ASP F 190 -56.66 23.09 63.85
CA ASP F 190 -56.39 21.81 64.49
C ASP F 190 -55.16 21.90 65.39
N TYR F 191 -54.16 22.67 64.98
CA TYR F 191 -52.95 22.81 65.79
C TYR F 191 -53.26 23.47 67.12
N GLU F 192 -53.99 24.59 67.09
CA GLU F 192 -54.26 25.33 68.31
C GLU F 192 -55.23 24.63 69.24
N LYS F 193 -55.97 23.64 68.74
CA LYS F 193 -56.90 22.90 69.59
C LYS F 193 -56.17 22.01 70.59
N HIS F 194 -54.99 21.52 70.25
CA HIS F 194 -54.29 20.51 71.03
C HIS F 194 -53.06 21.09 71.72
N LYS F 195 -52.50 20.30 72.63
CA LYS F 195 -51.42 20.76 73.51
C LYS F 195 -50.13 19.98 73.34
N VAL F 196 -50.19 18.65 73.43
CA VAL F 196 -48.98 17.82 73.47
C VAL F 196 -48.66 17.35 72.06
N TYR F 197 -47.47 17.69 71.57
CA TYR F 197 -47.00 17.27 70.25
C TYR F 197 -45.73 16.46 70.45
N ALA F 198 -45.81 15.17 70.17
CA ALA F 198 -44.76 14.22 70.49
C ALA F 198 -44.30 13.48 69.23
N CYS F 199 -42.98 13.26 69.17
CA CYS F 199 -42.35 12.51 68.08
C CYS F 199 -41.62 11.33 68.69
N GLU F 200 -42.12 10.12 68.45
CA GLU F 200 -41.52 8.91 69.00
C GLU F 200 -40.70 8.21 67.92
N VAL F 201 -39.42 7.99 68.22
CA VAL F 201 -38.46 7.45 67.26
C VAL F 201 -38.05 6.05 67.71
N THR F 202 -38.21 5.07 66.82
CA THR F 202 -37.74 3.71 67.05
C THR F 202 -36.63 3.40 66.07
N HIS F 203 -35.50 2.91 66.59
CA HIS F 203 -34.32 2.67 65.78
C HIS F 203 -33.48 1.59 66.44
N GLU F 204 -32.84 0.76 65.61
CA GLU F 204 -32.09 -0.38 66.14
C GLU F 204 -30.88 0.05 66.97
N GLY F 205 -30.36 1.25 66.74
CA GLY F 205 -29.31 1.79 67.59
C GLY F 205 -29.78 2.32 68.92
N LEU F 206 -31.09 2.32 69.16
CA LEU F 206 -31.67 2.75 70.43
C LEU F 206 -32.12 1.54 71.22
N SER F 207 -31.67 1.43 72.47
CA SER F 207 -32.12 0.33 73.32
C SER F 207 -33.61 0.40 73.56
N SER F 208 -34.18 1.60 73.53
CA SER F 208 -35.61 1.82 73.70
C SER F 208 -35.99 3.07 72.93
N PRO F 209 -37.25 3.20 72.49
CA PRO F 209 -37.64 4.34 71.66
C PRO F 209 -37.43 5.67 72.38
N VAL F 210 -37.09 6.69 71.60
CA VAL F 210 -36.86 8.04 72.10
C VAL F 210 -38.04 8.92 71.69
N THR F 211 -38.59 9.66 72.65
CA THR F 211 -39.67 10.60 72.39
C THR F 211 -39.19 12.00 72.71
N LYS F 212 -39.36 12.91 71.75
CA LYS F 212 -39.21 14.34 71.97
C LYS F 212 -40.57 14.99 71.78
N SER F 213 -40.94 15.87 72.72
CA SER F 213 -42.25 16.50 72.69
C SER F 213 -42.12 17.96 73.08
N PHE F 214 -43.22 18.69 72.89
CA PHE F 214 -43.35 20.05 73.39
C PHE F 214 -44.81 20.33 73.68
N ASN F 215 -45.04 21.30 74.56
CA ASN F 215 -46.37 21.80 74.83
C ASN F 215 -46.57 23.10 74.04
N ARG F 216 -47.66 23.15 73.27
CA ARG F 216 -47.94 24.31 72.43
C ARG F 216 -48.01 25.57 73.28
N GLY F 217 -47.17 26.55 72.94
CA GLY F 217 -47.14 27.81 73.66
C GLY F 217 -45.82 28.11 74.33
#